data_5KOJ
#
_entry.id   5KOJ
#
_cell.length_a   201.569
_cell.length_b   201.569
_cell.length_c   132.208
_cell.angle_alpha   90.00
_cell.angle_beta   90.00
_cell.angle_gamma   90.00
#
_symmetry.space_group_name_H-M   'P 41 21 2'
#
loop_
_entity.id
_entity.type
_entity.pdbx_description
1 polymer 'Nitrogenase protein alpha chain'
2 polymer 'Nitrogenase FeMo beta subunit protein NifK'
3 non-polymer '3-HYDROXY-3-CARBOXY-ADIPIC ACID'
4 non-polymer 'iron-sulfur-molybdenum cluster with interstitial carbon'
5 non-polymer 'FE(8)-S(7) CLUSTER'
6 non-polymer 'FE (III) ION'
7 water water
#
loop_
_entity_poly.entity_id
_entity_poly.type
_entity_poly.pdbx_seq_one_letter_code
_entity_poly.pdbx_strand_id
1 'polypeptide(L)'
;MSLDEDKTNDSAFHARLIAEVLEAYPDKARKRRQKHLNVAGQAEAEAQDAGEEGVMLSECDVKSNVKSVPGVMTIRGCAY
AGSKGVVWGPVKDMVHISHGPVGCGQYSWSQRRNYYIGNTGVDSFVTMQFTSDFQEKDIVFGGDKKLEKIIDEIDELFPL
AKGISVQSECPIGLIGDDIEAVSRKKKKEIGKTIVPVRCEGFRGVSQSLGHHIANDAIRDWVFDGEDKHAAFETTPYDVN
VIGDYNIGGDAWSSRILLEEMGLRVVGNWSGDATLAEIERAPKAKLNLIHCYRSMNYICRHMEEKYNIPWTEYNFFGPSQ
IAASLRKIAALFDEKIQEGAERVIAKYQPLVDAVIEKFRPRLAGKKVMLYVGGLRPRHVVNAYNDLGMEIVGTGYEFGHN
DDYQRTGHYVREGTLIYDDVTGYELEKFIEGIRPDLVGSGIKEKYPVQKMGIPFRQMHSWDYSGPYHGYDGFAIFARDMD
LAINNPVWSMFKAPWKNAA
;
A,C
2 'polypeptide(L)'
;MPQNVDKILDHAPLFREPEYQEMLAGKAKLENMPPADKVVEIADWTKSWEYREKNFARESLSVNPAKACQPLGAVFVASG
FERTMSFVHGSQGCVAYYRSHLSRHFKEPSSAVSSSMTEDAAVFGGLNNMVDGLANTYKLYDPKMIAVSTTCMAEVIGDD
LHAFIQTAKGKGSVPEEFDVPFAHTPAFVGSHVTGYDNMLKGILEHFWKGRTPVPNRSVNIIPGFDGFAVGNNRELKRIL
GMMGVQYTILSDVSDQFDTPSDGEYRMYDGGTKIEAARDAVNADYTISLQEYCTPKTLEYCQSFGQKTASFHYPLGIGAT
DDLLQKLSEISGKPVPQELEMERGRLVDALADSQAYLHGKTYAIYGDPDFVYGMARFILETGGEPKHCLATNGSKAWEAQ
MQELFDSSPFGVGCKAWGGKDLWHMRSLLATEKVDLLIGNSYGKYLERDTDTPLIRLMFPIFDRHHHHRFPVWGYQGALR
VLVTLLDKIFDKLDDDTIQAGVTDYSFDLTR
;
B,D
#
# COMPACT_ATOMS: atom_id res chain seq x y z
N ASP A 6 20.66 35.35 -24.45
CA ASP A 6 22.03 35.58 -23.85
C ASP A 6 23.14 34.74 -24.57
N LYS A 7 24.06 35.42 -25.27
CA LYS A 7 25.24 34.80 -25.91
C LYS A 7 26.43 34.79 -24.88
N THR A 8 27.25 33.71 -24.89
CA THR A 8 28.52 33.60 -24.12
C THR A 8 29.66 32.86 -24.84
N ASN A 9 30.86 33.15 -24.33
CA ASN A 9 32.10 32.40 -24.58
C ASN A 9 32.33 31.49 -23.37
N ASP A 10 32.32 30.18 -23.59
CA ASP A 10 32.32 29.20 -22.50
C ASP A 10 33.63 29.21 -21.67
N SER A 11 34.78 29.11 -22.29
CA SER A 11 36.02 29.13 -21.52
C SER A 11 36.09 30.38 -20.56
N ALA A 12 35.73 31.54 -21.08
CA ALA A 12 35.84 32.76 -20.27
C ALA A 12 34.72 32.82 -19.20
N PHE A 13 33.54 32.31 -19.54
CA PHE A 13 32.41 32.26 -18.60
C PHE A 13 32.75 31.34 -17.45
N HIS A 14 33.44 30.23 -17.75
CA HIS A 14 33.81 29.30 -16.71
C HIS A 14 34.88 29.91 -15.82
N ALA A 15 35.84 30.63 -16.42
CA ALA A 15 36.86 31.35 -15.64
C ALA A 15 36.25 32.41 -14.73
N ARG A 16 35.20 33.08 -15.24
CA ARG A 16 34.47 34.03 -14.42
C ARG A 16 33.80 33.34 -13.19
N LEU A 17 33.13 32.23 -13.44
CA LEU A 17 32.51 31.45 -12.36
C LEU A 17 33.53 31.00 -11.29
N ILE A 18 34.76 30.71 -11.72
CA ILE A 18 35.83 30.36 -10.81
C ILE A 18 36.17 31.55 -9.96
N ALA A 19 36.26 32.71 -10.60
CA ALA A 19 36.54 33.92 -9.87
C ALA A 19 35.42 34.27 -8.92
N GLU A 20 34.17 34.09 -9.33
CA GLU A 20 33.04 34.43 -8.47
C GLU A 20 33.15 33.60 -7.21
N VAL A 21 33.25 32.28 -7.33
CA VAL A 21 33.28 31.41 -6.14
C VAL A 21 34.51 31.63 -5.24
N LEU A 22 35.68 31.91 -5.84
CA LEU A 22 36.86 32.20 -5.01
C LEU A 22 36.68 33.42 -4.09
N GLU A 23 35.91 34.41 -4.55
CA GLU A 23 35.62 35.60 -3.73
C GLU A 23 34.83 35.37 -2.43
N ALA A 24 34.11 34.25 -2.38
CA ALA A 24 33.33 33.90 -1.20
C ALA A 24 34.17 33.34 -0.07
N TYR A 25 35.41 32.92 -0.33
CA TYR A 25 36.24 32.27 0.71
C TYR A 25 37.03 33.28 1.52
N PRO A 26 37.29 32.97 2.80
CA PRO A 26 38.34 33.72 3.48
C PRO A 26 39.63 33.48 2.74
N ASP A 27 40.60 34.38 2.90
CA ASP A 27 41.87 34.34 2.17
C ASP A 27 42.64 33.02 2.29
N LYS A 28 42.64 32.41 3.47
CA LYS A 28 43.38 31.18 3.66
C LYS A 28 42.75 30.06 2.83
N ALA A 29 41.43 29.90 2.93
CA ALA A 29 40.78 28.88 2.13
C ALA A 29 40.86 29.16 0.62
N ARG A 30 40.76 30.42 0.22
CA ARG A 30 40.88 30.83 -1.18
C ARG A 30 42.21 30.39 -1.80
N LYS A 31 43.33 30.59 -1.10
CA LYS A 31 44.67 30.23 -1.61
C LYS A 31 44.77 28.73 -1.83
N ARG A 32 44.22 27.94 -0.90
CA ARG A 32 44.18 26.50 -1.05
C ARG A 32 43.22 26.09 -2.21
N ARG A 33 42.05 26.69 -2.33
CA ARG A 33 41.10 26.30 -3.39
C ARG A 33 41.41 26.77 -4.82
N GLN A 34 42.16 27.86 -5.00
CA GLN A 34 42.37 28.44 -6.36
C GLN A 34 43.09 27.49 -7.30
N LYS A 35 43.89 26.58 -6.75
CA LYS A 35 44.63 25.61 -7.56
C LYS A 35 43.81 24.35 -7.86
N HIS A 36 42.58 24.27 -7.35
CA HIS A 36 41.75 23.11 -7.65
C HIS A 36 40.70 23.40 -8.71
N LEU A 37 40.67 24.64 -9.20
CA LEU A 37 39.67 25.05 -10.15
C LEU A 37 40.37 25.62 -11.36
N ASN A 38 39.94 25.22 -12.53
CA ASN A 38 40.52 25.71 -13.75
C ASN A 38 39.62 25.35 -14.94
N VAL A 39 39.98 25.93 -16.09
CA VAL A 39 39.35 25.67 -17.33
C VAL A 39 40.37 24.87 -18.06
N ALA A 40 39.93 23.86 -18.79
CA ALA A 40 40.85 23.01 -19.54
C ALA A 40 41.52 23.86 -20.62
N GLY A 41 42.85 23.77 -20.71
CA GLY A 41 43.65 24.53 -21.69
C GLY A 41 43.73 23.80 -23.02
N GLN A 42 44.51 24.36 -23.94
CA GLN A 42 44.89 23.70 -25.19
C GLN A 42 45.88 22.60 -24.81
N ALA A 43 45.92 21.52 -25.59
CA ALA A 43 46.82 20.39 -25.34
C ALA A 43 48.31 20.65 -25.60
N GLU A 44 49.17 20.30 -24.62
CA GLU A 44 50.63 20.47 -24.72
C GLU A 44 51.30 19.34 -25.55
N GLY A 54 45.68 7.28 -26.72
CA GLY A 54 45.29 8.00 -27.93
C GLY A 54 45.67 9.49 -27.90
N VAL A 55 44.83 10.32 -28.53
CA VAL A 55 45.01 11.78 -28.79
C VAL A 55 44.59 12.66 -27.57
N MET A 56 45.33 13.73 -27.27
CA MET A 56 44.89 14.71 -26.22
C MET A 56 44.04 15.89 -26.75
N LEU A 57 42.76 15.91 -26.39
CA LEU A 57 41.86 17.04 -26.64
C LEU A 57 42.10 18.33 -25.84
N SER A 58 42.66 18.25 -24.66
CA SER A 58 42.81 19.44 -23.78
C SER A 58 43.81 19.06 -22.72
N GLU A 59 44.10 20.00 -21.80
CA GLU A 59 44.91 19.76 -20.61
C GLU A 59 44.15 20.24 -19.37
N CYS A 60 43.93 19.34 -18.43
CA CYS A 60 43.15 19.64 -17.25
C CYS A 60 44.15 19.80 -16.13
N ASP A 61 44.68 21.01 -16.02
CA ASP A 61 45.70 21.41 -15.04
C ASP A 61 45.08 21.91 -13.73
N VAL A 62 45.08 21.05 -12.74
CA VAL A 62 44.47 21.32 -11.48
C VAL A 62 45.26 20.52 -10.47
N LYS A 63 45.46 21.07 -9.29
CA LYS A 63 46.10 20.35 -8.18
C LYS A 63 45.14 19.28 -7.66
N SER A 64 45.67 18.24 -7.06
CA SER A 64 44.81 17.15 -6.63
C SER A 64 45.41 16.28 -5.54
N ASN A 65 44.50 15.53 -4.93
CA ASN A 65 44.84 14.55 -3.95
C ASN A 65 45.60 15.13 -2.78
N VAL A 66 45.04 16.18 -2.21
CA VAL A 66 45.56 16.77 -0.96
C VAL A 66 44.43 16.95 0.08
N LYS A 67 44.76 17.43 1.28
CA LYS A 67 43.75 17.66 2.34
C LYS A 67 42.53 18.41 1.76
N SER A 68 41.33 18.03 2.16
CA SER A 68 40.18 18.91 1.98
C SER A 68 40.29 20.06 2.96
N VAL A 69 39.76 21.21 2.59
CA VAL A 69 39.74 22.36 3.45
C VAL A 69 38.61 22.21 4.49
N PRO A 70 38.90 22.51 5.78
CA PRO A 70 37.88 22.34 6.79
C PRO A 70 36.65 23.21 6.59
N GLY A 71 35.49 22.63 6.83
CA GLY A 71 34.23 23.38 6.93
C GLY A 71 33.63 23.83 5.64
N VAL A 72 34.11 23.28 4.51
CA VAL A 72 33.70 23.77 3.17
C VAL A 72 32.63 22.92 2.47
N MET A 73 32.23 21.83 3.10
CA MET A 73 31.22 20.92 2.55
C MET A 73 31.73 20.10 1.36
N THR A 74 32.90 19.49 1.58
CA THR A 74 33.44 18.53 0.66
C THR A 74 32.48 17.38 0.50
N ILE A 75 32.60 16.70 -0.63
CA ILE A 75 31.76 15.60 -0.99
C ILE A 75 32.49 14.28 -0.67
N ARG A 76 33.79 14.36 -0.39
CA ARG A 76 34.62 13.17 -0.16
C ARG A 76 34.19 12.35 1.00
N GLY A 77 34.55 11.06 0.89
CA GLY A 77 34.39 10.06 1.95
C GLY A 77 35.76 9.80 2.57
N CYS A 78 35.89 8.69 3.28
CA CYS A 78 37.14 8.36 3.94
C CYS A 78 37.72 7.07 3.38
N ALA A 79 38.91 6.72 3.87
CA ALA A 79 39.60 5.47 3.52
C ALA A 79 38.79 4.19 3.77
N TYR A 80 37.89 4.21 4.76
CA TYR A 80 37.03 3.08 5.06
C TYR A 80 36.06 2.87 3.94
N ALA A 81 35.56 3.97 3.37
CA ALA A 81 34.70 3.86 2.17
C ALA A 81 35.46 3.18 1.05
N GLY A 82 36.63 3.74 0.74
CA GLY A 82 37.54 3.20 -0.25
C GLY A 82 37.89 1.74 -0.04
N SER A 83 38.13 1.33 1.20
CA SER A 83 38.49 -0.08 1.49
C SER A 83 37.28 -1.01 1.65
N LYS A 84 36.43 -0.76 2.64
CA LYS A 84 35.27 -1.64 2.92
C LYS A 84 34.18 -1.45 1.83
N GLY A 85 33.71 -0.22 1.66
CA GLY A 85 32.66 0.10 0.71
C GLY A 85 33.01 -0.23 -0.72
N VAL A 86 34.27 0.00 -1.11
CA VAL A 86 34.63 -0.08 -2.51
C VAL A 86 35.30 -1.41 -2.89
N VAL A 87 36.42 -1.70 -2.29
CA VAL A 87 37.23 -2.83 -2.74
C VAL A 87 36.80 -4.16 -2.14
N TRP A 88 36.62 -4.18 -0.83
CA TRP A 88 36.50 -5.43 -0.05
C TRP A 88 35.08 -5.89 0.09
N GLY A 89 34.18 -4.97 0.44
CA GLY A 89 32.75 -5.28 0.75
C GLY A 89 32.00 -6.03 -0.34
N PRO A 90 32.37 -5.79 -1.61
CA PRO A 90 31.76 -6.59 -2.68
C PRO A 90 32.20 -8.04 -2.77
N VAL A 91 33.32 -8.41 -2.15
CA VAL A 91 33.74 -9.82 -2.19
C VAL A 91 32.70 -10.68 -1.45
N LYS A 92 32.05 -11.55 -2.22
CA LYS A 92 30.79 -12.08 -1.77
C LYS A 92 30.94 -13.18 -0.73
N ASP A 93 31.97 -13.99 -0.79
CA ASP A 93 31.97 -15.14 0.13
C ASP A 93 32.86 -14.91 1.33
N MET A 94 33.12 -13.64 1.62
CA MET A 94 33.73 -13.23 2.87
C MET A 94 32.79 -12.39 3.74
N VAL A 95 32.97 -12.52 5.04
CA VAL A 95 32.35 -11.67 6.02
C VAL A 95 33.28 -10.49 6.24
N HIS A 96 32.76 -9.28 6.05
CA HIS A 96 33.53 -8.10 6.28
C HIS A 96 33.08 -7.45 7.57
N ILE A 97 33.99 -7.44 8.55
CA ILE A 97 33.74 -6.86 9.87
C ILE A 97 34.05 -5.36 9.81
N SER A 98 33.03 -4.55 10.06
CA SER A 98 33.24 -3.14 10.21
C SER A 98 33.64 -2.89 11.66
N HIS A 99 34.96 -2.68 11.86
CA HIS A 99 35.61 -2.84 13.19
C HIS A 99 35.79 -1.51 13.87
N GLY A 100 35.02 -1.29 14.92
CA GLY A 100 34.88 0.01 15.53
C GLY A 100 33.43 0.19 15.91
N PRO A 101 32.98 1.45 16.13
CA PRO A 101 31.57 1.59 16.48
C PRO A 101 30.60 1.37 15.32
N VAL A 102 29.32 1.37 15.64
CA VAL A 102 28.24 0.90 14.73
C VAL A 102 28.02 1.70 13.47
N GLY A 103 28.38 2.98 13.51
CA GLY A 103 28.13 3.96 12.45
C GLY A 103 28.49 3.57 11.05
N CYS A 104 29.78 3.39 10.82
CA CYS A 104 30.28 3.30 9.44
C CYS A 104 29.59 2.11 8.74
N GLY A 105 29.49 0.99 9.43
CA GLY A 105 28.93 -0.18 8.79
C GLY A 105 27.43 -0.10 8.55
N GLN A 106 26.75 0.83 9.23
CA GLN A 106 25.32 1.03 9.04
C GLN A 106 25.14 1.89 7.79
N TYR A 107 25.90 2.98 7.73
CA TYR A 107 25.73 3.91 6.62
C TYR A 107 26.11 3.24 5.31
N SER A 108 27.15 2.42 5.34
CA SER A 108 27.61 1.71 4.12
C SER A 108 26.90 0.36 3.85
N TRP A 109 25.92 0.00 4.67
CA TRP A 109 25.23 -1.24 4.48
C TRP A 109 24.31 -1.16 3.26
N SER A 110 24.67 -1.96 2.25
CA SER A 110 23.84 -2.17 1.04
C SER A 110 23.58 -0.92 0.23
N GLN A 111 24.48 0.02 0.27
CA GLN A 111 24.24 1.31 -0.41
C GLN A 111 24.96 1.41 -1.73
N ARG A 112 26.05 0.69 -1.86
CA ARG A 112 26.69 0.50 -3.12
C ARG A 112 26.11 -0.73 -3.83
N ARG A 113 25.67 -0.54 -5.06
CA ARG A 113 24.98 -1.59 -5.77
C ARG A 113 25.97 -2.48 -6.53
N ASN A 114 26.90 -3.05 -5.77
CA ASN A 114 27.92 -3.98 -6.29
C ASN A 114 27.30 -5.37 -6.29
N TYR A 115 26.67 -5.68 -7.41
CA TYR A 115 25.73 -6.78 -7.47
C TYR A 115 26.44 -8.11 -7.43
N TYR A 116 25.71 -9.11 -7.00
CA TYR A 116 26.27 -10.46 -6.90
C TYR A 116 25.15 -11.53 -6.88
N ILE A 117 25.52 -12.75 -7.25
CA ILE A 117 24.64 -13.89 -7.13
C ILE A 117 25.01 -14.57 -5.82
N GLY A 118 24.05 -14.69 -4.91
CA GLY A 118 24.24 -15.52 -3.73
C GLY A 118 23.02 -15.66 -2.84
N ASN A 119 23.11 -16.61 -1.90
CA ASN A 119 22.15 -16.69 -0.80
C ASN A 119 22.74 -15.87 0.32
N THR A 120 22.18 -14.71 0.60
CA THR A 120 22.82 -13.80 1.52
C THR A 120 22.50 -14.29 2.94
N GLY A 121 23.53 -14.29 3.80
CA GLY A 121 23.46 -14.83 5.17
C GLY A 121 23.98 -16.26 5.28
N VAL A 122 24.10 -16.94 4.14
CA VAL A 122 24.30 -18.36 4.06
C VAL A 122 25.63 -18.63 3.39
N ASP A 123 25.74 -18.35 2.08
CA ASP A 123 26.99 -18.48 1.33
C ASP A 123 27.63 -17.17 0.85
N SER A 124 26.93 -16.05 1.02
CA SER A 124 27.47 -14.69 0.80
C SER A 124 26.92 -13.65 1.79
N PHE A 125 27.71 -12.59 1.99
CA PHE A 125 27.57 -11.72 3.16
C PHE A 125 27.67 -10.21 2.80
N VAL A 126 27.31 -9.85 1.57
CA VAL A 126 27.58 -8.50 1.06
C VAL A 126 26.63 -7.46 1.65
N THR A 127 25.34 -7.75 1.54
CA THR A 127 24.29 -6.83 1.91
C THR A 127 23.95 -6.97 3.39
N MET A 128 24.98 -6.92 4.22
CA MET A 128 24.86 -7.16 5.63
C MET A 128 25.80 -6.20 6.34
N GLN A 129 25.55 -5.95 7.62
CA GLN A 129 26.52 -5.26 8.45
C GLN A 129 27.00 -6.23 9.52
N PHE A 130 28.31 -6.50 9.52
CA PHE A 130 28.95 -7.21 10.63
C PHE A 130 29.81 -6.15 11.31
N THR A 131 29.62 -5.97 12.61
CA THR A 131 30.37 -5.00 13.36
C THR A 131 30.73 -5.43 14.77
N SER A 132 31.84 -4.90 15.24
CA SER A 132 32.27 -5.10 16.62
C SER A 132 31.59 -4.15 17.58
N ASP A 133 30.86 -3.18 17.07
CA ASP A 133 29.97 -2.34 17.86
C ASP A 133 30.64 -1.77 19.13
N PHE A 134 31.76 -1.12 18.93
CA PHE A 134 32.61 -0.64 20.00
C PHE A 134 31.84 0.15 20.99
N GLN A 135 31.92 -0.25 22.27
CA GLN A 135 31.41 0.54 23.40
C GLN A 135 32.59 1.26 24.04
N GLU A 136 32.34 1.99 25.14
CA GLU A 136 33.42 2.73 25.80
C GLU A 136 34.47 1.79 26.40
N LYS A 137 34.04 0.67 27.00
CA LYS A 137 35.02 -0.34 27.51
C LYS A 137 35.98 -0.77 26.42
N ASP A 138 35.50 -0.93 25.20
CA ASP A 138 36.34 -1.29 24.04
C ASP A 138 37.36 -0.21 23.64
N ILE A 139 36.99 1.06 23.73
CA ILE A 139 37.94 2.16 23.51
C ILE A 139 39.04 2.22 24.60
N VAL A 140 38.67 1.88 25.83
CA VAL A 140 39.55 2.07 26.97
C VAL A 140 40.50 0.87 27.09
N PHE A 141 39.95 -0.35 27.07
CA PHE A 141 40.70 -1.56 27.32
C PHE A 141 41.16 -2.26 26.02
N GLY A 142 40.87 -1.68 24.85
CA GLY A 142 41.25 -2.27 23.58
C GLY A 142 40.18 -3.24 23.09
N GLY A 143 40.17 -3.47 21.79
CA GLY A 143 39.15 -4.27 21.14
C GLY A 143 39.62 -5.60 20.61
N ASP A 144 40.90 -5.93 20.80
CA ASP A 144 41.43 -7.18 20.21
C ASP A 144 40.80 -8.42 20.80
N LYS A 145 40.58 -8.45 22.11
CA LYS A 145 39.92 -9.61 22.74
C LYS A 145 38.50 -9.80 22.20
N LYS A 146 37.83 -8.67 21.96
CA LYS A 146 36.53 -8.65 21.29
C LYS A 146 36.59 -9.19 19.85
N LEU A 147 37.59 -8.79 19.10
CA LEU A 147 37.74 -9.26 17.75
C LEU A 147 37.90 -10.76 17.74
N GLU A 148 38.70 -11.28 18.68
CA GLU A 148 38.97 -12.72 18.71
C GLU A 148 37.67 -13.49 18.92
N LYS A 149 36.86 -12.99 19.84
CA LYS A 149 35.58 -13.59 20.14
C LYS A 149 34.66 -13.51 18.92
N ILE A 150 34.73 -12.37 18.22
CA ILE A 150 33.91 -12.10 17.02
C ILE A 150 34.22 -13.10 15.92
N ILE A 151 35.50 -13.36 15.72
CA ILE A 151 35.92 -14.25 14.65
C ILE A 151 35.42 -15.65 14.96
N ASP A 152 35.47 -16.07 16.23
CA ASP A 152 34.93 -17.39 16.61
C ASP A 152 33.47 -17.47 16.31
N GLU A 153 32.76 -16.41 16.67
CA GLU A 153 31.31 -16.31 16.47
C GLU A 153 30.93 -16.30 15.01
N ILE A 154 31.72 -15.63 14.17
CA ILE A 154 31.52 -15.71 12.70
C ILE A 154 31.71 -17.17 12.18
N ASP A 155 32.84 -17.79 12.54
CA ASP A 155 33.12 -19.22 12.24
C ASP A 155 31.95 -20.16 12.57
N GLU A 156 31.29 -19.94 13.72
CA GLU A 156 30.21 -20.81 14.15
C GLU A 156 28.96 -20.56 13.32
N LEU A 157 28.59 -19.29 13.21
CA LEU A 157 27.27 -18.89 12.68
C LEU A 157 27.21 -18.64 11.17
N PHE A 158 28.39 -18.43 10.55
CA PHE A 158 28.49 -18.30 9.09
C PHE A 158 29.60 -19.21 8.61
N PRO A 159 29.37 -20.53 8.71
CA PRO A 159 30.43 -21.51 8.39
C PRO A 159 30.82 -21.58 6.92
N LEU A 160 29.93 -21.15 6.03
CA LEU A 160 30.27 -21.12 4.61
C LEU A 160 31.15 -19.94 4.19
N ALA A 161 31.38 -18.98 5.09
CA ALA A 161 32.29 -17.88 4.77
C ALA A 161 33.66 -18.46 4.55
N LYS A 162 34.21 -18.29 3.35
CA LYS A 162 35.59 -18.73 3.07
C LYS A 162 36.67 -17.81 3.67
N GLY A 163 36.29 -16.64 4.17
CA GLY A 163 37.23 -15.77 4.85
C GLY A 163 36.60 -14.55 5.49
N ILE A 164 37.39 -13.79 6.22
CA ILE A 164 36.91 -12.64 6.99
C ILE A 164 37.84 -11.47 6.76
N SER A 165 37.31 -10.26 6.59
CA SER A 165 38.18 -9.08 6.58
C SER A 165 37.82 -8.21 7.76
N VAL A 166 38.83 -7.51 8.26
CA VAL A 166 38.66 -6.64 9.42
C VAL A 166 38.90 -5.28 8.84
N GLN A 167 37.82 -4.52 8.66
CA GLN A 167 37.86 -3.16 8.10
C GLN A 167 37.91 -2.22 9.28
N SER A 168 39.06 -1.58 9.47
CA SER A 168 39.27 -0.71 10.62
C SER A 168 38.63 0.66 10.45
N GLU A 169 37.82 1.03 11.43
CA GLU A 169 37.20 2.33 11.48
C GLU A 169 38.08 3.21 12.36
N CYS A 170 37.76 4.51 12.47
CA CYS A 170 38.71 5.49 13.02
C CYS A 170 39.44 5.10 14.34
N PRO A 171 38.70 4.62 15.37
CA PRO A 171 39.34 4.37 16.68
C PRO A 171 40.49 3.36 16.71
N ILE A 172 40.49 2.39 15.79
CA ILE A 172 41.31 1.20 15.95
C ILE A 172 42.80 1.59 16.08
N GLY A 173 43.29 2.33 15.10
CA GLY A 173 44.67 2.78 15.10
C GLY A 173 44.95 3.80 16.17
N LEU A 174 43.97 4.60 16.54
CA LEU A 174 44.14 5.60 17.58
C LEU A 174 44.37 4.99 18.98
N ILE A 175 43.85 3.81 19.24
CA ILE A 175 43.96 3.17 20.55
C ILE A 175 45.04 2.10 20.56
N GLY A 176 45.78 1.93 19.47
CA GLY A 176 46.88 0.96 19.39
C GLY A 176 46.49 -0.50 19.46
N ASP A 177 45.31 -0.85 18.96
CA ASP A 177 44.91 -2.25 18.79
C ASP A 177 45.76 -2.94 17.74
N ASP A 178 46.11 -4.21 17.99
CA ASP A 178 46.92 -5.01 17.09
C ASP A 178 46.09 -6.09 16.33
N ILE A 179 45.40 -5.65 15.28
CA ILE A 179 44.49 -6.54 14.56
C ILE A 179 45.25 -7.55 13.71
N GLU A 180 46.50 -7.24 13.36
CA GLU A 180 47.36 -8.16 12.59
C GLU A 180 47.74 -9.39 13.40
N ALA A 181 48.13 -9.19 14.67
CA ALA A 181 48.31 -10.30 15.67
C ALA A 181 47.11 -11.23 15.77
N VAL A 182 45.94 -10.62 15.85
CA VAL A 182 44.68 -11.34 15.93
C VAL A 182 44.42 -12.14 14.66
N SER A 183 44.73 -11.58 13.52
CA SER A 183 44.43 -12.21 12.24
C SER A 183 45.33 -13.41 12.01
N ARG A 184 46.62 -13.22 12.30
CA ARG A 184 47.62 -14.31 12.32
C ARG A 184 47.19 -15.46 13.25
N LYS A 185 46.86 -15.09 14.47
CA LYS A 185 46.47 -16.05 15.48
C LYS A 185 45.24 -16.86 14.99
N LYS A 186 44.18 -16.15 14.55
CA LYS A 186 42.91 -16.83 14.22
C LYS A 186 42.93 -17.57 12.87
N LYS A 187 43.79 -17.18 11.95
CA LYS A 187 43.89 -17.89 10.66
C LYS A 187 44.35 -19.33 10.92
N LYS A 188 45.38 -19.48 11.78
CA LYS A 188 45.86 -20.78 12.27
C LYS A 188 44.71 -21.54 12.97
N GLU A 189 44.04 -20.86 13.90
CA GLU A 189 42.99 -21.46 14.73
C GLU A 189 41.79 -22.00 13.91
N ILE A 190 41.29 -21.23 12.93
CA ILE A 190 40.12 -21.64 12.14
C ILE A 190 40.36 -22.03 10.67
N GLY A 191 41.60 -21.92 10.18
CA GLY A 191 41.93 -22.33 8.81
C GLY A 191 41.19 -21.58 7.70
N LYS A 192 40.97 -20.29 7.87
CA LYS A 192 40.25 -19.45 6.87
C LYS A 192 40.98 -18.15 6.81
N THR A 193 41.09 -17.56 5.63
CA THR A 193 41.90 -16.36 5.44
C THR A 193 41.28 -15.23 6.26
N ILE A 194 42.14 -14.48 6.95
CA ILE A 194 41.72 -13.29 7.68
C ILE A 194 42.62 -12.15 7.20
N VAL A 195 41.95 -11.08 6.75
CA VAL A 195 42.57 -9.91 6.16
C VAL A 195 42.32 -8.65 7.03
N PRO A 196 43.31 -8.22 7.83
CA PRO A 196 43.20 -6.98 8.55
C PRO A 196 43.58 -5.81 7.65
N VAL A 197 42.71 -4.82 7.59
CA VAL A 197 42.90 -3.66 6.73
C VAL A 197 42.91 -2.39 7.58
N ARG A 198 43.96 -1.59 7.37
CA ARG A 198 44.15 -0.40 8.15
C ARG A 198 43.58 0.75 7.37
N CYS A 199 42.26 0.75 7.21
CA CYS A 199 41.56 1.74 6.41
C CYS A 199 40.84 2.77 7.23
N GLU A 200 41.35 3.03 8.42
CA GLU A 200 40.76 4.00 9.34
C GLU A 200 40.59 5.34 8.65
N GLY A 201 39.49 6.02 8.92
CA GLY A 201 39.15 7.26 8.20
C GLY A 201 40.09 8.45 8.35
N PHE A 202 40.86 8.49 9.45
CA PHE A 202 41.89 9.49 9.66
C PHE A 202 43.10 9.37 8.72
N ARG A 203 43.30 8.20 8.11
CA ARG A 203 44.36 8.02 7.14
C ARG A 203 43.97 8.62 5.81
N GLY A 204 44.92 9.24 5.15
CA GLY A 204 44.72 9.81 3.83
C GLY A 204 43.81 11.03 3.86
N VAL A 205 43.24 11.33 2.70
CA VAL A 205 42.46 12.54 2.55
C VAL A 205 41.09 12.27 1.92
N SER A 206 40.72 11.02 1.77
CA SER A 206 39.67 10.65 0.81
C SER A 206 39.55 9.14 0.76
N GLN A 207 38.68 8.67 -0.10
CA GLN A 207 38.60 7.25 -0.43
C GLN A 207 39.91 6.69 -1.03
N SER A 208 40.70 7.51 -1.73
CA SER A 208 41.82 6.99 -2.50
C SER A 208 42.75 6.10 -1.68
N LEU A 209 43.24 6.58 -0.53
CA LEU A 209 44.18 5.80 0.28
C LEU A 209 43.60 4.45 0.78
N GLY A 210 42.31 4.45 1.05
CA GLY A 210 41.59 3.23 1.25
C GLY A 210 41.77 2.22 0.13
N HIS A 211 41.75 2.68 -1.12
CA HIS A 211 42.06 1.80 -2.24
C HIS A 211 43.48 1.23 -2.09
N HIS A 212 44.51 2.11 -1.99
CA HIS A 212 45.94 1.64 -1.93
C HIS A 212 46.06 0.66 -0.76
N ILE A 213 45.51 1.02 0.39
CA ILE A 213 45.63 0.18 1.57
C ILE A 213 44.99 -1.20 1.36
N ALA A 214 43.81 -1.20 0.78
CA ALA A 214 43.05 -2.42 0.48
C ALA A 214 43.74 -3.29 -0.57
N ASN A 215 44.38 -2.65 -1.54
CA ASN A 215 45.09 -3.38 -2.60
C ASN A 215 46.29 -4.08 -1.98
N ASP A 216 46.98 -3.35 -1.10
CA ASP A 216 48.15 -3.86 -0.41
C ASP A 216 47.74 -4.96 0.57
N ALA A 217 46.54 -4.88 1.13
CA ALA A 217 46.02 -5.97 1.97
C ALA A 217 45.70 -7.21 1.16
N ILE A 218 45.29 -7.04 -0.09
CA ILE A 218 45.13 -8.22 -0.99
C ILE A 218 46.48 -8.90 -1.22
N ARG A 219 47.46 -8.11 -1.63
CA ARG A 219 48.82 -8.59 -1.77
C ARG A 219 49.36 -9.33 -0.54
N ASP A 220 49.28 -8.68 0.62
CA ASP A 220 49.93 -9.17 1.83
C ASP A 220 49.22 -10.33 2.52
N TRP A 221 47.89 -10.48 2.40
CA TRP A 221 47.13 -11.55 3.11
C TRP A 221 46.36 -12.55 2.22
N VAL A 222 46.37 -12.35 0.90
CA VAL A 222 45.77 -13.30 -0.01
C VAL A 222 46.85 -13.85 -0.92
N PHE A 223 47.52 -13.01 -1.72
CA PHE A 223 48.64 -13.46 -2.58
C PHE A 223 49.83 -14.04 -1.80
N ASP A 224 50.09 -13.51 -0.61
CA ASP A 224 51.18 -13.94 0.25
C ASP A 224 50.72 -15.20 1.03
N GLY A 225 50.66 -16.33 0.32
CA GLY A 225 50.31 -17.60 0.93
C GLY A 225 50.53 -18.82 0.05
N GLU A 226 50.42 -20.00 0.68
CA GLU A 226 50.53 -21.25 -0.06
C GLU A 226 49.47 -21.07 -1.20
N ASP A 227 49.89 -21.21 -2.46
CA ASP A 227 48.94 -21.28 -3.59
C ASP A 227 47.81 -22.36 -3.39
N LYS A 228 46.61 -21.85 -3.15
CA LYS A 228 45.42 -22.70 -2.93
C LYS A 228 44.87 -23.51 -4.19
N HIS A 229 45.34 -23.24 -5.44
CA HIS A 229 44.67 -23.73 -6.69
C HIS A 229 45.66 -24.29 -7.73
N ALA A 230 46.65 -25.06 -7.29
CA ALA A 230 47.63 -25.62 -8.22
C ALA A 230 46.94 -26.46 -9.31
N ALA A 231 45.73 -26.97 -8.99
CA ALA A 231 44.88 -27.70 -9.95
C ALA A 231 44.27 -26.91 -11.14
N PHE A 232 44.39 -25.59 -11.18
CA PHE A 232 43.67 -24.77 -12.17
C PHE A 232 44.21 -24.90 -13.59
N GLU A 233 43.36 -25.31 -14.54
CA GLU A 233 43.80 -25.50 -15.94
C GLU A 233 43.84 -24.11 -16.54
N THR A 234 44.94 -23.70 -17.19
CA THR A 234 44.97 -22.40 -17.84
C THR A 234 44.77 -22.46 -19.37
N THR A 235 44.46 -21.30 -19.96
CA THR A 235 44.38 -21.12 -21.43
C THR A 235 45.24 -19.93 -21.82
N PRO A 236 45.61 -19.83 -23.13
CA PRO A 236 46.34 -18.60 -23.55
C PRO A 236 45.45 -17.31 -23.54
N TYR A 237 44.12 -17.50 -23.36
CA TYR A 237 43.14 -16.42 -23.37
C TYR A 237 42.55 -16.03 -21.97
N ASP A 238 43.28 -16.34 -20.90
CA ASP A 238 42.84 -16.06 -19.53
C ASP A 238 43.15 -14.62 -19.16
N VAL A 239 42.13 -13.87 -18.78
CA VAL A 239 42.34 -12.52 -18.21
C VAL A 239 41.64 -12.35 -16.87
N ASN A 240 42.13 -11.40 -16.09
CA ASN A 240 41.35 -10.83 -14.98
C ASN A 240 40.78 -9.46 -15.40
N VAL A 241 39.51 -9.23 -15.06
CA VAL A 241 38.96 -7.91 -15.11
C VAL A 241 39.16 -7.30 -13.74
N ILE A 242 39.89 -6.19 -13.69
CA ILE A 242 40.32 -5.59 -12.45
C ILE A 242 39.61 -4.25 -12.37
N GLY A 243 38.83 -4.03 -11.31
CA GLY A 243 38.19 -2.74 -11.03
C GLY A 243 36.92 -2.45 -11.80
N ASP A 244 36.05 -3.42 -11.83
CA ASP A 244 34.70 -3.20 -12.21
C ASP A 244 33.90 -3.81 -11.06
N TYR A 245 33.17 -2.96 -10.37
CA TYR A 245 32.52 -3.39 -9.15
C TYR A 245 31.05 -3.72 -9.36
N ASN A 246 30.66 -3.88 -10.61
CA ASN A 246 29.42 -4.54 -10.96
C ASN A 246 28.20 -3.74 -10.55
N ILE A 247 28.30 -2.44 -10.79
CA ILE A 247 27.25 -1.55 -10.36
C ILE A 247 26.07 -1.81 -11.25
N GLY A 248 24.98 -2.26 -10.62
CA GLY A 248 23.82 -2.67 -11.36
C GLY A 248 24.10 -3.73 -12.40
N GLY A 249 25.08 -4.60 -12.15
CA GLY A 249 25.41 -5.63 -13.12
C GLY A 249 26.33 -5.22 -14.27
N ASP A 250 26.96 -4.04 -14.17
CA ASP A 250 27.98 -3.57 -15.15
C ASP A 250 29.04 -4.57 -15.57
N ALA A 251 29.53 -5.39 -14.63
CA ALA A 251 30.65 -6.30 -14.90
C ALA A 251 30.12 -7.55 -15.61
N TRP A 252 28.84 -7.84 -15.42
CA TRP A 252 28.24 -8.95 -16.10
C TRP A 252 28.02 -8.60 -17.57
N SER A 253 27.59 -7.37 -17.84
CA SER A 253 27.40 -6.98 -19.21
C SER A 253 28.73 -6.67 -19.92
N SER A 254 29.78 -6.47 -19.14
CA SER A 254 31.15 -6.36 -19.67
C SER A 254 31.68 -7.73 -19.99
N ARG A 255 31.42 -8.68 -19.11
CA ARG A 255 32.00 -10.02 -19.24
C ARG A 255 31.45 -10.77 -20.48
N ILE A 256 30.19 -10.60 -20.80
CA ILE A 256 29.59 -11.32 -21.90
C ILE A 256 30.30 -10.98 -23.20
N LEU A 257 30.75 -9.73 -23.31
CA LEU A 257 31.44 -9.27 -24.51
C LEU A 257 32.85 -9.81 -24.55
N LEU A 258 33.53 -9.80 -23.41
CA LEU A 258 34.88 -10.36 -23.35
C LEU A 258 34.87 -11.89 -23.64
N GLU A 259 33.94 -12.64 -23.06
CA GLU A 259 33.75 -14.06 -23.40
C GLU A 259 33.40 -14.29 -24.89
N GLU A 260 32.52 -13.49 -25.46
CA GLU A 260 32.10 -13.63 -26.87
C GLU A 260 33.25 -13.38 -27.83
N MET A 261 34.16 -12.50 -27.43
CA MET A 261 35.38 -12.20 -28.16
C MET A 261 36.37 -13.38 -28.13
N GLY A 262 36.17 -14.31 -27.18
CA GLY A 262 37.02 -15.49 -27.00
C GLY A 262 37.89 -15.57 -25.75
N LEU A 263 37.79 -14.62 -24.83
CA LEU A 263 38.57 -14.63 -23.58
C LEU A 263 37.89 -15.44 -22.49
N ARG A 264 38.68 -15.85 -21.52
CA ARG A 264 38.18 -16.45 -20.32
C ARG A 264 38.49 -15.58 -19.08
N VAL A 265 37.45 -15.24 -18.35
CA VAL A 265 37.56 -14.31 -17.24
C VAL A 265 37.80 -15.13 -16.00
N VAL A 266 39.05 -15.15 -15.58
CA VAL A 266 39.45 -15.90 -14.38
C VAL A 266 38.79 -15.33 -13.13
N GLY A 267 38.75 -14.01 -13.07
CA GLY A 267 38.18 -13.28 -11.97
C GLY A 267 37.86 -11.86 -12.36
N ASN A 268 36.76 -11.35 -11.82
CA ASN A 268 36.38 -9.96 -11.98
C ASN A 268 36.51 -9.31 -10.59
N TRP A 269 37.39 -8.33 -10.45
CA TRP A 269 37.65 -7.73 -9.15
C TRP A 269 36.89 -6.41 -9.00
N SER A 270 36.07 -6.23 -7.96
CA SER A 270 35.66 -7.26 -7.01
C SER A 270 34.14 -7.48 -7.02
N GLY A 271 33.44 -6.94 -8.02
CA GLY A 271 32.04 -7.18 -8.15
C GLY A 271 31.72 -8.63 -8.52
N ASP A 272 30.80 -9.22 -7.77
CA ASP A 272 30.45 -10.64 -7.86
C ASP A 272 31.61 -11.59 -7.60
N ALA A 273 32.69 -11.10 -6.99
CA ALA A 273 33.91 -11.87 -6.82
C ALA A 273 33.80 -12.80 -5.62
N THR A 274 34.39 -13.99 -5.77
CA THR A 274 34.75 -14.84 -4.64
C THR A 274 36.22 -14.75 -4.35
N LEU A 275 36.59 -15.20 -3.16
CA LEU A 275 37.94 -15.17 -2.72
C LEU A 275 38.76 -16.07 -3.61
N ALA A 276 38.16 -17.18 -4.02
CA ALA A 276 38.83 -18.08 -4.95
C ALA A 276 39.28 -17.35 -6.21
N GLU A 277 38.39 -16.54 -6.80
CA GLU A 277 38.70 -15.82 -8.05
C GLU A 277 39.87 -14.85 -7.89
N ILE A 278 39.92 -14.18 -6.74
CA ILE A 278 40.99 -13.26 -6.39
C ILE A 278 42.29 -14.00 -6.19
N GLU A 279 42.24 -15.04 -5.37
CA GLU A 279 43.39 -15.94 -5.12
C GLU A 279 44.12 -16.41 -6.41
N ARG A 280 43.34 -16.74 -7.45
CA ARG A 280 43.82 -17.18 -8.76
C ARG A 280 44.31 -16.11 -9.72
N ALA A 281 44.21 -14.84 -9.36
CA ALA A 281 44.54 -13.80 -10.32
C ALA A 281 45.97 -13.94 -10.88
N PRO A 282 46.93 -14.38 -10.06
CA PRO A 282 48.29 -14.58 -10.60
C PRO A 282 48.44 -15.59 -11.75
N LYS A 283 47.47 -16.48 -11.93
CA LYS A 283 47.48 -17.49 -12.99
C LYS A 283 47.08 -16.99 -14.36
N ALA A 284 46.53 -15.79 -14.42
CA ALA A 284 46.09 -15.22 -15.68
C ALA A 284 47.24 -14.63 -16.50
N LYS A 285 46.93 -14.40 -17.77
CA LYS A 285 47.90 -13.87 -18.74
C LYS A 285 47.92 -12.36 -18.84
N LEU A 286 46.82 -11.72 -18.45
CA LEU A 286 46.64 -10.29 -18.65
C LEU A 286 45.57 -9.69 -17.73
N ASN A 287 45.84 -8.48 -17.23
CA ASN A 287 44.89 -7.75 -16.40
C ASN A 287 44.27 -6.66 -17.23
N LEU A 288 42.96 -6.80 -17.43
CA LEU A 288 42.13 -5.73 -18.00
C LEU A 288 41.65 -4.80 -16.88
N ILE A 289 42.22 -3.60 -16.82
CA ILE A 289 41.86 -2.68 -15.72
C ILE A 289 40.86 -1.67 -16.26
N HIS A 290 39.69 -1.64 -15.63
CA HIS A 290 38.69 -0.62 -15.90
C HIS A 290 38.87 0.56 -14.96
N CYS A 291 38.63 0.36 -13.67
CA CYS A 291 38.90 1.43 -12.73
C CYS A 291 40.35 1.50 -12.40
N TYR A 292 41.04 2.31 -13.21
CA TYR A 292 42.44 2.57 -13.04
C TYR A 292 42.80 3.01 -11.60
N ARG A 293 42.03 3.94 -11.08
CA ARG A 293 42.34 4.61 -9.80
C ARG A 293 42.33 3.66 -8.62
N SER A 294 41.29 2.84 -8.52
CA SER A 294 41.12 1.98 -7.34
C SER A 294 42.11 0.81 -7.28
N MET A 295 42.58 0.36 -8.44
CA MET A 295 43.27 -0.91 -8.54
C MET A 295 44.48 -0.99 -9.49
N ASN A 296 45.05 0.13 -9.90
CA ASN A 296 46.31 0.09 -10.66
C ASN A 296 47.43 -0.43 -9.73
N TYR A 297 47.28 -0.19 -8.43
CA TYR A 297 48.30 -0.57 -7.42
C TYR A 297 48.56 -2.08 -7.51
N ILE A 298 47.51 -2.89 -7.41
CA ILE A 298 47.65 -4.35 -7.47
C ILE A 298 48.06 -4.82 -8.85
N CYS A 299 47.70 -4.05 -9.88
CA CYS A 299 48.13 -4.37 -11.25
C CYS A 299 49.64 -4.12 -11.43
N ARG A 300 50.16 -3.08 -10.77
CA ARG A 300 51.61 -2.82 -10.79
C ARG A 300 52.35 -3.92 -10.04
N HIS A 301 51.85 -4.31 -8.87
CA HIS A 301 52.42 -5.44 -8.14
C HIS A 301 52.41 -6.68 -9.04
N MET A 302 51.27 -6.98 -9.67
CA MET A 302 51.15 -8.16 -10.50
C MET A 302 52.07 -8.14 -11.73
N GLU A 303 52.44 -6.98 -12.27
CA GLU A 303 53.50 -6.94 -13.32
C GLU A 303 54.91 -7.19 -12.75
N GLU A 304 55.27 -6.63 -11.59
CA GLU A 304 56.60 -6.87 -10.98
C GLU A 304 56.80 -8.35 -10.53
N LYS A 305 55.85 -8.88 -9.77
CA LYS A 305 56.02 -10.16 -9.14
C LYS A 305 55.79 -11.31 -10.10
N TYR A 306 54.65 -11.31 -10.79
CA TYR A 306 54.27 -12.39 -11.70
C TYR A 306 54.49 -12.11 -13.19
N ASN A 307 54.95 -10.91 -13.57
CA ASN A 307 55.09 -10.49 -15.00
C ASN A 307 53.83 -10.55 -15.86
N ILE A 308 52.69 -10.29 -15.24
CA ILE A 308 51.37 -10.18 -15.90
C ILE A 308 51.15 -8.71 -16.29
N PRO A 309 51.08 -8.43 -17.61
CA PRO A 309 50.92 -7.04 -17.97
C PRO A 309 49.49 -6.60 -17.73
N TRP A 310 49.32 -5.29 -17.58
CA TRP A 310 48.00 -4.67 -17.54
C TRP A 310 47.73 -3.73 -18.74
N THR A 311 46.45 -3.57 -19.04
CA THR A 311 45.99 -2.60 -20.02
C THR A 311 44.69 -1.90 -19.55
N GLU A 312 44.58 -0.60 -19.81
CA GLU A 312 43.37 0.16 -19.53
C GLU A 312 42.35 0.02 -20.65
N TYR A 313 41.12 -0.22 -20.26
CA TYR A 313 40.03 -0.24 -21.19
C TYR A 313 38.89 0.63 -20.64
N ASN A 314 37.79 0.69 -21.41
CA ASN A 314 36.62 1.54 -21.09
C ASN A 314 35.40 1.01 -21.87
N PHE A 315 34.33 0.74 -21.16
CA PHE A 315 33.17 0.04 -21.71
C PHE A 315 31.93 0.93 -21.63
N PHE A 316 32.14 2.25 -21.57
CA PHE A 316 31.05 3.21 -21.59
C PHE A 316 30.86 3.70 -23.00
N GLY A 317 29.85 3.16 -23.67
CA GLY A 317 29.44 3.66 -24.96
C GLY A 317 30.14 2.94 -26.08
N PRO A 318 29.53 2.92 -27.27
CA PRO A 318 30.01 2.12 -28.39
C PRO A 318 31.37 2.51 -28.92
N SER A 319 31.73 3.81 -28.97
CA SER A 319 33.10 4.22 -29.42
C SER A 319 34.16 3.56 -28.58
N GLN A 320 34.05 3.75 -27.27
CA GLN A 320 35.02 3.17 -26.34
C GLN A 320 35.01 1.64 -26.32
N ILE A 321 33.83 1.02 -26.42
CA ILE A 321 33.72 -0.44 -26.35
C ILE A 321 34.42 -1.02 -27.56
N ALA A 322 34.15 -0.46 -28.73
CA ALA A 322 34.83 -0.91 -29.92
C ALA A 322 36.37 -0.73 -29.79
N ALA A 323 36.81 0.46 -29.39
CA ALA A 323 38.24 0.76 -29.28
C ALA A 323 38.89 -0.15 -28.23
N SER A 324 38.13 -0.48 -27.20
CA SER A 324 38.61 -1.31 -26.11
C SER A 324 38.71 -2.77 -26.54
N LEU A 325 37.63 -3.32 -27.09
CA LEU A 325 37.68 -4.70 -27.65
C LEU A 325 38.90 -4.88 -28.61
N ARG A 326 39.10 -3.92 -29.52
CA ARG A 326 40.24 -3.97 -30.45
C ARG A 326 41.64 -3.86 -29.83
N LYS A 327 41.76 -2.97 -28.87
CA LYS A 327 43.01 -2.73 -28.20
C LYS A 327 43.45 -3.97 -27.45
N ILE A 328 42.48 -4.57 -26.74
CA ILE A 328 42.68 -5.80 -25.94
C ILE A 328 43.02 -6.97 -26.86
N ALA A 329 42.30 -7.10 -27.96
CA ALA A 329 42.50 -8.22 -28.87
C ALA A 329 43.83 -8.13 -29.58
N ALA A 330 44.26 -6.92 -29.90
CA ALA A 330 45.59 -6.70 -30.45
C ALA A 330 46.73 -7.22 -29.53
N LEU A 331 46.51 -7.32 -28.22
CA LEU A 331 47.49 -7.95 -27.33
C LEU A 331 47.60 -9.50 -27.44
N PHE A 332 46.61 -10.17 -28.05
CA PHE A 332 46.63 -11.63 -28.22
C PHE A 332 47.05 -12.07 -29.65
N ASP A 333 46.10 -12.61 -30.44
CA ASP A 333 46.35 -13.08 -31.80
C ASP A 333 45.13 -12.88 -32.76
N GLU A 334 45.34 -13.16 -34.06
CA GLU A 334 44.32 -13.13 -35.16
C GLU A 334 42.95 -13.61 -34.74
N LYS A 335 42.92 -14.75 -34.04
CA LYS A 335 41.67 -15.36 -33.62
C LYS A 335 40.87 -14.42 -32.70
N ILE A 336 41.52 -13.87 -31.67
CA ILE A 336 40.87 -12.93 -30.75
C ILE A 336 40.54 -11.59 -31.46
N GLN A 337 41.36 -11.13 -32.40
CA GLN A 337 41.03 -9.92 -33.16
C GLN A 337 39.80 -10.10 -34.04
N GLU A 338 39.63 -11.29 -34.60
CA GLU A 338 38.43 -11.61 -35.38
C GLU A 338 37.18 -11.62 -34.47
N GLY A 339 37.31 -12.18 -33.26
CA GLY A 339 36.22 -12.15 -32.26
C GLY A 339 35.78 -10.75 -31.87
N ALA A 340 36.74 -9.83 -31.76
CA ALA A 340 36.46 -8.43 -31.46
C ALA A 340 35.51 -7.88 -32.52
N GLU A 341 35.91 -8.02 -33.78
CA GLU A 341 35.11 -7.57 -34.92
C GLU A 341 33.75 -8.26 -34.94
N ARG A 342 33.70 -9.55 -34.61
CA ARG A 342 32.41 -10.26 -34.52
C ARG A 342 31.50 -9.70 -33.46
N VAL A 343 32.07 -9.32 -32.32
CA VAL A 343 31.28 -8.72 -31.23
C VAL A 343 30.82 -7.31 -31.63
N ILE A 344 31.73 -6.48 -32.12
CA ILE A 344 31.38 -5.16 -32.63
C ILE A 344 30.33 -5.26 -33.73
N ALA A 345 30.44 -6.27 -34.61
CA ALA A 345 29.46 -6.43 -35.71
C ALA A 345 28.14 -6.90 -35.18
N LYS A 346 28.17 -7.84 -34.26
CA LYS A 346 26.94 -8.40 -33.69
C LYS A 346 26.05 -7.33 -33.04
N TYR A 347 26.69 -6.39 -32.33
CA TYR A 347 25.96 -5.41 -31.53
C TYR A 347 25.67 -4.11 -32.30
N GLN A 348 26.14 -3.99 -33.54
CA GLN A 348 25.91 -2.79 -34.33
C GLN A 348 24.40 -2.45 -34.52
N PRO A 349 23.54 -3.44 -34.82
CA PRO A 349 22.13 -3.10 -34.94
C PRO A 349 21.54 -2.50 -33.68
N LEU A 350 21.95 -3.01 -32.53
CA LEU A 350 21.55 -2.44 -31.25
C LEU A 350 22.08 -1.00 -31.09
N VAL A 351 23.37 -0.80 -31.27
CA VAL A 351 23.96 0.54 -31.19
C VAL A 351 23.21 1.50 -32.12
N ASP A 352 22.99 1.08 -33.36
CA ASP A 352 22.28 1.89 -34.38
C ASP A 352 20.85 2.23 -33.90
N ALA A 353 20.14 1.25 -33.35
CA ALA A 353 18.79 1.45 -32.84
C ALA A 353 18.70 2.46 -31.66
N VAL A 354 19.65 2.37 -30.74
CA VAL A 354 19.72 3.27 -29.59
C VAL A 354 20.00 4.68 -30.08
N ILE A 355 20.99 4.82 -30.96
CA ILE A 355 21.37 6.11 -31.50
C ILE A 355 20.20 6.75 -32.26
N GLU A 356 19.48 5.97 -33.07
CA GLU A 356 18.38 6.51 -33.84
C GLU A 356 17.23 6.89 -32.92
N LYS A 357 16.99 6.12 -31.87
CA LYS A 357 15.90 6.46 -30.97
C LYS A 357 16.20 7.65 -30.08
N PHE A 358 17.41 7.69 -29.51
CA PHE A 358 17.71 8.62 -28.43
C PHE A 358 18.63 9.79 -28.78
N ARG A 359 19.51 9.69 -29.80
CA ARG A 359 20.36 10.82 -30.16
C ARG A 359 19.56 12.08 -30.60
N PRO A 360 18.48 11.92 -31.40
CA PRO A 360 17.67 13.11 -31.71
C PRO A 360 17.11 13.85 -30.49
N ARG A 361 16.85 13.10 -29.42
CA ARG A 361 16.24 13.62 -28.21
C ARG A 361 17.23 14.24 -27.24
N LEU A 362 18.52 13.93 -27.42
CA LEU A 362 19.62 14.35 -26.52
C LEU A 362 20.73 15.21 -27.17
N ALA A 363 20.89 15.14 -28.49
CA ALA A 363 21.94 15.89 -29.16
C ALA A 363 21.87 17.39 -28.85
N GLY A 364 23.05 17.99 -28.64
CA GLY A 364 23.17 19.42 -28.40
C GLY A 364 23.05 19.78 -26.93
N LYS A 365 22.79 18.79 -26.05
CA LYS A 365 22.56 19.07 -24.63
C LYS A 365 23.86 19.00 -23.84
N LYS A 366 23.94 19.83 -22.82
CA LYS A 366 25.17 20.15 -22.08
C LYS A 366 25.07 19.45 -20.74
N VAL A 367 26.15 18.79 -20.34
CA VAL A 367 26.21 17.98 -19.12
C VAL A 367 27.34 18.44 -18.18
N MET A 368 27.07 18.49 -16.88
CA MET A 368 28.11 18.64 -15.89
C MET A 368 28.24 17.35 -15.13
N LEU A 369 29.46 17.00 -14.73
CA LEU A 369 29.70 15.76 -14.05
C LEU A 369 30.48 16.02 -12.82
N TYR A 370 30.30 15.15 -11.83
CA TYR A 370 31.17 15.10 -10.65
C TYR A 370 31.05 13.74 -10.01
N VAL A 371 32.13 12.98 -10.02
CA VAL A 371 32.13 11.64 -9.45
C VAL A 371 33.46 11.44 -8.74
N GLY A 372 33.90 10.21 -8.53
CA GLY A 372 35.02 9.95 -7.62
C GLY A 372 36.43 10.03 -8.18
N GLY A 373 36.78 9.00 -8.94
CA GLY A 373 38.12 8.79 -9.43
C GLY A 373 38.22 8.24 -10.85
N LEU A 374 37.10 7.83 -11.45
CA LEU A 374 37.15 7.24 -12.80
C LEU A 374 36.06 7.79 -13.72
N ARG A 375 34.82 7.65 -13.31
CA ARG A 375 33.70 8.07 -14.13
C ARG A 375 33.69 9.51 -14.61
N PRO A 376 34.29 10.46 -13.89
CA PRO A 376 34.27 11.83 -14.42
C PRO A 376 34.87 12.03 -15.81
N ARG A 377 35.77 11.13 -16.24
CA ARG A 377 36.25 11.07 -17.62
C ARG A 377 35.65 9.94 -18.42
N HIS A 378 35.41 8.81 -17.79
CA HIS A 378 35.17 7.55 -18.48
C HIS A 378 33.82 7.51 -19.16
N VAL A 379 32.84 8.22 -18.63
CA VAL A 379 31.52 8.22 -19.23
C VAL A 379 31.38 9.24 -20.35
N VAL A 380 32.34 10.14 -20.50
CA VAL A 380 32.19 11.25 -21.42
C VAL A 380 31.89 10.78 -22.85
N ASN A 381 32.66 9.80 -23.30
CA ASN A 381 32.55 9.36 -24.67
C ASN A 381 31.18 8.78 -25.01
N ALA A 382 30.53 8.16 -24.03
CA ALA A 382 29.16 7.64 -24.18
C ALA A 382 28.13 8.77 -24.30
N TYR A 383 28.36 9.86 -23.57
CA TYR A 383 27.54 11.07 -23.72
C TYR A 383 27.71 11.65 -25.14
N ASN A 384 28.93 11.67 -25.64
CA ASN A 384 29.22 12.15 -26.99
C ASN A 384 28.60 11.25 -28.05
N ASP A 385 28.56 9.94 -27.82
CA ASP A 385 27.90 9.04 -28.76
C ASP A 385 26.40 9.33 -28.94
N LEU A 386 25.80 10.02 -27.96
CA LEU A 386 24.42 10.53 -28.04
C LEU A 386 24.31 12.04 -28.37
N GLY A 387 25.43 12.67 -28.74
CA GLY A 387 25.47 14.07 -29.15
C GLY A 387 25.53 15.08 -28.02
N MET A 388 25.80 14.61 -26.81
CA MET A 388 25.79 15.46 -25.64
C MET A 388 27.21 15.87 -25.35
N GLU A 389 27.40 17.10 -24.90
CA GLU A 389 28.73 17.64 -24.57
C GLU A 389 28.87 17.78 -23.08
N ILE A 390 30.10 17.58 -22.61
CA ILE A 390 30.45 17.74 -21.22
C ILE A 390 31.09 19.14 -21.06
N VAL A 391 30.41 20.01 -20.32
CA VAL A 391 30.89 21.37 -20.11
C VAL A 391 31.57 21.59 -18.76
N GLY A 392 31.43 20.63 -17.86
CA GLY A 392 32.14 20.63 -16.58
C GLY A 392 32.32 19.22 -16.03
N THR A 393 33.51 18.92 -15.55
CA THR A 393 33.74 17.64 -14.91
C THR A 393 34.76 17.80 -13.80
N GLY A 394 34.88 16.77 -12.99
CA GLY A 394 35.69 16.88 -11.79
C GLY A 394 35.68 15.61 -10.97
N TYR A 395 36.71 15.44 -10.15
CA TYR A 395 36.86 14.24 -9.34
C TYR A 395 36.87 14.58 -7.85
N GLU A 396 36.13 13.82 -7.04
CA GLU A 396 36.34 13.82 -5.59
C GLU A 396 37.81 13.58 -5.19
N PHE A 397 38.46 12.55 -5.72
CA PHE A 397 39.77 12.08 -5.19
C PHE A 397 40.71 11.61 -6.28
N GLY A 398 40.59 12.19 -7.45
CA GLY A 398 41.49 11.87 -8.52
C GLY A 398 42.88 12.35 -8.19
N HIS A 399 43.84 11.71 -8.83
CA HIS A 399 45.25 12.07 -8.71
C HIS A 399 45.65 12.76 -9.97
N ASN A 400 46.83 13.32 -9.92
CA ASN A 400 47.38 13.93 -11.08
C ASN A 400 47.26 13.06 -12.34
N ASP A 401 47.58 11.78 -12.23
CA ASP A 401 47.45 10.88 -13.40
C ASP A 401 46.00 10.65 -13.91
N ASP A 402 44.99 10.91 -13.09
CA ASP A 402 43.61 10.88 -13.57
C ASP A 402 43.30 12.15 -14.36
N TYR A 403 43.83 13.28 -13.91
CA TYR A 403 43.61 14.52 -14.60
C TYR A 403 44.31 14.56 -15.95
N GLN A 404 45.53 14.04 -15.97
CA GLN A 404 46.26 13.79 -17.21
C GLN A 404 45.38 13.05 -18.24
N ARG A 405 44.81 11.94 -17.84
CA ARG A 405 43.99 11.12 -18.73
C ARG A 405 42.66 11.77 -19.11
N THR A 406 42.20 12.74 -18.32
CA THR A 406 40.93 13.42 -18.56
C THR A 406 41.00 14.18 -19.85
N GLY A 407 42.19 14.69 -20.21
CA GLY A 407 42.43 15.39 -21.44
C GLY A 407 42.33 14.52 -22.68
N HIS A 408 42.32 13.19 -22.60
CA HIS A 408 41.95 12.35 -23.74
C HIS A 408 40.44 12.47 -24.02
N TYR A 409 39.63 12.99 -23.07
CA TYR A 409 38.18 12.97 -23.18
C TYR A 409 37.45 14.31 -23.26
N VAL A 410 37.87 15.32 -22.50
CA VAL A 410 37.18 16.62 -22.49
C VAL A 410 37.82 17.72 -23.40
N ARG A 411 36.95 18.55 -24.00
CA ARG A 411 37.34 19.58 -24.96
C ARG A 411 37.94 20.74 -24.15
N GLU A 412 38.75 21.54 -24.79
CA GLU A 412 39.29 22.77 -24.19
C GLU A 412 38.12 23.67 -23.78
N GLY A 413 38.21 24.36 -22.65
CA GLY A 413 37.11 25.18 -22.19
C GLY A 413 36.14 24.53 -21.20
N THR A 414 36.19 23.20 -21.10
CA THR A 414 35.56 22.49 -20.02
C THR A 414 36.05 23.01 -18.65
N LEU A 415 35.10 23.31 -17.78
CA LEU A 415 35.35 23.72 -16.41
C LEU A 415 35.73 22.47 -15.65
N ILE A 416 36.88 22.55 -14.96
CA ILE A 416 37.42 21.44 -14.19
C ILE A 416 37.53 21.82 -12.72
N TYR A 417 37.05 20.92 -11.84
CA TYR A 417 37.04 21.18 -10.39
C TYR A 417 37.46 19.92 -9.60
N ASP A 418 38.56 20.03 -8.85
CA ASP A 418 38.99 18.92 -7.98
C ASP A 418 38.51 19.12 -6.53
N ASP A 419 38.03 18.03 -5.94
CA ASP A 419 37.44 18.05 -4.59
C ASP A 419 36.58 19.28 -4.40
N VAL A 420 35.58 19.40 -5.26
CA VAL A 420 34.76 20.60 -5.31
C VAL A 420 33.95 20.76 -4.02
N THR A 421 33.63 22.00 -3.67
CA THR A 421 32.82 22.28 -2.48
C THR A 421 31.36 22.44 -2.84
N GLY A 422 30.49 22.22 -1.85
CA GLY A 422 29.05 22.43 -2.08
C GLY A 422 28.78 23.81 -2.67
N TYR A 423 29.40 24.84 -2.06
CA TYR A 423 29.28 26.24 -2.48
C TYR A 423 29.65 26.40 -3.94
N GLU A 424 30.90 26.05 -4.27
CA GLU A 424 31.41 26.10 -5.66
C GLU A 424 30.49 25.34 -6.61
N LEU A 425 30.13 24.11 -6.26
CA LEU A 425 29.37 23.31 -7.23
C LEU A 425 27.98 23.89 -7.48
N GLU A 426 27.34 24.39 -6.43
CA GLU A 426 26.03 25.02 -6.55
C GLU A 426 26.17 26.25 -7.44
N LYS A 427 27.18 27.06 -7.20
CA LYS A 427 27.36 28.26 -8.01
C LYS A 427 27.67 27.94 -9.47
N PHE A 428 28.38 26.85 -9.73
CA PHE A 428 28.70 26.47 -11.11
C PHE A 428 27.48 25.93 -11.84
N ILE A 429 26.65 25.16 -11.14
CA ILE A 429 25.41 24.64 -11.73
C ILE A 429 24.40 25.76 -11.97
N GLU A 430 24.22 26.65 -11.00
CA GLU A 430 23.36 27.85 -11.20
C GLU A 430 23.78 28.70 -12.40
N GLY A 431 25.09 28.82 -12.60
CA GLY A 431 25.65 29.68 -13.62
C GLY A 431 25.56 29.06 -14.99
N ILE A 432 26.03 27.82 -15.11
CA ILE A 432 26.04 27.12 -16.39
C ILE A 432 24.67 26.65 -16.88
N ARG A 433 23.73 26.42 -15.94
CA ARG A 433 22.46 25.74 -16.18
C ARG A 433 22.59 24.64 -17.26
N PRO A 434 23.34 23.58 -16.95
CA PRO A 434 23.39 22.55 -17.95
C PRO A 434 22.05 21.89 -18.11
N ASP A 435 21.93 21.07 -19.13
CA ASP A 435 20.74 20.28 -19.35
C ASP A 435 20.65 19.05 -18.44
N LEU A 436 21.80 18.62 -17.91
CA LEU A 436 21.92 17.43 -17.07
C LEU A 436 23.07 17.63 -16.14
N VAL A 437 22.91 17.14 -14.92
CA VAL A 437 24.02 16.96 -14.01
C VAL A 437 24.11 15.47 -13.67
N GLY A 438 25.34 14.95 -13.73
CA GLY A 438 25.67 13.57 -13.31
C GLY A 438 26.61 13.56 -12.12
N SER A 439 26.06 13.25 -10.94
CA SER A 439 26.86 13.16 -9.72
C SER A 439 26.26 12.21 -8.69
N GLY A 440 26.47 12.47 -7.39
CA GLY A 440 26.00 11.56 -6.36
C GLY A 440 24.76 11.95 -5.58
N ILE A 441 24.43 11.13 -4.59
CA ILE A 441 23.20 11.26 -3.85
C ILE A 441 23.10 12.59 -3.12
N LYS A 442 24.22 13.12 -2.67
CA LYS A 442 24.21 14.35 -1.90
C LYS A 442 24.10 15.57 -2.78
N GLU A 443 24.27 15.37 -4.09
CA GLU A 443 24.15 16.45 -5.07
C GLU A 443 22.76 16.45 -5.73
N LYS A 444 22.11 15.28 -5.79
CA LYS A 444 20.92 15.08 -6.59
C LYS A 444 19.79 16.06 -6.33
N TYR A 445 19.40 16.16 -5.08
CA TYR A 445 18.13 16.77 -4.79
C TYR A 445 18.19 18.30 -4.93
N PRO A 446 19.28 18.93 -4.46
CA PRO A 446 19.34 20.37 -4.69
C PRO A 446 19.26 20.74 -6.17
N VAL A 447 19.98 19.98 -6.99
CA VAL A 447 20.04 20.22 -8.43
C VAL A 447 18.64 20.09 -9.09
N GLN A 448 17.90 19.03 -8.79
CA GLN A 448 16.49 18.91 -9.24
C GLN A 448 15.61 20.09 -8.77
N LYS A 449 15.80 20.53 -7.53
CA LYS A 449 15.09 21.71 -7.02
C LYS A 449 15.35 22.98 -7.80
N MET A 450 16.54 23.10 -8.39
CA MET A 450 16.89 24.21 -9.27
C MET A 450 16.26 24.09 -10.64
N GLY A 451 15.46 23.06 -10.91
CA GLY A 451 14.81 22.86 -12.19
C GLY A 451 15.69 22.16 -13.20
N ILE A 452 16.76 21.50 -12.74
CA ILE A 452 17.77 20.91 -13.64
C ILE A 452 17.71 19.39 -13.49
N PRO A 453 17.58 18.64 -14.61
CA PRO A 453 17.64 17.19 -14.55
C PRO A 453 18.96 16.63 -13.99
N PHE A 454 18.85 15.50 -13.31
CA PHE A 454 19.97 14.94 -12.61
C PHE A 454 19.88 13.45 -12.72
N ARG A 455 21.00 12.82 -13.03
CA ARG A 455 21.10 11.40 -12.93
C ARG A 455 22.31 11.03 -12.07
N GLN A 456 22.11 10.10 -11.15
CA GLN A 456 23.17 9.67 -10.28
C GLN A 456 24.21 8.89 -11.10
N MET A 457 25.47 9.31 -11.01
CA MET A 457 26.52 8.65 -11.72
C MET A 457 27.33 7.71 -10.84
N HIS A 458 26.88 7.46 -9.61
CA HIS A 458 27.50 6.43 -8.79
C HIS A 458 26.58 5.22 -8.79
N SER A 459 25.36 5.39 -8.27
CA SER A 459 24.41 4.28 -8.15
C SER A 459 23.63 3.98 -9.43
N TRP A 460 23.90 4.74 -10.49
CA TRP A 460 23.07 4.78 -11.67
C TRP A 460 21.58 5.04 -11.35
N ASP A 461 21.29 5.73 -10.25
CA ASP A 461 19.91 6.03 -9.87
C ASP A 461 19.05 4.74 -9.84
N TYR A 462 19.66 3.65 -9.36
CA TYR A 462 18.97 2.38 -9.09
C TYR A 462 18.63 1.65 -10.36
N SER A 463 19.30 2.07 -11.45
CA SER A 463 19.15 1.48 -12.78
C SER A 463 20.47 0.85 -13.21
N GLY A 464 20.68 0.66 -14.50
CA GLY A 464 21.90 0.01 -15.00
C GLY A 464 21.60 -1.37 -15.57
N PRO A 465 22.62 -2.06 -16.10
CA PRO A 465 23.99 -1.61 -16.12
C PRO A 465 24.18 -0.53 -17.18
N TYR A 466 25.27 0.23 -17.10
CA TYR A 466 25.66 1.13 -18.16
C TYR A 466 26.86 0.62 -18.98
N HIS A 467 27.64 -0.34 -18.46
CA HIS A 467 28.83 -0.84 -19.17
C HIS A 467 28.36 -1.73 -20.33
N GLY A 468 29.15 -1.75 -21.41
CA GLY A 468 28.87 -2.63 -22.52
C GLY A 468 27.71 -2.17 -23.40
N TYR A 469 27.33 -3.02 -24.33
CA TYR A 469 26.34 -2.63 -25.31
C TYR A 469 24.94 -2.68 -24.71
N ASP A 470 24.66 -3.76 -23.98
CA ASP A 470 23.35 -3.88 -23.28
C ASP A 470 23.16 -2.73 -22.31
N GLY A 471 24.29 -2.24 -21.77
CA GLY A 471 24.32 -1.10 -20.91
C GLY A 471 24.02 0.21 -21.59
N PHE A 472 24.57 0.40 -22.79
CA PHE A 472 24.42 1.66 -23.54
C PHE A 472 22.96 2.02 -23.80
N ALA A 473 22.13 1.02 -24.09
CA ALA A 473 20.68 1.23 -24.25
C ALA A 473 20.05 1.80 -23.02
N ILE A 474 20.46 1.23 -21.90
CA ILE A 474 19.83 1.59 -20.61
C ILE A 474 20.30 2.99 -20.18
N PHE A 475 21.59 3.25 -20.36
CA PHE A 475 22.20 4.57 -20.22
C PHE A 475 21.45 5.65 -20.98
N ALA A 476 21.19 5.41 -22.26
CA ALA A 476 20.47 6.41 -23.11
C ALA A 476 19.04 6.61 -22.65
N ARG A 477 18.36 5.51 -22.39
CA ARG A 477 17.00 5.56 -21.86
C ARG A 477 16.92 6.46 -20.64
N ASP A 478 17.89 6.29 -19.75
CA ASP A 478 17.92 6.98 -18.45
C ASP A 478 18.22 8.46 -18.60
N MET A 479 19.17 8.83 -19.46
CA MET A 479 19.45 10.27 -19.66
C MET A 479 18.23 10.94 -20.33
N ASP A 480 17.63 10.25 -21.30
CA ASP A 480 16.40 10.72 -21.94
C ASP A 480 15.26 10.91 -20.95
N LEU A 481 15.01 9.92 -20.11
CA LEU A 481 13.83 9.99 -19.24
C LEU A 481 13.93 11.07 -18.14
N ALA A 482 15.17 11.44 -17.78
CA ALA A 482 15.41 12.51 -16.80
C ALA A 482 15.33 13.90 -17.40
N ILE A 483 15.88 14.09 -18.59
CA ILE A 483 15.82 15.36 -19.32
C ILE A 483 14.45 15.57 -19.97
N ASN A 484 13.98 14.58 -20.74
CA ASN A 484 12.71 14.69 -21.51
C ASN A 484 11.54 14.06 -20.78
N ASN A 485 11.09 14.77 -19.75
CA ASN A 485 9.89 14.39 -19.04
C ASN A 485 9.06 15.61 -18.70
N PRO A 486 7.77 15.40 -18.49
CA PRO A 486 6.90 16.56 -18.30
C PRO A 486 7.10 17.33 -16.99
N VAL A 487 7.82 16.80 -16.02
CA VAL A 487 7.84 17.46 -14.71
C VAL A 487 8.43 18.88 -14.77
N TRP A 488 9.41 19.12 -15.64
CA TRP A 488 10.14 20.38 -15.70
C TRP A 488 9.20 21.54 -16.07
N SER A 489 8.34 21.32 -17.06
CA SER A 489 7.41 22.32 -17.54
C SER A 489 6.40 22.77 -16.47
N MET A 490 6.33 22.04 -15.34
CA MET A 490 5.41 22.31 -14.26
C MET A 490 6.01 22.97 -13.03
N PHE A 491 7.27 23.31 -13.11
CA PHE A 491 7.91 24.00 -12.03
C PHE A 491 7.31 25.36 -11.83
N LYS A 492 7.15 26.12 -12.92
CA LYS A 492 6.57 27.47 -12.81
C LYS A 492 5.07 27.26 -12.73
N ALA A 493 4.48 27.66 -11.61
CA ALA A 493 3.04 27.70 -11.47
C ALA A 493 2.42 28.72 -12.43
N PRO A 494 1.26 28.40 -13.06
CA PRO A 494 0.72 29.31 -14.08
C PRO A 494 0.22 30.75 -13.68
N TRP A 495 0.49 31.25 -12.48
CA TRP A 495 0.05 32.61 -12.07
C TRP A 495 1.22 33.52 -11.52
N PRO B 2 18.31 -11.11 -24.99
CA PRO B 2 19.01 -9.95 -25.60
C PRO B 2 18.41 -8.61 -25.17
N GLN B 3 19.12 -7.52 -25.49
CA GLN B 3 18.61 -6.17 -25.19
C GLN B 3 17.76 -5.72 -26.37
N ASN B 4 16.83 -4.83 -26.14
CA ASN B 4 15.92 -4.39 -27.20
C ASN B 4 15.38 -2.97 -27.00
N VAL B 5 15.60 -2.08 -27.98
CA VAL B 5 15.30 -0.65 -27.78
C VAL B 5 13.82 -0.32 -27.66
N ASP B 6 12.93 -1.21 -28.09
CA ASP B 6 11.48 -0.97 -27.95
C ASP B 6 10.98 -1.33 -26.58
N LYS B 7 11.60 -2.31 -25.94
CA LYS B 7 11.31 -2.69 -24.54
C LYS B 7 12.63 -2.90 -23.81
N ILE B 8 13.21 -1.82 -23.32
CA ILE B 8 14.58 -1.90 -22.75
C ILE B 8 14.57 -2.64 -21.41
N LEU B 9 15.51 -3.58 -21.28
CA LEU B 9 15.66 -4.39 -20.10
C LEU B 9 16.79 -3.81 -19.30
N ASP B 10 16.45 -3.25 -18.14
CA ASP B 10 17.45 -2.89 -17.14
C ASP B 10 17.81 -4.16 -16.32
N HIS B 11 18.75 -3.99 -15.40
CA HIS B 11 19.35 -5.09 -14.63
C HIS B 11 18.41 -6.20 -14.19
N ALA B 12 17.21 -5.86 -13.77
CA ALA B 12 16.36 -6.86 -13.17
C ALA B 12 15.95 -7.91 -14.21
N PRO B 13 15.19 -7.52 -15.26
CA PRO B 13 14.90 -8.52 -16.30
C PRO B 13 16.11 -8.93 -17.13
N LEU B 14 17.11 -8.06 -17.28
CA LEU B 14 18.20 -8.30 -18.23
C LEU B 14 19.00 -9.54 -17.89
N PHE B 15 19.38 -9.70 -16.64
CA PHE B 15 20.24 -10.83 -16.31
C PHE B 15 19.52 -12.16 -16.18
N ARG B 16 18.20 -12.12 -16.32
CA ARG B 16 17.37 -13.33 -16.44
C ARG B 16 17.29 -13.89 -17.87
N GLU B 17 17.70 -13.09 -18.87
CA GLU B 17 17.79 -13.53 -20.25
C GLU B 17 18.74 -14.72 -20.36
N PRO B 18 18.47 -15.65 -21.31
CA PRO B 18 19.22 -16.92 -21.40
C PRO B 18 20.74 -16.79 -21.49
N GLU B 19 21.21 -15.82 -22.27
CA GLU B 19 22.64 -15.67 -22.51
C GLU B 19 23.39 -15.35 -21.23
N TYR B 20 22.79 -14.48 -20.39
CA TYR B 20 23.35 -14.13 -19.09
C TYR B 20 23.19 -15.29 -18.07
N GLN B 21 22.05 -16.00 -18.09
CA GLN B 21 21.87 -17.17 -17.27
C GLN B 21 22.93 -18.20 -17.57
N GLU B 22 23.25 -18.37 -18.84
CA GLU B 22 24.25 -19.34 -19.27
C GLU B 22 25.66 -18.88 -18.87
N MET B 23 25.93 -17.60 -19.03
CA MET B 23 27.24 -17.02 -18.67
C MET B 23 27.49 -17.02 -17.15
N LEU B 24 26.42 -16.80 -16.39
CA LEU B 24 26.46 -16.83 -14.94
C LEU B 24 26.62 -18.24 -14.38
N ALA B 25 26.01 -19.22 -15.03
CA ALA B 25 26.24 -20.64 -14.74
C ALA B 25 27.70 -20.98 -15.00
N GLY B 26 28.22 -20.48 -16.13
CA GLY B 26 29.63 -20.70 -16.50
C GLY B 26 30.61 -20.10 -15.50
N LYS B 27 30.36 -18.86 -15.10
CA LYS B 27 31.11 -18.22 -14.01
C LYS B 27 31.05 -19.01 -12.71
N ALA B 28 29.88 -19.57 -12.38
CA ALA B 28 29.70 -20.26 -11.08
C ALA B 28 30.54 -21.50 -10.96
N LYS B 29 30.76 -22.18 -12.08
CA LYS B 29 31.59 -23.37 -12.09
C LYS B 29 33.03 -23.10 -11.63
N LEU B 30 33.57 -21.90 -11.84
CA LEU B 30 34.90 -21.55 -11.34
C LEU B 30 34.94 -20.69 -10.05
N GLU B 31 33.82 -20.52 -9.37
CA GLU B 31 33.76 -19.60 -8.19
C GLU B 31 34.18 -20.25 -6.86
N ASN B 32 34.16 -21.58 -6.85
CA ASN B 32 34.49 -22.37 -5.69
C ASN B 32 33.57 -21.98 -4.53
N MET B 33 32.29 -21.80 -4.84
CA MET B 33 31.23 -21.56 -3.84
C MET B 33 30.66 -22.91 -3.39
N PRO B 34 30.01 -22.93 -2.24
CA PRO B 34 29.50 -24.22 -1.78
C PRO B 34 28.48 -24.83 -2.75
N PRO B 35 28.48 -26.17 -2.88
CA PRO B 35 27.48 -26.78 -3.76
C PRO B 35 26.05 -26.53 -3.29
N ALA B 36 25.08 -26.65 -4.19
CA ALA B 36 23.69 -26.29 -3.87
C ALA B 36 23.04 -27.10 -2.72
N ASP B 37 23.34 -28.39 -2.61
CA ASP B 37 22.87 -29.20 -1.46
C ASP B 37 23.42 -28.68 -0.11
N LYS B 38 24.64 -28.15 -0.11
CA LYS B 38 25.28 -27.60 1.12
C LYS B 38 24.65 -26.27 1.58
N VAL B 39 24.28 -25.45 0.59
CA VAL B 39 23.55 -24.20 0.81
C VAL B 39 22.15 -24.42 1.42
N VAL B 40 21.41 -25.34 0.84
CA VAL B 40 20.12 -25.76 1.39
C VAL B 40 20.29 -26.24 2.84
N GLU B 41 21.30 -27.06 3.08
CA GLU B 41 21.53 -27.60 4.41
C GLU B 41 21.75 -26.46 5.44
N ILE B 42 22.67 -25.56 5.13
CA ILE B 42 23.01 -24.46 6.03
C ILE B 42 21.89 -23.42 6.14
N ALA B 43 21.20 -23.14 5.05
CA ALA B 43 20.02 -22.30 5.09
C ALA B 43 19.02 -22.85 6.08
N ASP B 44 18.68 -24.12 5.97
CA ASP B 44 17.63 -24.69 6.84
C ASP B 44 18.13 -24.61 8.29
N TRP B 45 19.42 -24.90 8.46
CA TRP B 45 20.07 -24.89 9.76
C TRP B 45 19.99 -23.52 10.40
N THR B 46 20.15 -22.46 9.59
CA THR B 46 20.08 -21.07 10.11
C THR B 46 18.68 -20.69 10.61
N LYS B 47 17.66 -21.40 10.13
CA LYS B 47 16.25 -21.21 10.55
C LYS B 47 15.79 -22.15 11.69
N SER B 48 16.74 -22.89 12.24
CA SER B 48 16.48 -23.87 13.30
C SER B 48 16.56 -23.28 14.69
N TRP B 49 16.04 -24.05 15.63
CA TRP B 49 16.14 -23.75 17.05
C TRP B 49 17.57 -23.96 17.62
N GLU B 50 18.26 -24.98 17.12
CA GLU B 50 19.63 -25.20 17.49
C GLU B 50 20.45 -23.90 17.22
N TYR B 51 20.27 -23.34 16.02
CA TYR B 51 20.95 -22.12 15.57
C TYR B 51 20.52 -20.91 16.38
N ARG B 52 19.21 -20.83 16.67
CA ARG B 52 18.73 -19.73 17.46
C ARG B 52 19.39 -19.65 18.84
N GLU B 53 19.59 -20.80 19.48
CA GLU B 53 20.28 -20.84 20.79
C GLU B 53 21.72 -20.26 20.67
N LYS B 54 22.44 -20.64 19.61
CA LYS B 54 23.80 -20.14 19.40
C LYS B 54 23.85 -18.71 19.02
N ASN B 55 22.94 -18.32 18.15
CA ASN B 55 22.83 -16.94 17.65
C ASN B 55 22.55 -16.02 18.83
N PHE B 56 21.67 -16.45 19.74
CA PHE B 56 21.36 -15.71 20.95
C PHE B 56 22.42 -15.83 22.03
N ALA B 57 23.31 -16.82 21.93
CA ALA B 57 24.50 -16.91 22.76
C ALA B 57 25.66 -15.94 22.35
N ARG B 58 25.52 -15.23 21.24
CA ARG B 58 26.52 -14.23 20.86
C ARG B 58 26.76 -13.21 21.96
N GLU B 59 28.02 -12.86 22.21
CA GLU B 59 28.42 -11.85 23.20
C GLU B 59 29.10 -10.64 22.54
N SER B 60 29.78 -10.81 21.40
CA SER B 60 30.62 -9.76 20.84
C SER B 60 30.20 -9.26 19.43
N LEU B 61 29.75 -10.17 18.58
CA LEU B 61 29.45 -9.88 17.20
C LEU B 61 28.08 -9.26 17.10
N SER B 62 28.00 -8.10 16.47
CA SER B 62 26.73 -7.56 16.00
C SER B 62 26.60 -7.82 14.51
N VAL B 63 25.42 -8.29 14.10
CA VAL B 63 25.06 -8.50 12.70
C VAL B 63 23.71 -7.83 12.43
N ASN B 64 23.71 -6.93 11.45
CA ASN B 64 22.52 -6.19 11.04
C ASN B 64 21.85 -5.47 12.23
N PRO B 65 22.63 -4.68 13.00
CA PRO B 65 22.02 -3.86 14.02
C PRO B 65 21.09 -2.80 13.44
N ALA B 66 19.98 -2.55 14.15
CA ALA B 66 19.05 -1.48 13.82
C ALA B 66 19.32 -0.25 14.71
N LYS B 67 20.42 0.42 14.40
CA LYS B 67 20.79 1.71 14.99
C LYS B 67 21.96 2.35 14.24
N ALA B 68 22.09 3.65 14.42
CA ALA B 68 23.21 4.39 13.89
C ALA B 68 23.98 4.93 15.10
N CYS B 69 25.00 5.72 14.81
CA CYS B 69 25.83 6.31 15.83
C CYS B 69 25.41 7.74 16.10
N GLN B 70 25.87 8.29 17.23
CA GLN B 70 25.39 9.58 17.78
C GLN B 70 25.36 10.69 16.80
N PRO B 71 26.46 10.91 16.04
CA PRO B 71 26.44 12.11 15.22
C PRO B 71 25.25 12.19 14.26
N LEU B 72 24.71 11.08 13.80
CA LEU B 72 23.50 11.17 12.96
C LEU B 72 22.37 11.94 13.70
N GLY B 73 22.20 11.62 14.98
CA GLY B 73 21.19 12.24 15.80
C GLY B 73 21.51 13.68 16.02
N ALA B 74 22.78 14.00 16.17
CA ALA B 74 23.21 15.40 16.26
C ALA B 74 22.89 16.24 15.03
N VAL B 75 23.23 15.70 13.86
CA VAL B 75 22.98 16.38 12.60
C VAL B 75 21.48 16.61 12.43
N PHE B 76 20.68 15.55 12.69
CA PHE B 76 19.24 15.60 12.63
C PHE B 76 18.68 16.72 13.48
N VAL B 77 18.97 16.71 14.77
CA VAL B 77 18.37 17.69 15.70
C VAL B 77 18.80 19.13 15.38
N ALA B 78 20.08 19.31 15.06
CA ALA B 78 20.60 20.60 14.68
C ALA B 78 19.92 21.14 13.41
N SER B 79 19.53 20.25 12.49
CA SER B 79 18.86 20.65 11.24
C SER B 79 17.45 21.21 11.44
N GLY B 80 16.88 21.02 12.63
CA GLY B 80 15.60 21.62 12.99
C GLY B 80 15.69 22.98 13.69
N PHE B 81 16.83 23.65 13.62
CA PHE B 81 16.94 25.06 14.05
C PHE B 81 17.15 25.98 12.86
N GLU B 82 16.47 27.12 12.89
CA GLU B 82 16.59 28.22 11.91
C GLU B 82 18.03 28.35 11.39
N ARG B 83 18.19 28.29 10.06
CA ARG B 83 19.47 28.49 9.37
C ARG B 83 20.70 27.99 10.16
N THR B 84 20.59 26.77 10.66
CA THR B 84 21.63 26.13 11.47
C THR B 84 22.36 25.10 10.62
N MET B 85 23.69 25.12 10.66
CA MET B 85 24.52 24.15 9.92
C MET B 85 25.15 23.23 10.93
N SER B 86 24.96 21.93 10.78
CA SER B 86 25.73 20.96 11.58
C SER B 86 27.19 20.95 11.12
N PHE B 87 28.08 21.06 12.09
CA PHE B 87 29.49 21.10 11.90
C PHE B 87 30.01 19.91 12.71
N VAL B 88 30.38 18.84 12.06
CA VAL B 88 30.91 17.69 12.82
C VAL B 88 32.46 17.74 12.84
N HIS B 89 32.98 18.08 14.01
CA HIS B 89 34.38 18.11 14.29
C HIS B 89 34.91 16.70 14.34
N GLY B 90 35.82 16.38 13.44
CA GLY B 90 36.27 15.00 13.23
C GLY B 90 36.59 14.72 11.77
N SER B 91 36.67 13.44 11.43
CA SER B 91 36.93 13.03 10.05
C SER B 91 35.73 13.21 9.15
N GLN B 92 36.03 13.44 7.88
CA GLN B 92 35.01 13.87 6.91
C GLN B 92 34.18 12.77 6.31
N GLY B 93 34.67 11.55 6.29
CA GLY B 93 33.91 10.44 5.76
C GLY B 93 32.58 10.23 6.46
N CYS B 94 32.61 10.51 7.76
CA CYS B 94 31.43 10.54 8.58
C CYS B 94 30.31 11.40 8.02
N VAL B 95 30.67 12.64 7.69
CA VAL B 95 29.73 13.60 7.18
C VAL B 95 29.14 13.16 5.83
N ALA B 96 29.95 12.62 4.92
CA ALA B 96 29.42 12.05 3.68
C ALA B 96 28.37 11.03 3.98
N TYR B 97 28.62 10.20 5.00
CA TYR B 97 27.68 9.15 5.36
C TYR B 97 26.44 9.74 6.05
N TYR B 98 26.60 10.60 7.07
CA TYR B 98 25.42 11.16 7.77
C TYR B 98 24.47 11.76 6.73
N ARG B 99 25.02 12.51 5.79
CA ARG B 99 24.22 13.21 4.77
C ARG B 99 23.53 12.29 3.78
N SER B 100 24.27 11.33 3.28
CA SER B 100 23.72 10.35 2.36
C SER B 100 22.56 9.59 3.01
N HIS B 101 22.68 9.30 4.30
CA HIS B 101 21.74 8.44 5.01
C HIS B 101 20.41 9.14 5.12
N LEU B 102 20.49 10.40 5.55
CA LEU B 102 19.30 11.27 5.61
C LEU B 102 18.67 11.55 4.23
N SER B 103 19.50 11.91 3.27
CA SER B 103 19.00 12.15 1.93
C SER B 103 18.27 10.93 1.35
N ARG B 104 18.78 9.72 1.59
CA ARG B 104 18.17 8.51 1.01
C ARG B 104 16.83 8.20 1.60
N HIS B 105 16.61 8.68 2.80
CA HIS B 105 15.35 8.55 3.51
C HIS B 105 14.27 9.62 3.16
N PHE B 106 14.67 10.88 3.22
CA PHE B 106 13.76 11.99 2.93
C PHE B 106 13.62 12.31 1.40
N LYS B 107 14.52 11.76 0.58
CA LYS B 107 14.69 12.16 -0.79
C LYS B 107 14.81 13.69 -0.80
N GLU B 108 15.83 14.19 -0.08
CA GLU B 108 16.04 15.59 0.09
C GLU B 108 17.49 15.86 0.32
N PRO B 109 17.88 17.15 0.18
CA PRO B 109 19.26 17.50 0.52
C PRO B 109 19.43 17.35 2.00
N SER B 110 20.66 17.07 2.40
CA SER B 110 21.05 17.16 3.78
C SER B 110 22.35 17.86 3.81
N SER B 111 22.40 19.00 4.47
CA SER B 111 23.61 19.80 4.52
C SER B 111 24.30 19.65 5.86
N ALA B 112 25.61 19.43 5.81
CA ALA B 112 26.43 19.29 6.99
C ALA B 112 27.88 19.46 6.55
N VAL B 113 28.75 19.91 7.47
CA VAL B 113 30.15 20.08 7.16
C VAL B 113 31.05 19.36 8.17
N SER B 114 32.30 19.15 7.76
CA SER B 114 33.30 18.47 8.58
C SER B 114 34.43 19.43 8.90
N SER B 115 35.03 19.29 10.07
CA SER B 115 36.29 19.98 10.33
C SER B 115 37.43 19.34 9.55
N SER B 116 37.19 18.17 8.96
CA SER B 116 38.19 17.47 8.13
C SER B 116 39.48 17.14 8.84
N MET B 117 39.39 16.59 10.05
CA MET B 117 40.58 16.09 10.77
C MET B 117 41.19 14.86 10.08
N THR B 118 42.50 14.95 9.90
CA THR B 118 43.33 13.94 9.28
C THR B 118 44.27 13.36 10.35
N GLU B 119 45.12 12.43 9.94
CA GLU B 119 46.05 11.73 10.82
C GLU B 119 46.86 12.65 11.73
N ASP B 120 47.40 13.73 11.20
CA ASP B 120 48.23 14.65 11.99
C ASP B 120 47.50 15.21 13.23
N ALA B 121 46.20 15.44 13.15
CA ALA B 121 45.41 15.81 14.33
C ALA B 121 45.57 14.81 15.50
N ALA B 122 45.83 13.55 15.22
CA ALA B 122 46.17 12.57 16.30
C ALA B 122 47.41 12.94 17.14
N VAL B 123 48.41 13.57 16.53
CA VAL B 123 49.57 14.02 17.28
C VAL B 123 49.43 15.50 17.71
N PHE B 124 49.05 16.41 16.80
CA PHE B 124 48.93 17.85 17.15
C PHE B 124 47.58 18.29 17.73
N GLY B 125 46.55 17.43 17.74
CA GLY B 125 45.17 17.87 18.08
C GLY B 125 44.52 18.67 16.96
N GLY B 126 43.21 18.86 17.05
CA GLY B 126 42.44 19.44 15.93
C GLY B 126 42.08 20.93 15.97
N LEU B 127 42.87 21.75 16.66
CA LEU B 127 42.53 23.16 16.79
C LEU B 127 42.39 23.87 15.46
N ASN B 128 43.38 23.73 14.58
CA ASN B 128 43.34 24.52 13.36
C ASN B 128 42.15 24.17 12.52
N ASN B 129 41.81 22.89 12.49
CA ASN B 129 40.59 22.42 11.84
C ASN B 129 39.31 23.12 12.35
N MET B 130 39.19 23.31 13.66
CA MET B 130 38.04 24.02 14.19
C MET B 130 38.06 25.48 13.77
N VAL B 131 39.22 26.11 13.92
CA VAL B 131 39.35 27.55 13.68
C VAL B 131 39.09 27.85 12.22
N ASP B 132 39.82 27.15 11.36
CA ASP B 132 39.67 27.31 9.92
C ASP B 132 38.26 26.88 9.48
N GLY B 133 37.82 25.70 9.93
CA GLY B 133 36.50 25.18 9.57
C GLY B 133 35.34 26.12 9.88
N LEU B 134 35.32 26.64 11.10
CA LEU B 134 34.29 27.56 11.51
C LEU B 134 34.31 28.79 10.62
N ALA B 135 35.50 29.31 10.35
CA ALA B 135 35.66 30.48 9.47
C ALA B 135 35.04 30.25 8.09
N ASN B 136 35.31 29.08 7.52
CA ASN B 136 34.91 28.81 6.15
C ASN B 136 33.42 28.48 6.07
N THR B 137 32.91 27.72 7.04
CA THR B 137 31.49 27.40 7.11
C THR B 137 30.62 28.65 7.28
N TYR B 138 31.07 29.55 8.12
CA TYR B 138 30.39 30.80 8.37
C TYR B 138 30.37 31.72 7.12
N LYS B 139 31.51 31.88 6.44
CA LYS B 139 31.58 32.81 5.28
C LYS B 139 30.82 32.25 4.10
N LEU B 140 30.96 30.94 3.82
CA LEU B 140 30.34 30.30 2.64
C LEU B 140 28.83 30.07 2.75
N TYR B 141 28.39 29.52 3.88
CA TYR B 141 27.02 29.07 4.00
C TYR B 141 26.10 29.97 4.85
N ASP B 142 26.56 31.17 5.21
CA ASP B 142 25.78 32.19 5.99
C ASP B 142 24.76 31.61 6.99
N PRO B 143 25.22 30.73 7.90
CA PRO B 143 24.33 30.23 8.92
C PRO B 143 24.13 31.26 10.01
N LYS B 144 22.99 31.18 10.70
CA LYS B 144 22.71 31.94 11.91
C LYS B 144 23.27 31.23 13.11
N MET B 145 23.42 29.91 13.04
CA MET B 145 24.02 29.16 14.14
C MET B 145 24.80 27.99 13.59
N ILE B 146 25.94 27.70 14.21
CA ILE B 146 26.71 26.51 13.89
C ILE B 146 26.64 25.57 15.07
N ALA B 147 26.27 24.32 14.81
CA ALA B 147 26.06 23.35 15.89
C ALA B 147 27.15 22.30 15.77
N VAL B 148 28.09 22.28 16.73
CA VAL B 148 29.28 21.41 16.62
C VAL B 148 28.98 20.09 17.31
N SER B 149 29.28 18.99 16.63
CA SER B 149 29.26 17.66 17.25
C SER B 149 30.61 17.05 16.94
N THR B 150 30.81 15.79 17.34
CA THR B 150 32.12 15.13 17.21
C THR B 150 32.02 13.75 16.61
N THR B 151 33.00 13.41 15.78
CA THR B 151 33.16 12.05 15.32
C THR B 151 34.03 11.34 16.33
N CYS B 152 34.04 10.02 16.24
CA CYS B 152 34.69 9.21 17.26
C CYS B 152 36.19 9.48 17.29
N MET B 153 36.82 9.81 16.17
CA MET B 153 38.24 10.15 16.24
C MET B 153 38.54 11.39 17.09
N ALA B 154 37.69 12.40 16.98
CA ALA B 154 37.85 13.63 17.76
C ALA B 154 37.63 13.39 19.23
N GLU B 155 36.73 12.45 19.56
CA GLU B 155 36.52 12.02 20.95
C GLU B 155 37.75 11.33 21.49
N VAL B 156 38.25 10.29 20.80
CA VAL B 156 39.45 9.55 21.25
C VAL B 156 40.65 10.50 21.47
N ILE B 157 40.82 11.49 20.61
CA ILE B 157 41.93 12.42 20.68
C ILE B 157 41.74 13.38 21.85
N GLY B 158 40.48 13.65 22.19
CA GLY B 158 40.13 14.40 23.40
C GLY B 158 40.13 15.90 23.23
N ASP B 159 39.94 16.41 22.01
CA ASP B 159 39.93 17.86 21.80
C ASP B 159 38.96 18.62 22.70
N ASP B 160 39.40 19.75 23.26
CA ASP B 160 38.60 20.59 24.15
C ASP B 160 37.81 21.58 23.28
N LEU B 161 36.55 21.22 23.02
CA LEU B 161 35.73 21.97 22.07
C LEU B 161 35.47 23.41 22.49
N HIS B 162 35.14 23.61 23.77
CA HIS B 162 34.89 24.96 24.31
C HIS B 162 36.09 25.88 24.08
N ALA B 163 37.27 25.39 24.42
CA ALA B 163 38.50 26.17 24.25
C ALA B 163 38.74 26.51 22.79
N PHE B 164 38.61 25.49 21.94
CA PHE B 164 38.81 25.61 20.50
C PHE B 164 37.87 26.61 19.89
N ILE B 165 36.62 26.63 20.35
CA ILE B 165 35.60 27.55 19.80
C ILE B 165 35.89 28.96 20.23
N GLN B 166 36.27 29.14 21.49
CA GLN B 166 36.72 30.45 21.99
C GLN B 166 37.98 30.94 21.25
N THR B 167 38.95 30.04 21.03
CA THR B 167 40.11 30.41 20.22
C THR B 167 39.69 30.89 18.83
N ALA B 168 38.72 30.18 18.25
CA ALA B 168 38.22 30.52 16.92
C ALA B 168 37.62 31.91 16.88
N LYS B 169 36.87 32.25 17.90
CA LYS B 169 36.30 33.59 18.02
C LYS B 169 37.38 34.65 18.24
N GLY B 170 38.37 34.32 19.08
CA GLY B 170 39.56 35.14 19.24
C GLY B 170 40.31 35.45 17.94
N LYS B 171 40.34 34.52 17.01
CA LYS B 171 40.97 34.74 15.74
C LYS B 171 40.02 35.27 14.65
N GLY B 172 38.78 35.63 15.00
CA GLY B 172 37.83 36.22 14.02
C GLY B 172 37.17 35.29 12.97
N SER B 173 37.21 33.98 13.21
CA SER B 173 36.51 33.01 12.40
C SER B 173 35.04 33.30 12.29
N VAL B 174 34.44 33.65 13.43
CA VAL B 174 33.04 34.07 13.48
C VAL B 174 32.95 35.25 14.44
N PRO B 175 31.88 36.11 14.35
CA PRO B 175 31.66 37.23 15.26
C PRO B 175 31.64 36.78 16.72
N GLU B 176 31.98 37.66 17.65
CA GLU B 176 32.14 37.20 19.03
C GLU B 176 30.83 36.70 19.62
N GLU B 177 29.76 37.42 19.33
CA GLU B 177 28.41 37.08 19.81
C GLU B 177 27.71 35.97 19.01
N PHE B 178 28.37 35.39 17.98
CA PHE B 178 27.76 34.38 17.08
C PHE B 178 27.65 33.04 17.78
N ASP B 179 26.56 32.33 17.48
CA ASP B 179 26.14 31.18 18.27
C ASP B 179 26.79 29.88 17.77
N VAL B 180 27.68 29.32 18.60
CA VAL B 180 28.34 28.06 18.29
C VAL B 180 28.17 27.08 19.46
N PRO B 181 26.94 26.54 19.65
CA PRO B 181 26.74 25.45 20.61
C PRO B 181 27.48 24.18 20.19
N PHE B 182 27.89 23.38 21.18
CA PHE B 182 28.69 22.21 20.90
C PHE B 182 28.27 21.10 21.84
N ALA B 183 28.62 19.89 21.46
CA ALA B 183 28.33 18.70 22.24
C ALA B 183 29.29 17.58 21.89
N HIS B 184 29.67 16.80 22.89
CA HIS B 184 30.37 15.56 22.66
C HIS B 184 29.32 14.51 22.24
N THR B 185 29.55 13.87 21.09
CA THR B 185 28.63 12.90 20.51
C THR B 185 29.38 11.62 20.12
N PRO B 186 29.93 10.92 21.12
CA PRO B 186 30.77 9.76 20.88
C PRO B 186 29.99 8.55 20.33
N ALA B 187 30.38 8.10 19.14
CA ALA B 187 29.73 6.98 18.46
C ALA B 187 29.70 5.69 19.31
N PHE B 188 30.72 5.53 20.15
CA PHE B 188 30.87 4.36 21.00
C PHE B 188 30.05 4.45 22.33
N VAL B 189 29.18 5.44 22.51
CA VAL B 189 28.18 5.39 23.58
C VAL B 189 26.80 5.44 22.92
N GLY B 190 25.94 4.52 23.33
CA GLY B 190 24.56 4.52 22.93
C GLY B 190 24.41 4.41 21.42
N SER B 191 23.68 5.37 20.86
CA SER B 191 23.31 5.40 19.45
C SER B 191 22.96 6.83 19.01
N HIS B 192 22.46 6.94 17.79
CA HIS B 192 21.88 8.18 17.26
C HIS B 192 20.88 8.89 18.18
N VAL B 193 20.07 8.16 18.94
CA VAL B 193 19.14 8.86 19.85
C VAL B 193 19.92 9.62 20.93
N THR B 194 21.04 9.06 21.36
CA THR B 194 21.90 9.69 22.33
C THR B 194 22.52 11.00 21.79
N GLY B 195 22.88 11.01 20.53
CA GLY B 195 23.44 12.23 19.92
C GLY B 195 22.39 13.30 19.70
N TYR B 196 21.16 12.89 19.47
CA TYR B 196 20.04 13.80 19.45
C TYR B 196 19.96 14.55 20.79
N ASP B 197 20.00 13.79 21.88
CA ASP B 197 19.96 14.31 23.24
C ASP B 197 21.17 15.18 23.54
N ASN B 198 22.35 14.64 23.31
CA ASN B 198 23.55 15.38 23.59
C ASN B 198 23.60 16.68 22.83
N MET B 199 23.25 16.68 21.54
CA MET B 199 23.36 17.91 20.74
C MET B 199 22.29 18.90 21.16
N LEU B 200 21.10 18.40 21.47
CA LEU B 200 20.01 19.28 21.87
C LEU B 200 20.31 19.96 23.18
N LYS B 201 20.76 19.20 24.16
CA LYS B 201 21.26 19.78 25.42
C LYS B 201 22.34 20.82 25.16
N GLY B 202 23.29 20.48 24.31
CA GLY B 202 24.35 21.42 23.99
C GLY B 202 23.83 22.74 23.49
N ILE B 203 22.75 22.70 22.70
CA ILE B 203 22.19 23.89 22.09
C ILE B 203 21.46 24.67 23.15
N LEU B 204 20.72 23.97 23.98
CA LEU B 204 19.94 24.64 25.00
C LEU B 204 20.84 25.30 26.04
N GLU B 205 21.80 24.53 26.56
CA GLU B 205 22.86 25.02 27.47
C GLU B 205 23.53 26.27 26.91
N HIS B 206 23.76 26.29 25.61
CA HIS B 206 24.39 27.44 25.02
C HIS B 206 23.56 28.70 25.27
N PHE B 207 22.26 28.62 25.04
CA PHE B 207 21.39 29.78 25.18
C PHE B 207 20.88 30.05 26.57
N TRP B 208 20.91 29.03 27.43
CA TRP B 208 20.29 29.10 28.75
C TRP B 208 21.31 29.31 29.89
N LYS B 209 22.55 28.86 29.73
CA LYS B 209 23.57 28.87 30.81
C LYS B 209 23.51 30.17 31.60
N GLY B 210 23.30 30.04 32.91
CA GLY B 210 23.34 31.16 33.84
C GLY B 210 22.30 32.26 33.67
N ARG B 211 21.14 31.92 33.14
CA ARG B 211 20.08 32.92 33.00
C ARG B 211 19.02 32.61 34.01
N THR B 212 18.15 33.59 34.29
CA THR B 212 17.06 33.38 35.23
C THR B 212 15.80 33.40 34.42
N PRO B 213 14.96 32.36 34.53
CA PRO B 213 13.72 32.41 33.79
C PRO B 213 12.83 33.58 34.17
N VAL B 214 12.02 34.03 33.22
CA VAL B 214 10.86 34.89 33.40
C VAL B 214 9.71 33.98 33.05
N PRO B 215 9.19 33.24 34.05
CA PRO B 215 8.22 32.15 33.75
C PRO B 215 7.03 32.56 32.95
N ASN B 216 6.66 31.72 31.98
CA ASN B 216 5.37 31.79 31.29
C ASN B 216 4.73 30.39 31.28
N ARG B 217 3.44 30.34 30.92
CA ARG B 217 2.69 29.06 30.97
C ARG B 217 2.86 28.19 29.70
N SER B 218 3.81 28.52 28.82
CA SER B 218 3.97 27.81 27.55
C SER B 218 4.72 26.51 27.74
N VAL B 219 4.69 25.67 26.72
CA VAL B 219 5.30 24.35 26.79
C VAL B 219 6.27 24.14 25.64
N ASN B 220 7.46 23.61 25.93
CA ASN B 220 8.42 23.29 24.91
C ASN B 220 8.15 21.86 24.59
N ILE B 221 8.09 21.53 23.31
CA ILE B 221 7.83 20.19 22.85
C ILE B 221 9.01 19.74 22.03
N ILE B 222 9.62 18.61 22.41
CA ILE B 222 10.74 18.05 21.68
C ILE B 222 10.29 16.76 20.97
N PRO B 223 10.24 16.73 19.62
CA PRO B 223 9.72 15.55 18.93
C PRO B 223 10.65 14.36 18.84
N GLY B 224 11.94 14.60 19.01
CA GLY B 224 12.89 13.51 18.97
C GLY B 224 13.25 13.09 17.55
N PHE B 225 14.00 12.01 17.49
CA PHE B 225 14.49 11.46 16.23
C PHE B 225 13.38 10.69 15.53
N ASP B 226 12.97 11.21 14.37
CA ASP B 226 11.74 10.78 13.72
C ASP B 226 11.84 10.69 12.19
N GLY B 227 11.71 9.47 11.69
CA GLY B 227 11.64 9.23 10.26
C GLY B 227 10.45 9.95 9.61
N PHE B 228 9.39 10.21 10.37
CA PHE B 228 8.19 10.83 9.88
C PHE B 228 8.05 12.29 10.34
N ALA B 229 9.19 12.94 10.57
CA ALA B 229 9.20 14.29 11.12
C ALA B 229 8.36 15.26 10.32
N VAL B 230 8.31 15.06 9.02
CA VAL B 230 7.64 16.02 8.14
C VAL B 230 6.12 16.05 8.33
N GLY B 231 5.48 14.90 8.25
CA GLY B 231 4.03 14.84 8.52
C GLY B 231 3.67 14.97 10.03
N ASN B 232 4.43 14.33 10.88
CA ASN B 232 4.19 14.36 12.28
C ASN B 232 4.22 15.78 12.83
N ASN B 233 5.28 16.54 12.58
CA ASN B 233 5.33 17.87 13.12
C ASN B 233 4.21 18.75 12.60
N ARG B 234 3.77 18.54 11.36
CA ARG B 234 2.59 19.26 10.87
C ARG B 234 1.28 18.83 11.52
N GLU B 235 1.17 17.55 11.82
CA GLU B 235 0.02 17.05 12.54
C GLU B 235 0.02 17.60 13.95
N LEU B 236 1.17 17.57 14.58
CA LEU B 236 1.37 18.14 15.91
C LEU B 236 0.95 19.60 15.97
N LYS B 237 1.37 20.37 14.99
CA LYS B 237 1.05 21.81 14.96
C LYS B 237 -0.42 22.09 14.70
N ARG B 238 -1.03 21.27 13.84
CA ARG B 238 -2.45 21.38 13.59
C ARG B 238 -3.24 21.13 14.91
N ILE B 239 -2.83 20.09 15.63
CA ILE B 239 -3.50 19.70 16.88
C ILE B 239 -3.36 20.80 17.89
N LEU B 240 -2.14 21.27 18.07
CA LEU B 240 -1.84 22.33 19.04
C LEU B 240 -2.59 23.62 18.73
N GLY B 241 -2.65 23.97 17.45
CA GLY B 241 -3.48 25.06 16.97
C GLY B 241 -4.94 24.86 17.31
N MET B 242 -5.51 23.68 17.09
CA MET B 242 -6.93 23.55 17.35
C MET B 242 -7.20 23.74 18.84
N MET B 243 -6.27 23.26 19.66
CA MET B 243 -6.38 23.36 21.11
C MET B 243 -6.08 24.75 21.64
N GLY B 244 -5.35 25.55 20.87
CA GLY B 244 -4.92 26.88 21.30
C GLY B 244 -3.86 26.83 22.40
N VAL B 245 -2.91 25.89 22.32
CA VAL B 245 -1.82 25.79 23.28
C VAL B 245 -0.70 26.72 22.87
N GLN B 246 -0.09 27.36 23.87
CA GLN B 246 1.09 28.22 23.76
C GLN B 246 2.26 27.27 23.82
N TYR B 247 3.05 27.19 22.74
CA TYR B 247 4.12 26.23 22.66
C TYR B 247 5.32 26.70 21.89
N THR B 248 6.39 25.92 22.03
CA THR B 248 7.57 26.05 21.18
C THR B 248 8.05 24.66 20.85
N ILE B 249 8.14 24.33 19.58
CA ILE B 249 8.80 23.09 19.21
C ILE B 249 10.28 23.35 19.17
N LEU B 250 11.02 22.56 19.93
CA LEU B 250 12.48 22.60 19.91
C LEU B 250 13.03 21.53 18.99
N SER B 251 13.60 21.97 17.88
CA SER B 251 14.02 21.12 16.74
C SER B 251 12.86 20.67 15.90
N ASP B 252 12.59 21.41 14.83
CA ASP B 252 11.56 21.10 13.85
C ASP B 252 12.15 21.08 12.44
N VAL B 253 12.46 19.88 11.98
CA VAL B 253 13.01 19.65 10.66
C VAL B 253 11.91 19.51 9.60
N SER B 254 10.65 19.75 9.95
CA SER B 254 9.56 19.50 8.98
C SER B 254 9.63 20.35 7.70
N ASP B 255 10.18 21.55 7.75
CA ASP B 255 10.34 22.32 6.51
C ASP B 255 11.67 22.08 5.82
N GLN B 256 12.71 21.85 6.63
CA GLN B 256 14.06 21.57 6.14
C GLN B 256 14.15 20.31 5.25
N PHE B 257 13.41 19.25 5.60
CA PHE B 257 13.39 18.04 4.82
C PHE B 257 12.14 17.87 4.00
N ASP B 258 11.52 18.98 3.59
CA ASP B 258 10.39 18.95 2.65
C ASP B 258 10.28 20.31 2.00
N THR B 259 11.35 20.75 1.36
CA THR B 259 11.33 21.99 0.62
C THR B 259 10.79 21.72 -0.79
N PRO B 260 10.15 22.73 -1.42
CA PRO B 260 9.64 22.57 -2.75
C PRO B 260 10.73 22.48 -3.82
N SER B 261 10.30 21.92 -4.96
CA SER B 261 11.03 21.93 -6.21
C SER B 261 10.35 23.00 -7.08
N ASP B 262 10.86 24.22 -7.00
CA ASP B 262 10.28 25.31 -7.73
C ASP B 262 11.31 26.22 -8.39
N GLY B 263 12.52 25.72 -8.68
CA GLY B 263 13.57 26.54 -9.28
C GLY B 263 14.59 27.11 -8.32
N GLU B 264 14.26 27.22 -7.03
CA GLU B 264 15.25 27.57 -6.02
C GLU B 264 15.57 26.38 -5.10
N TYR B 265 16.86 26.21 -4.86
CA TYR B 265 17.34 25.31 -3.83
C TYR B 265 17.49 26.09 -2.54
N ARG B 266 16.76 25.68 -1.51
CA ARG B 266 16.84 26.27 -0.19
C ARG B 266 17.73 25.41 0.70
N MET B 267 18.92 25.90 1.01
CA MET B 267 19.83 25.16 1.87
C MET B 267 19.19 25.00 3.24
N TYR B 268 18.59 26.09 3.73
CA TYR B 268 17.91 26.07 5.00
C TYR B 268 16.43 26.48 4.79
N ASP B 269 15.53 25.90 5.57
CA ASP B 269 14.15 26.38 5.58
C ASP B 269 13.49 25.97 6.90
N GLY B 270 12.74 26.91 7.47
CA GLY B 270 12.02 26.67 8.70
C GLY B 270 12.99 26.51 9.84
N GLY B 271 12.56 25.73 10.85
CA GLY B 271 13.29 25.55 12.07
C GLY B 271 12.74 26.34 13.25
N THR B 272 13.05 25.85 14.44
CA THR B 272 12.92 26.61 15.65
C THR B 272 13.71 27.90 15.49
N LYS B 273 13.08 29.04 15.73
CA LYS B 273 13.78 30.31 15.66
C LYS B 273 14.89 30.37 16.74
N ILE B 274 15.99 31.04 16.46
CA ILE B 274 17.04 31.24 17.45
C ILE B 274 16.49 31.96 18.69
N GLU B 275 15.66 32.99 18.49
CA GLU B 275 15.03 33.69 19.64
C GLU B 275 14.09 32.82 20.48
N ALA B 276 13.36 31.92 19.83
CA ALA B 276 12.42 31.05 20.53
C ALA B 276 13.16 30.02 21.35
N ALA B 277 14.34 29.61 20.86
CA ALA B 277 15.19 28.68 21.57
C ALA B 277 15.73 29.37 22.81
N ARG B 278 16.10 30.64 22.66
CA ARG B 278 16.54 31.47 23.76
C ARG B 278 15.40 31.68 24.76
N ASP B 279 14.19 32.02 24.31
CA ASP B 279 13.04 32.21 25.25
C ASP B 279 12.45 30.93 25.78
N ALA B 280 12.88 29.79 25.25
CA ALA B 280 12.37 28.51 25.70
C ALA B 280 12.74 28.20 27.15
N VAL B 281 13.82 28.77 27.65
CA VAL B 281 14.12 28.65 29.07
C VAL B 281 13.00 29.18 29.98
N ASN B 282 12.19 30.13 29.52
CA ASN B 282 11.08 30.63 30.31
C ASN B 282 9.91 29.68 30.51
N ALA B 283 9.67 28.78 29.56
CA ALA B 283 8.55 27.85 29.66
C ALA B 283 8.57 27.12 31.02
N ASP B 284 7.39 26.94 31.59
CA ASP B 284 7.24 26.09 32.80
C ASP B 284 7.32 24.60 32.52
N TYR B 285 7.03 24.21 31.27
CA TYR B 285 7.04 22.83 30.85
C TYR B 285 7.89 22.54 29.62
N THR B 286 8.47 21.34 29.63
CA THR B 286 9.05 20.77 28.43
C THR B 286 8.60 19.34 28.38
N ILE B 287 7.95 18.94 27.29
CA ILE B 287 7.59 17.54 27.08
C ILE B 287 8.39 16.95 25.93
N SER B 288 8.88 15.73 26.10
CA SER B 288 9.54 15.01 25.02
C SER B 288 8.57 13.98 24.51
N LEU B 289 8.45 13.87 23.20
CA LEU B 289 7.57 12.83 22.62
C LEU B 289 8.26 11.47 22.52
N GLN B 290 9.57 11.42 22.80
CA GLN B 290 10.34 10.20 22.80
C GLN B 290 11.36 10.22 23.95
N GLU B 291 11.04 9.50 25.02
CA GLU B 291 11.86 9.45 26.21
C GLU B 291 13.34 9.28 25.89
N TYR B 292 13.64 8.32 25.00
CA TYR B 292 15.00 7.85 24.91
C TYR B 292 15.86 8.76 24.06
N CYS B 293 15.24 9.81 23.50
CA CYS B 293 15.93 10.88 22.78
C CYS B 293 16.33 12.09 23.59
N THR B 294 15.94 12.13 24.86
CA THR B 294 15.96 13.37 25.65
C THR B 294 16.33 13.27 27.15
N PRO B 295 16.82 12.10 27.65
CA PRO B 295 16.92 12.12 29.13
C PRO B 295 17.87 13.20 29.62
N LYS B 296 19.04 13.34 29.00
CA LYS B 296 19.98 14.40 29.37
C LYS B 296 19.36 15.81 29.20
N THR B 297 18.59 16.01 28.13
CA THR B 297 17.97 17.31 27.83
C THR B 297 16.88 17.66 28.84
N LEU B 298 16.03 16.68 29.18
CA LEU B 298 15.00 16.89 30.22
C LEU B 298 15.57 17.15 31.58
N GLU B 299 16.71 16.51 31.90
CA GLU B 299 17.40 16.76 33.17
C GLU B 299 17.93 18.18 33.18
N TYR B 300 18.40 18.64 32.04
CA TYR B 300 18.88 20.00 31.95
C TYR B 300 17.71 20.98 32.11
N CYS B 301 16.61 20.75 31.40
CA CYS B 301 15.39 21.55 31.57
C CYS B 301 14.88 21.57 33.00
N GLN B 302 15.00 20.42 33.67
CA GLN B 302 14.65 20.33 35.08
C GLN B 302 15.53 21.23 35.95
N SER B 303 16.79 21.40 35.54
CA SER B 303 17.75 22.26 36.25
C SER B 303 17.39 23.74 36.21
N PHE B 304 16.49 24.13 35.32
CA PHE B 304 15.84 25.46 35.33
C PHE B 304 14.42 25.43 35.89
N GLY B 305 14.09 24.40 36.67
CA GLY B 305 12.78 24.30 37.31
C GLY B 305 11.59 24.00 36.41
N GLN B 306 11.86 23.54 35.18
CA GLN B 306 10.77 23.13 34.31
C GLN B 306 10.25 21.80 34.84
N LYS B 307 8.95 21.64 34.74
CA LYS B 307 8.35 20.34 34.89
C LYS B 307 8.44 19.63 33.53
N THR B 308 8.73 18.33 33.59
CA THR B 308 8.91 17.52 32.37
C THR B 308 8.04 16.25 32.38
N ALA B 309 7.72 15.83 31.16
CA ALA B 309 6.93 14.64 30.89
C ALA B 309 7.55 14.04 29.67
N SER B 310 7.56 12.70 29.58
CA SER B 310 8.03 12.04 28.37
C SER B 310 7.11 10.91 27.91
N PHE B 311 6.87 10.84 26.60
CA PHE B 311 5.94 9.89 26.00
C PHE B 311 6.77 8.92 25.19
N HIS B 312 6.10 7.93 24.58
CA HIS B 312 6.79 6.96 23.82
C HIS B 312 6.20 6.98 22.42
N TYR B 313 6.51 7.98 21.60
CA TYR B 313 6.16 7.98 20.14
C TYR B 313 4.66 7.72 19.96
N PRO B 314 3.82 8.66 20.38
CA PRO B 314 2.43 8.33 20.64
C PRO B 314 1.66 7.95 19.38
N LEU B 315 1.20 6.71 19.31
CA LEU B 315 0.50 6.16 18.16
C LEU B 315 -0.78 5.56 18.61
N GLY B 316 -1.87 5.90 17.96
CA GLY B 316 -3.15 5.30 18.25
C GLY B 316 -4.04 6.12 19.14
N ILE B 317 -5.10 5.50 19.63
CA ILE B 317 -6.11 6.23 20.39
C ILE B 317 -5.58 6.65 21.78
N GLY B 318 -5.20 5.68 22.61
CA GLY B 318 -4.83 5.92 24.00
C GLY B 318 -3.65 6.86 24.19
N ALA B 319 -2.60 6.59 23.42
CA ALA B 319 -1.42 7.43 23.48
C ALA B 319 -1.75 8.88 23.08
N THR B 320 -2.52 9.07 22.01
CA THR B 320 -2.93 10.42 21.62
C THR B 320 -3.80 11.04 22.69
N ASP B 321 -4.78 10.30 23.18
CA ASP B 321 -5.62 10.76 24.29
C ASP B 321 -4.70 11.26 25.41
N ASP B 322 -3.69 10.45 25.77
CA ASP B 322 -2.81 10.82 26.89
C ASP B 322 -2.06 12.10 26.62
N LEU B 323 -1.58 12.28 25.40
CA LEU B 323 -0.90 13.52 25.01
C LEU B 323 -1.86 14.66 25.05
N LEU B 324 -3.07 14.50 24.54
CA LEU B 324 -4.02 15.62 24.57
C LEU B 324 -4.37 16.02 25.98
N GLN B 325 -4.56 15.05 26.85
CA GLN B 325 -4.89 15.35 28.24
C GLN B 325 -3.83 16.12 28.94
N LYS B 326 -2.58 15.77 28.68
CA LYS B 326 -1.42 16.45 29.28
C LYS B 326 -1.35 17.88 28.74
N LEU B 327 -1.56 18.03 27.45
CA LEU B 327 -1.61 19.35 26.89
C LEU B 327 -2.71 20.24 27.49
N SER B 328 -3.81 19.60 27.82
CA SER B 328 -4.98 20.30 28.27
C SER B 328 -4.71 20.78 29.70
N GLU B 329 -4.10 19.90 30.46
CA GLU B 329 -3.69 20.15 31.84
C GLU B 329 -2.73 21.30 31.87
N ILE B 330 -1.77 21.31 30.96
CA ILE B 330 -0.78 22.40 30.86
C ILE B 330 -1.41 23.71 30.43
N SER B 331 -2.10 23.70 29.32
CA SER B 331 -2.68 24.92 28.76
C SER B 331 -3.94 25.45 29.48
N GLY B 332 -4.60 24.63 30.28
CA GLY B 332 -5.91 24.96 30.81
C GLY B 332 -7.07 24.94 29.81
N LYS B 333 -6.80 24.58 28.56
CA LYS B 333 -7.81 24.63 27.51
C LYS B 333 -8.46 23.25 27.28
N PRO B 334 -9.78 23.20 27.06
CA PRO B 334 -10.35 21.87 26.83
C PRO B 334 -9.95 21.31 25.44
N VAL B 335 -10.16 20.01 25.25
CA VAL B 335 -10.02 19.42 23.90
C VAL B 335 -11.22 19.87 23.06
N PRO B 336 -10.96 20.47 21.89
CA PRO B 336 -12.05 20.97 21.11
C PRO B 336 -12.78 19.87 20.37
N GLN B 337 -14.02 20.17 20.01
CA GLN B 337 -14.93 19.22 19.46
C GLN B 337 -14.46 18.65 18.14
N GLU B 338 -13.72 19.40 17.34
CA GLU B 338 -13.24 18.87 16.06
C GLU B 338 -12.27 17.71 16.30
N LEU B 339 -11.53 17.76 17.40
CA LEU B 339 -10.63 16.67 17.72
C LEU B 339 -11.38 15.48 18.30
N GLU B 340 -12.46 15.68 19.04
CA GLU B 340 -13.28 14.54 19.47
C GLU B 340 -13.88 13.82 18.27
N MET B 341 -14.23 14.57 17.22
CA MET B 341 -14.76 14.01 16.00
C MET B 341 -13.73 13.15 15.30
N GLU B 342 -12.54 13.66 15.15
CA GLU B 342 -11.48 12.88 14.55
C GLU B 342 -11.27 11.60 15.33
N ARG B 343 -11.35 11.71 16.65
CA ARG B 343 -11.10 10.59 17.52
C ARG B 343 -12.17 9.56 17.33
N GLY B 344 -13.42 10.03 17.30
CA GLY B 344 -14.56 9.16 17.18
C GLY B 344 -14.59 8.47 15.84
N ARG B 345 -14.08 9.16 14.83
CA ARG B 345 -13.96 8.58 13.52
C ARG B 345 -12.88 7.58 13.44
N LEU B 346 -11.83 7.71 14.22
CA LEU B 346 -10.76 6.72 14.21
C LEU B 346 -11.27 5.46 14.86
N VAL B 347 -11.95 5.64 15.98
CA VAL B 347 -12.60 4.53 16.68
C VAL B 347 -13.54 3.77 15.73
N ASP B 348 -14.29 4.53 14.95
CA ASP B 348 -15.17 3.96 13.96
C ASP B 348 -14.43 3.10 12.93
N ALA B 349 -13.30 3.59 12.42
CA ALA B 349 -12.47 2.83 11.49
C ALA B 349 -12.03 1.54 12.12
N LEU B 350 -11.61 1.62 13.37
CA LEU B 350 -11.06 0.47 14.08
C LEU B 350 -12.14 -0.56 14.29
N ALA B 351 -13.34 -0.12 14.63
CA ALA B 351 -14.45 -1.03 14.86
C ALA B 351 -14.91 -1.68 13.55
N ASP B 352 -14.93 -0.91 12.47
CA ASP B 352 -15.30 -1.45 11.17
C ASP B 352 -14.36 -2.53 10.69
N SER B 353 -13.09 -2.42 11.07
CA SER B 353 -12.04 -3.23 10.49
C SER B 353 -11.45 -4.25 11.42
N GLN B 354 -11.93 -4.33 12.67
CA GLN B 354 -11.19 -5.10 13.71
C GLN B 354 -11.19 -6.58 13.51
N ALA B 355 -12.14 -7.12 12.75
CA ALA B 355 -12.09 -8.53 12.40
C ALA B 355 -10.77 -8.94 11.74
N TYR B 356 -10.15 -8.02 11.00
CA TYR B 356 -8.90 -8.34 10.32
C TYR B 356 -7.69 -8.12 11.17
N LEU B 357 -7.84 -7.45 12.30
CA LEU B 357 -6.70 -7.13 13.18
C LEU B 357 -6.59 -8.03 14.43
N HIS B 358 -7.74 -8.42 14.96
CA HIS B 358 -7.80 -9.24 16.15
C HIS B 358 -6.99 -10.48 15.91
N GLY B 359 -6.11 -10.83 16.84
CA GLY B 359 -5.35 -12.06 16.75
C GLY B 359 -4.07 -12.01 15.90
N LYS B 360 -3.88 -10.96 15.12
CA LYS B 360 -2.70 -10.84 14.31
C LYS B 360 -1.46 -10.77 15.16
N THR B 361 -0.37 -11.35 14.72
CA THR B 361 0.84 -11.36 15.51
C THR B 361 1.90 -10.60 14.76
N TYR B 362 2.72 -9.85 15.51
CA TYR B 362 3.67 -8.94 14.94
C TYR B 362 5.03 -9.09 15.57
N ALA B 363 6.05 -8.81 14.78
CA ALA B 363 7.37 -8.50 15.25
C ALA B 363 7.54 -7.03 14.95
N ILE B 364 8.20 -6.32 15.85
CA ILE B 364 8.34 -4.89 15.79
C ILE B 364 9.77 -4.54 16.25
N TYR B 365 10.42 -3.68 15.51
CA TYR B 365 11.72 -3.22 15.89
C TYR B 365 11.98 -1.79 15.42
N GLY B 366 12.97 -1.18 16.05
CA GLY B 366 13.37 0.19 15.80
C GLY B 366 13.93 0.82 17.04
N ASP B 367 13.81 2.15 17.11
CA ASP B 367 14.20 2.90 18.26
C ASP B 367 13.21 2.53 19.37
N PRO B 368 13.66 2.58 20.63
CA PRO B 368 12.89 2.11 21.77
C PRO B 368 11.51 2.72 21.88
N ASP B 369 11.40 4.02 21.63
CA ASP B 369 10.11 4.72 21.70
C ASP B 369 9.15 4.34 20.54
N PHE B 370 9.67 4.28 19.30
CA PHE B 370 8.84 3.76 18.23
C PHE B 370 8.24 2.40 18.60
N VAL B 371 9.08 1.51 19.11
CA VAL B 371 8.66 0.14 19.38
C VAL B 371 7.60 0.09 20.47
N TYR B 372 7.79 0.87 21.51
CA TYR B 372 6.80 0.96 22.57
C TYR B 372 5.46 1.42 21.94
N GLY B 373 5.49 2.57 21.26
CA GLY B 373 4.30 3.19 20.76
C GLY B 373 3.62 2.32 19.74
N MET B 374 4.39 1.66 18.88
CA MET B 374 3.82 0.74 17.93
C MET B 374 3.20 -0.45 18.64
N ALA B 375 3.89 -1.03 19.60
CA ALA B 375 3.37 -2.21 20.27
C ALA B 375 2.09 -1.86 20.97
N ARG B 376 2.02 -0.66 21.51
CA ARG B 376 0.86 -0.24 22.23
C ARG B 376 -0.32 -0.11 21.28
N PHE B 377 -0.08 0.48 20.11
CA PHE B 377 -1.13 0.62 19.12
C PHE B 377 -1.65 -0.77 18.70
N ILE B 378 -0.72 -1.68 18.50
CA ILE B 378 -1.06 -3.04 18.13
C ILE B 378 -2.01 -3.67 19.16
N LEU B 379 -1.76 -3.43 20.44
CA LEU B 379 -2.60 -4.01 21.49
C LEU B 379 -4.03 -3.45 21.46
N GLU B 380 -4.17 -2.16 21.16
CA GLU B 380 -5.50 -1.57 20.96
C GLU B 380 -6.34 -2.28 19.89
N THR B 381 -5.66 -2.79 18.85
CA THR B 381 -6.30 -3.45 17.73
C THR B 381 -6.62 -4.93 18.00
N GLY B 382 -6.19 -5.44 19.14
CA GLY B 382 -6.29 -6.87 19.45
C GLY B 382 -5.16 -7.71 18.91
N GLY B 383 -4.08 -7.06 18.52
CA GLY B 383 -2.91 -7.73 17.99
C GLY B 383 -1.99 -8.09 19.09
N GLU B 384 -1.00 -8.91 18.78
CA GLU B 384 0.00 -9.38 19.73
C GLU B 384 1.38 -8.98 19.27
N PRO B 385 2.05 -8.07 20.00
CA PRO B 385 3.41 -7.67 19.64
C PRO B 385 4.42 -8.67 20.19
N LYS B 386 4.45 -9.85 19.56
CA LYS B 386 5.16 -11.02 20.05
C LYS B 386 6.69 -10.77 20.20
N HIS B 387 7.33 -10.32 19.14
CA HIS B 387 8.74 -10.04 19.15
C HIS B 387 9.01 -8.54 19.02
N CYS B 388 9.15 -7.86 20.16
CA CYS B 388 9.60 -6.47 20.13
C CYS B 388 11.12 -6.43 20.31
N LEU B 389 11.79 -5.58 19.56
CA LEU B 389 13.25 -5.58 19.54
C LEU B 389 13.80 -4.20 19.27
N ALA B 390 14.80 -3.79 20.03
CA ALA B 390 15.42 -2.47 19.84
C ALA B 390 16.88 -2.63 20.16
N THR B 391 17.71 -2.50 19.14
CA THR B 391 19.13 -2.68 19.29
C THR B 391 19.67 -1.70 20.28
N ASN B 392 19.09 -0.50 20.30
CA ASN B 392 19.48 0.56 21.21
C ASN B 392 18.56 0.61 22.43
N GLY B 393 17.90 -0.48 22.76
CA GLY B 393 16.96 -0.52 23.84
C GLY B 393 17.62 -1.04 25.11
N SER B 394 17.50 -0.28 26.21
CA SER B 394 18.09 -0.63 27.51
C SER B 394 17.23 -1.63 28.29
N LYS B 395 17.74 -2.09 29.44
CA LYS B 395 16.97 -2.93 30.35
C LYS B 395 15.81 -2.14 30.93
N ALA B 396 16.01 -0.85 31.24
CA ALA B 396 14.90 0.00 31.74
C ALA B 396 13.71 0.03 30.74
N TRP B 397 14.07 0.04 29.44
CA TRP B 397 13.12 -0.10 28.33
C TRP B 397 12.41 -1.45 28.30
N GLU B 398 13.16 -2.54 28.41
CA GLU B 398 12.55 -3.85 28.52
C GLU B 398 11.50 -3.90 29.65
N ALA B 399 11.80 -3.32 30.81
CA ALA B 399 10.83 -3.25 31.94
C ALA B 399 9.58 -2.45 31.56
N GLN B 400 9.77 -1.30 30.92
CA GLN B 400 8.63 -0.51 30.46
C GLN B 400 7.79 -1.27 29.46
N MET B 401 8.44 -2.02 28.57
CA MET B 401 7.70 -2.80 27.56
C MET B 401 6.88 -3.85 28.24
N GLN B 402 7.48 -4.48 29.23
CA GLN B 402 6.81 -5.53 29.98
C GLN B 402 5.58 -4.97 30.72
N GLU B 403 5.67 -3.75 31.25
CA GLU B 403 4.52 -3.12 31.91
C GLU B 403 3.40 -2.89 30.89
N LEU B 404 3.80 -2.50 29.68
CA LEU B 404 2.86 -2.35 28.57
C LEU B 404 2.17 -3.67 28.22
N PHE B 405 2.93 -4.73 28.07
CA PHE B 405 2.38 -6.06 27.81
C PHE B 405 1.37 -6.48 28.88
N ASP B 406 1.72 -6.27 30.13
CA ASP B 406 0.89 -6.72 31.24
C ASP B 406 -0.39 -5.93 31.28
N SER B 407 -0.43 -4.72 30.73
CA SER B 407 -1.66 -3.95 30.73
C SER B 407 -2.79 -4.52 29.89
N SER B 408 -2.53 -5.49 29.02
CA SER B 408 -3.55 -6.04 28.13
C SER B 408 -3.45 -7.54 27.97
N PRO B 409 -4.60 -8.21 27.86
CA PRO B 409 -4.58 -9.68 27.74
C PRO B 409 -3.92 -10.17 26.45
N PHE B 410 -3.80 -9.28 25.46
CA PHE B 410 -3.13 -9.63 24.20
C PHE B 410 -1.60 -9.50 24.32
N GLY B 411 -1.10 -9.15 25.50
CA GLY B 411 0.33 -9.13 25.79
C GLY B 411 0.99 -10.42 26.28
N VAL B 412 0.21 -11.45 26.58
CA VAL B 412 0.74 -12.63 27.22
C VAL B 412 2.03 -13.24 26.65
N GLY B 413 2.13 -13.44 25.35
CA GLY B 413 3.37 -14.06 24.81
C GLY B 413 4.60 -13.16 24.70
N CYS B 414 4.38 -11.87 24.88
CA CYS B 414 5.23 -10.89 24.27
C CYS B 414 6.50 -10.63 25.07
N LYS B 415 7.60 -10.46 24.33
CA LYS B 415 8.91 -10.18 24.86
C LYS B 415 9.49 -8.96 24.19
N ALA B 416 10.37 -8.28 24.92
CA ALA B 416 11.09 -7.11 24.45
C ALA B 416 12.58 -7.43 24.55
N TRP B 417 13.27 -7.38 23.42
CA TRP B 417 14.63 -7.83 23.28
C TRP B 417 15.49 -6.61 23.09
N GLY B 418 16.07 -6.13 24.16
CA GLY B 418 16.90 -4.93 24.11
C GLY B 418 18.29 -5.32 23.66
N GLY B 419 18.94 -4.50 22.84
CA GLY B 419 20.34 -4.77 22.51
C GLY B 419 20.58 -5.97 21.62
N LYS B 420 19.52 -6.50 21.02
CA LYS B 420 19.64 -7.52 20.02
C LYS B 420 19.52 -6.85 18.65
N ASP B 421 19.88 -7.56 17.58
CA ASP B 421 19.99 -7.02 16.23
C ASP B 421 19.10 -7.81 15.28
N LEU B 422 19.12 -7.46 14.01
CA LEU B 422 18.19 -8.10 13.07
C LEU B 422 18.59 -9.50 12.70
N TRP B 423 19.84 -9.87 12.88
CA TRP B 423 20.15 -11.29 12.77
C TRP B 423 19.48 -12.11 13.90
N HIS B 424 19.41 -11.53 15.10
CA HIS B 424 18.65 -12.12 16.21
C HIS B 424 17.17 -12.22 15.80
N MET B 425 16.64 -11.12 15.24
CA MET B 425 15.25 -11.07 14.86
C MET B 425 14.95 -12.11 13.84
N ARG B 426 15.91 -12.38 12.95
CA ARG B 426 15.73 -13.40 11.93
C ARG B 426 15.41 -14.77 12.55
N SER B 427 16.11 -15.07 13.65
CA SER B 427 15.93 -16.36 14.31
C SER B 427 14.61 -16.38 15.01
N LEU B 428 14.15 -15.23 15.51
CA LEU B 428 12.81 -15.18 16.11
C LEU B 428 11.72 -15.43 15.10
N LEU B 429 11.86 -14.83 13.93
CA LEU B 429 10.85 -14.93 12.90
C LEU B 429 10.81 -16.35 12.33
N ALA B 430 11.99 -16.99 12.28
CA ALA B 430 12.13 -18.35 11.74
C ALA B 430 11.49 -19.42 12.62
N THR B 431 11.63 -19.26 13.93
CA THR B 431 11.27 -20.29 14.91
C THR B 431 9.88 -20.09 15.50
N GLU B 432 9.46 -18.83 15.64
CA GLU B 432 8.13 -18.45 16.16
C GLU B 432 7.50 -17.52 15.12
N LYS B 433 6.93 -18.08 14.05
CA LYS B 433 6.31 -17.30 12.94
C LYS B 433 5.35 -16.29 13.48
N VAL B 434 5.34 -15.12 12.84
CA VAL B 434 4.34 -14.08 13.11
C VAL B 434 3.73 -13.69 11.78
N ASP B 435 2.62 -13.00 11.84
CA ASP B 435 1.91 -12.58 10.63
C ASP B 435 2.65 -11.44 9.94
N LEU B 436 3.21 -10.48 10.69
CA LEU B 436 3.70 -9.21 10.13
C LEU B 436 4.93 -8.66 10.85
N LEU B 437 5.75 -7.92 10.12
CA LEU B 437 6.96 -7.34 10.63
C LEU B 437 6.84 -5.84 10.47
N ILE B 438 7.06 -5.11 11.54
CA ILE B 438 7.00 -3.67 11.48
C ILE B 438 8.39 -3.23 11.78
N GLY B 439 8.96 -2.54 10.80
CA GLY B 439 10.30 -2.04 10.92
C GLY B 439 10.67 -0.99 9.88
N ASN B 440 11.88 -1.14 9.36
CA ASN B 440 12.48 -0.18 8.52
C ASN B 440 12.93 -0.93 7.28
N SER B 441 13.63 -0.28 6.38
CA SER B 441 13.93 -0.91 5.09
C SER B 441 14.85 -2.09 5.21
N TYR B 442 15.72 -2.09 6.23
CA TYR B 442 16.60 -3.26 6.44
C TYR B 442 15.79 -4.54 6.66
N GLY B 443 14.55 -4.35 7.08
CA GLY B 443 13.68 -5.45 7.33
C GLY B 443 13.24 -6.19 6.08
N LYS B 444 13.51 -5.64 4.91
CA LYS B 444 13.18 -6.37 3.70
C LYS B 444 13.95 -7.64 3.62
N TYR B 445 15.19 -7.62 4.12
CA TYR B 445 16.01 -8.83 4.19
C TYR B 445 15.39 -9.91 5.06
N LEU B 446 14.73 -9.51 6.16
CA LEU B 446 13.92 -10.44 6.97
C LEU B 446 12.65 -10.98 6.24
N GLU B 447 12.01 -10.13 5.44
CA GLU B 447 10.92 -10.55 4.52
C GLU B 447 11.44 -11.62 3.54
N ARG B 448 12.56 -11.35 2.91
CA ARG B 448 13.18 -12.33 2.01
C ARG B 448 13.55 -13.60 2.76
N ASP B 449 14.27 -13.50 3.86
CA ASP B 449 14.76 -14.70 4.53
C ASP B 449 13.65 -15.57 5.19
N THR B 450 12.53 -14.98 5.62
CA THR B 450 11.56 -15.71 6.48
C THR B 450 10.12 -15.63 6.05
N ASP B 451 9.87 -15.09 4.85
CA ASP B 451 8.50 -14.91 4.38
C ASP B 451 7.57 -14.18 5.41
N THR B 452 8.11 -13.16 6.07
CA THR B 452 7.31 -12.33 6.94
C THR B 452 7.19 -10.97 6.28
N PRO B 453 6.00 -10.60 5.78
CA PRO B 453 5.81 -9.31 5.11
C PRO B 453 6.16 -8.13 6.00
N LEU B 454 6.79 -7.14 5.42
CA LEU B 454 7.24 -5.95 6.12
C LEU B 454 6.27 -4.78 5.94
N ILE B 455 6.08 -4.00 7.01
CA ILE B 455 5.39 -2.74 7.00
C ILE B 455 6.42 -1.73 7.48
N ARG B 456 6.64 -0.65 6.73
CA ARG B 456 7.74 0.30 7.03
C ARG B 456 7.22 1.50 7.76
N LEU B 457 7.48 1.56 9.06
CA LEU B 457 7.05 2.69 9.91
C LEU B 457 8.18 3.23 10.78
N MET B 458 9.41 2.98 10.36
CA MET B 458 10.55 3.33 11.17
C MET B 458 11.71 3.70 10.27
N PHE B 459 12.48 4.68 10.72
CA PHE B 459 13.66 5.14 10.00
C PHE B 459 14.69 4.04 9.92
N PRO B 460 15.33 3.83 8.77
CA PRO B 460 15.09 4.57 7.53
C PRO B 460 14.21 3.78 6.57
N ILE B 461 13.42 4.53 5.81
CA ILE B 461 12.66 4.06 4.68
C ILE B 461 13.33 4.55 3.41
N PHE B 462 14.10 3.63 2.80
CA PHE B 462 14.93 3.87 1.63
C PHE B 462 14.33 3.37 0.33
N ASP B 463 13.55 2.31 0.40
CA ASP B 463 12.95 1.65 -0.75
C ASP B 463 11.46 1.97 -0.94
N ARG B 464 10.96 2.99 -0.23
CA ARG B 464 9.72 3.62 -0.57
C ARG B 464 9.94 5.09 -0.51
N HIS B 465 9.09 5.80 -1.24
CA HIS B 465 9.23 7.24 -1.41
C HIS B 465 8.12 7.98 -0.71
N HIS B 466 8.51 9.04 0.02
CA HIS B 466 7.60 10.06 0.54
C HIS B 466 6.65 9.65 1.64
N HIS B 467 6.86 8.51 2.27
CA HIS B 467 6.04 8.12 3.37
C HIS B 467 6.23 9.08 4.54
N HIS B 468 7.41 9.64 4.64
CA HIS B 468 7.70 10.60 5.66
C HIS B 468 6.82 11.83 5.62
N ARG B 469 6.22 12.12 4.46
CA ARG B 469 5.39 13.35 4.31
C ARG B 469 4.04 13.29 5.04
N PHE B 470 3.70 12.14 5.57
CA PHE B 470 2.40 11.89 6.12
C PHE B 470 2.55 11.51 7.55
N PRO B 471 1.60 11.92 8.39
CA PRO B 471 1.73 11.71 9.81
C PRO B 471 1.48 10.28 10.19
N VAL B 472 2.04 9.89 11.34
CA VAL B 472 1.58 8.71 12.06
C VAL B 472 1.11 9.04 13.47
N TRP B 473 1.46 10.21 14.00
CA TRP B 473 1.00 10.68 15.31
C TRP B 473 -0.37 11.28 15.11
N GLY B 474 -1.06 11.51 16.21
CA GLY B 474 -2.40 12.09 16.19
C GLY B 474 -3.45 11.06 15.87
N TYR B 475 -4.71 11.49 15.91
CA TYR B 475 -5.81 10.64 15.47
C TYR B 475 -5.77 10.43 13.95
N GLN B 476 -5.49 11.50 13.19
CA GLN B 476 -5.30 11.39 11.76
C GLN B 476 -4.18 10.40 11.43
N GLY B 477 -3.02 10.58 12.03
CA GLY B 477 -1.93 9.66 11.84
C GLY B 477 -2.23 8.22 12.25
N ALA B 478 -3.01 8.05 13.30
CA ALA B 478 -3.37 6.73 13.73
C ALA B 478 -4.20 6.04 12.67
N LEU B 479 -5.06 6.81 12.02
CA LEU B 479 -5.89 6.32 10.91
C LEU B 479 -5.04 5.92 9.69
N ARG B 480 -3.97 6.67 9.39
CA ARG B 480 -3.05 6.25 8.35
C ARG B 480 -2.36 4.96 8.68
N VAL B 481 -1.90 4.83 9.93
CA VAL B 481 -1.22 3.60 10.31
C VAL B 481 -2.16 2.42 10.15
N LEU B 482 -3.40 2.62 10.61
CA LEU B 482 -4.43 1.64 10.59
C LEU B 482 -4.67 1.18 9.16
N VAL B 483 -4.82 2.13 8.26
CA VAL B 483 -5.06 1.81 6.87
C VAL B 483 -3.82 1.18 6.22
N THR B 484 -2.64 1.55 6.68
CA THR B 484 -1.41 0.93 6.20
C THR B 484 -1.34 -0.57 6.60
N LEU B 485 -1.71 -0.91 7.83
CA LEU B 485 -1.81 -2.30 8.28
C LEU B 485 -2.83 -3.09 7.49
N LEU B 486 -4.01 -2.50 7.35
CA LEU B 486 -5.12 -3.18 6.72
C LEU B 486 -4.76 -3.45 5.28
N ASP B 487 -4.17 -2.47 4.64
CA ASP B 487 -3.77 -2.63 3.24
C ASP B 487 -2.78 -3.75 3.10
N LYS B 488 -1.84 -3.89 4.02
CA LYS B 488 -0.88 -4.97 3.92
C LYS B 488 -1.60 -6.32 4.14
N ILE B 489 -2.54 -6.34 5.04
CA ILE B 489 -3.28 -7.53 5.36
C ILE B 489 -4.15 -7.97 4.19
N PHE B 490 -4.89 -7.02 3.61
CA PHE B 490 -5.75 -7.30 2.46
C PHE B 490 -4.94 -7.72 1.21
N ASP B 491 -3.93 -6.98 0.78
CA ASP B 491 -3.01 -7.51 -0.28
C ASP B 491 -2.69 -8.94 -0.06
N LYS B 492 -2.38 -9.28 1.17
CA LYS B 492 -1.90 -10.59 1.46
C LYS B 492 -3.07 -11.57 1.30
N LEU B 493 -4.27 -11.17 1.74
CA LEU B 493 -5.45 -12.02 1.55
C LEU B 493 -5.79 -12.28 0.10
N ASP B 494 -5.67 -11.27 -0.76
CA ASP B 494 -5.94 -11.42 -2.19
C ASP B 494 -4.86 -12.30 -2.82
N ASP B 495 -3.59 -12.05 -2.51
CA ASP B 495 -2.50 -12.94 -2.94
C ASP B 495 -2.70 -14.39 -2.47
N ASP B 496 -3.17 -14.65 -1.25
CA ASP B 496 -3.46 -16.03 -0.81
C ASP B 496 -4.58 -16.71 -1.59
N THR B 497 -5.40 -15.93 -2.30
CA THR B 497 -6.65 -16.44 -2.86
C THR B 497 -6.82 -16.13 -4.36
N ILE B 498 -5.75 -15.88 -5.09
CA ILE B 498 -5.85 -15.38 -6.48
C ILE B 498 -5.64 -16.46 -7.54
N GLN B 499 -5.31 -17.65 -7.11
CA GLN B 499 -4.98 -18.74 -8.01
C GLN B 499 -6.27 -19.48 -8.43
N ALA B 500 -6.64 -19.33 -9.69
CA ALA B 500 -7.96 -19.73 -10.19
C ALA B 500 -8.19 -21.23 -10.08
N GLY B 501 -9.37 -21.63 -9.58
CA GLY B 501 -9.71 -23.03 -9.37
C GLY B 501 -9.01 -23.79 -8.23
N VAL B 502 -8.02 -23.17 -7.60
CA VAL B 502 -7.27 -23.81 -6.49
C VAL B 502 -7.58 -23.03 -5.20
N THR B 503 -7.35 -21.70 -5.18
CA THR B 503 -7.56 -20.89 -3.96
C THR B 503 -8.58 -19.77 -4.04
N ASP B 504 -9.10 -19.53 -5.23
CA ASP B 504 -9.93 -18.36 -5.46
C ASP B 504 -11.38 -18.52 -5.05
N TYR B 505 -11.71 -19.65 -4.43
CA TYR B 505 -13.01 -19.75 -3.75
C TYR B 505 -13.21 -18.62 -2.71
N SER B 506 -12.12 -18.18 -2.07
CA SER B 506 -12.11 -17.12 -1.06
C SER B 506 -11.74 -15.75 -1.60
N PHE B 507 -11.73 -15.54 -2.92
CA PHE B 507 -11.33 -14.22 -3.53
C PHE B 507 -12.56 -13.29 -3.49
N ASP B 508 -12.91 -12.85 -2.28
CA ASP B 508 -14.12 -12.08 -2.12
C ASP B 508 -13.98 -10.70 -2.71
N LEU B 509 -15.04 -10.28 -3.36
CA LEU B 509 -15.15 -8.96 -3.86
C LEU B 509 -15.21 -7.98 -2.67
N THR B 510 -15.99 -8.30 -1.62
CA THR B 510 -16.18 -7.42 -0.46
C THR B 510 -15.50 -8.02 0.73
N ARG B 511 -14.70 -7.24 1.45
CA ARG B 511 -13.98 -7.72 2.64
C ARG B 511 -14.26 -6.96 3.94
N ASP C 6 -31.20 -0.51 36.90
CA ASP C 6 -30.41 -1.75 37.20
C ASP C 6 -31.29 -2.98 36.91
N LYS C 7 -32.52 -3.08 37.48
CA LYS C 7 -33.37 -4.30 37.36
C LYS C 7 -34.55 -4.19 36.32
N THR C 8 -34.82 -5.27 35.55
CA THR C 8 -36.04 -5.41 34.66
C THR C 8 -36.62 -6.84 34.57
N ASN C 9 -37.90 -6.87 34.17
CA ASN C 9 -38.62 -8.07 33.71
C ASN C 9 -38.60 -8.02 32.17
N ASP C 10 -37.98 -9.02 31.52
CA ASP C 10 -37.73 -9.02 30.08
C ASP C 10 -39.00 -9.10 29.23
N SER C 11 -39.90 -10.05 29.47
CA SER C 11 -41.19 -10.08 28.72
C SER C 11 -41.91 -8.72 28.70
N ALA C 12 -41.99 -8.10 29.88
CA ALA C 12 -42.74 -6.86 30.00
C ALA C 12 -41.97 -5.67 29.43
N PHE C 13 -40.64 -5.67 29.58
CA PHE C 13 -39.80 -4.64 28.98
C PHE C 13 -39.86 -4.71 27.45
N HIS C 14 -39.91 -5.92 26.90
CA HIS C 14 -40.04 -6.08 25.42
C HIS C 14 -41.41 -5.61 24.95
N ALA C 15 -42.46 -5.90 25.70
CA ALA C 15 -43.82 -5.43 25.36
C ALA C 15 -43.89 -3.90 25.43
N ARG C 16 -43.18 -3.31 26.39
CA ARG C 16 -43.08 -1.85 26.44
C ARG C 16 -42.39 -1.29 25.18
N LEU C 17 -41.28 -1.89 24.78
CA LEU C 17 -40.54 -1.46 23.59
C LEU C 17 -41.39 -1.55 22.34
N ILE C 18 -42.27 -2.55 22.29
CA ILE C 18 -43.24 -2.68 21.19
C ILE C 18 -44.23 -1.51 21.22
N ALA C 19 -44.75 -1.18 22.39
CA ALA C 19 -45.64 -0.06 22.53
C ALA C 19 -44.94 1.26 22.20
N GLU C 20 -43.68 1.43 22.62
CA GLU C 20 -42.96 2.67 22.34
C GLU C 20 -42.92 2.86 20.83
N VAL C 21 -42.41 1.87 20.09
CA VAL C 21 -42.24 2.03 18.66
C VAL C 21 -43.56 2.19 17.91
N LEU C 22 -44.61 1.48 18.33
CA LEU C 22 -45.90 1.65 17.68
C LEU C 22 -46.45 3.10 17.76
N GLU C 23 -46.13 3.82 18.84
CA GLU C 23 -46.52 5.24 19.01
C GLU C 23 -45.95 6.20 17.99
N ALA C 24 -44.82 5.84 17.41
CA ALA C 24 -44.17 6.69 16.42
C ALA C 24 -44.86 6.67 15.06
N TYR C 25 -45.73 5.68 14.80
CA TYR C 25 -46.33 5.53 13.46
C TYR C 25 -47.59 6.32 13.33
N PRO C 26 -47.90 6.78 12.10
CA PRO C 26 -49.28 7.21 11.88
C PRO C 26 -50.21 6.02 12.05
N ASP C 27 -51.48 6.28 12.31
CA ASP C 27 -52.45 5.23 12.69
C ASP C 27 -52.57 4.14 11.65
N LYS C 28 -52.49 4.48 10.37
CA LYS C 28 -52.64 3.47 9.33
C LYS C 28 -51.47 2.48 9.38
N ALA C 29 -50.26 3.01 9.42
CA ALA C 29 -49.10 2.15 9.50
C ALA C 29 -49.05 1.36 10.83
N ARG C 30 -49.45 2.01 11.93
CA ARG C 30 -49.50 1.35 13.26
C ARG C 30 -50.39 0.10 13.28
N LYS C 31 -51.58 0.17 12.68
CA LYS C 31 -52.49 -0.97 12.62
C LYS C 31 -51.88 -2.13 11.85
N ARG C 32 -51.22 -1.83 10.73
CA ARG C 32 -50.53 -2.86 9.96
C ARG C 32 -49.33 -3.43 10.75
N ARG C 33 -48.54 -2.58 11.43
CA ARG C 33 -47.35 -3.09 12.13
C ARG C 33 -47.61 -3.82 13.44
N GLN C 34 -48.73 -3.54 14.14
CA GLN C 34 -48.92 -4.06 15.52
C GLN C 34 -48.97 -5.59 15.55
N LYS C 35 -49.37 -6.19 14.44
CA LYS C 35 -49.46 -7.65 14.36
C LYS C 35 -48.14 -8.31 13.93
N HIS C 36 -47.10 -7.51 13.68
CA HIS C 36 -45.80 -8.07 13.36
C HIS C 36 -44.81 -8.05 14.53
N LEU C 37 -45.25 -7.60 15.69
CA LEU C 37 -44.38 -7.44 16.81
C LEU C 37 -45.04 -8.09 17.97
N ASN C 38 -44.29 -8.89 18.70
CA ASN C 38 -44.83 -9.59 19.85
C ASN C 38 -43.72 -10.16 20.67
N VAL C 39 -44.10 -10.63 21.83
CA VAL C 39 -43.22 -11.29 22.75
C VAL C 39 -43.66 -12.72 22.63
N ALA C 40 -42.70 -13.64 22.64
CA ALA C 40 -43.00 -15.07 22.62
C ALA C 40 -43.75 -15.47 23.88
N GLY C 41 -44.86 -16.21 23.71
CA GLY C 41 -45.77 -16.67 24.81
C GLY C 41 -45.32 -18.05 25.22
N GLN C 42 -46.19 -18.97 25.67
CA GLN C 42 -45.67 -20.26 26.15
C GLN C 42 -45.88 -21.60 25.38
N ALA C 43 -46.90 -21.77 24.50
CA ALA C 43 -46.96 -22.97 23.52
C ALA C 43 -48.36 -23.61 23.34
N GLY C 54 -38.73 -32.23 17.83
CA GLY C 54 -39.07 -32.42 19.23
C GLY C 54 -39.97 -31.33 19.88
N VAL C 55 -39.45 -30.73 20.96
CA VAL C 55 -40.18 -29.95 22.01
C VAL C 55 -40.40 -28.44 21.74
N MET C 56 -41.58 -27.87 22.08
CA MET C 56 -41.79 -26.40 21.97
C MET C 56 -41.46 -25.65 23.26
N LEU C 57 -40.38 -24.86 23.22
CA LEU C 57 -40.06 -23.81 24.20
C LEU C 57 -40.81 -22.62 23.65
N SER C 58 -41.85 -22.05 24.22
CA SER C 58 -42.48 -20.84 23.53
C SER C 58 -43.30 -20.89 22.21
N GLU C 59 -44.08 -19.82 21.99
CA GLU C 59 -44.88 -19.63 20.80
C GLU C 59 -44.64 -18.23 20.25
N CYS C 60 -44.25 -18.15 18.99
CA CYS C 60 -43.92 -16.86 18.38
C CYS C 60 -45.08 -16.50 17.46
N ASP C 61 -46.11 -15.87 18.03
CA ASP C 61 -47.35 -15.46 17.34
C ASP C 61 -47.26 -14.05 16.73
N VAL C 62 -47.03 -14.02 15.43
CA VAL C 62 -46.78 -12.80 14.73
C VAL C 62 -47.27 -13.05 13.31
N LYS C 63 -47.89 -12.04 12.71
CA LYS C 63 -48.33 -12.12 11.34
C LYS C 63 -47.10 -12.06 10.44
N SER C 64 -47.22 -12.59 9.21
CA SER C 64 -46.05 -12.66 8.36
C SER C 64 -46.38 -12.80 6.90
N ASN C 65 -45.35 -12.54 6.10
CA ASN C 65 -45.37 -12.72 4.69
C ASN C 65 -46.49 -11.93 4.02
N VAL C 66 -46.53 -10.64 4.30
CA VAL C 66 -47.45 -9.73 3.66
C VAL C 66 -46.73 -8.49 3.17
N LYS C 67 -47.43 -7.58 2.48
CA LYS C 67 -46.84 -6.33 1.94
C LYS C 67 -45.97 -5.68 3.07
N SER C 68 -44.81 -5.15 2.71
CA SER C 68 -44.15 -4.19 3.58
C SER C 68 -44.93 -2.88 3.51
N VAL C 69 -44.92 -2.12 4.59
CA VAL C 69 -45.55 -0.81 4.62
C VAL C 69 -44.66 0.22 3.92
N PRO C 70 -45.25 1.08 3.09
CA PRO C 70 -44.43 2.05 2.36
C PRO C 70 -43.73 3.06 3.23
N GLY C 71 -42.49 3.35 2.88
CA GLY C 71 -41.70 4.44 3.50
C GLY C 71 -41.09 4.19 4.86
N VAL C 72 -41.12 2.92 5.32
CA VAL C 72 -40.77 2.59 6.71
C VAL C 72 -39.34 2.10 6.90
N MET C 73 -38.62 1.91 5.79
CA MET C 73 -37.25 1.43 5.82
C MET C 73 -37.16 -0.03 6.21
N THR C 74 -37.96 -0.82 5.51
CA THR C 74 -37.84 -2.25 5.52
C THR C 74 -36.44 -2.67 5.08
N ILE C 75 -36.07 -3.86 5.52
CA ILE C 75 -34.78 -4.46 5.21
C ILE C 75 -34.90 -5.47 4.04
N ARG C 76 -36.13 -5.81 3.65
CA ARG C 76 -36.39 -6.80 2.60
C ARG C 76 -35.83 -6.44 1.24
N GLY C 77 -35.58 -7.49 0.48
CA GLY C 77 -35.20 -7.43 -0.92
C GLY C 77 -36.39 -7.83 -1.77
N CYS C 78 -36.11 -8.19 -3.02
CA CYS C 78 -37.17 -8.56 -3.93
C CYS C 78 -37.01 -9.98 -4.40
N ALA C 79 -37.98 -10.41 -5.19
CA ALA C 79 -37.99 -11.74 -5.79
C ALA C 79 -36.76 -12.05 -6.64
N TYR C 80 -36.16 -11.03 -7.24
CA TYR C 80 -34.94 -11.22 -8.03
C TYR C 80 -33.83 -11.64 -7.12
N ALA C 81 -33.78 -11.04 -5.94
CA ALA C 81 -32.77 -11.47 -4.96
C ALA C 81 -32.94 -12.95 -4.63
N GLY C 82 -34.16 -13.29 -4.21
CA GLY C 82 -34.56 -14.66 -3.93
C GLY C 82 -34.28 -15.65 -5.06
N SER C 83 -34.53 -15.25 -6.32
CA SER C 83 -34.25 -16.15 -7.46
C SER C 83 -32.79 -16.11 -7.95
N LYS C 84 -32.31 -14.95 -8.41
CA LYS C 84 -30.97 -14.86 -9.00
C LYS C 84 -29.92 -14.94 -7.89
N GLY C 85 -30.03 -14.05 -6.92
CA GLY C 85 -29.07 -13.98 -5.83
C GLY C 85 -28.97 -15.24 -5.00
N VAL C 86 -30.11 -15.88 -4.74
CA VAL C 86 -30.17 -16.94 -3.76
C VAL C 86 -30.13 -18.34 -4.38
N VAL C 87 -31.09 -18.65 -5.22
CA VAL C 87 -31.22 -20.00 -5.71
C VAL C 87 -30.34 -20.30 -6.94
N TRP C 88 -30.39 -19.41 -7.93
CA TRP C 88 -29.88 -19.68 -9.27
C TRP C 88 -28.42 -19.27 -9.44
N GLY C 89 -28.07 -18.04 -9.02
CA GLY C 89 -26.75 -17.44 -9.20
C GLY C 89 -25.59 -18.29 -8.72
N PRO C 90 -25.80 -19.09 -7.65
CA PRO C 90 -24.72 -19.99 -7.23
C PRO C 90 -24.44 -21.19 -8.15
N VAL C 91 -25.36 -21.56 -9.04
CA VAL C 91 -25.12 -22.71 -9.91
C VAL C 91 -23.96 -22.33 -10.81
N LYS C 92 -22.86 -23.08 -10.69
CA LYS C 92 -21.59 -22.57 -11.15
C LYS C 92 -21.40 -22.72 -12.62
N ASP C 93 -21.98 -23.75 -13.25
CA ASP C 93 -21.67 -23.95 -14.69
C ASP C 93 -22.74 -23.45 -15.63
N MET C 94 -23.58 -22.56 -15.13
CA MET C 94 -24.51 -21.78 -15.96
C MET C 94 -24.20 -20.29 -15.92
N VAL C 95 -24.53 -19.63 -17.02
CA VAL C 95 -24.50 -18.19 -17.13
C VAL C 95 -25.87 -17.69 -16.73
N HIS C 96 -25.92 -16.79 -15.78
CA HIS C 96 -27.16 -16.22 -15.30
C HIS C 96 -27.28 -14.79 -15.79
N ILE C 97 -28.26 -14.59 -16.69
CA ILE C 97 -28.50 -13.30 -17.31
C ILE C 97 -29.40 -12.52 -16.40
N SER C 98 -28.91 -11.39 -15.95
CA SER C 98 -29.72 -10.47 -15.23
C SER C 98 -30.42 -9.61 -16.33
N HIS C 99 -31.69 -9.93 -16.57
CA HIS C 99 -32.44 -9.49 -17.75
C HIS C 99 -33.29 -8.28 -17.44
N GLY C 100 -32.87 -7.15 -17.98
CA GLY C 100 -33.42 -5.83 -17.61
C GLY C 100 -32.26 -4.86 -17.52
N PRO C 101 -32.46 -3.73 -16.83
CA PRO C 101 -31.36 -2.77 -16.85
C PRO C 101 -30.21 -3.21 -15.94
N VAL C 102 -29.13 -2.45 -15.99
CA VAL C 102 -27.85 -2.83 -15.42
C VAL C 102 -27.82 -3.01 -13.90
N GLY C 103 -28.69 -2.28 -13.21
CA GLY C 103 -28.71 -2.18 -11.75
C GLY C 103 -28.64 -3.48 -10.97
N CYS C 104 -29.65 -4.33 -11.10
CA CYS C 104 -29.82 -5.46 -10.17
C CYS C 104 -28.61 -6.37 -10.25
N GLY C 105 -28.14 -6.64 -11.43
CA GLY C 105 -26.99 -7.49 -11.57
C GLY C 105 -25.68 -6.90 -11.12
N GLN C 106 -25.60 -5.58 -11.00
CA GLN C 106 -24.39 -4.92 -10.47
C GLN C 106 -24.39 -5.04 -8.93
N TYR C 107 -25.52 -4.69 -8.32
CA TYR C 107 -25.59 -4.71 -6.88
C TYR C 107 -25.40 -6.15 -6.37
N SER C 108 -25.98 -7.15 -7.07
CA SER C 108 -25.88 -8.56 -6.65
C SER C 108 -24.63 -9.27 -7.17
N TRP C 109 -23.74 -8.56 -7.83
CA TRP C 109 -22.53 -9.16 -8.33
C TRP C 109 -21.55 -9.47 -7.18
N SER C 110 -21.30 -10.77 -6.98
CA SER C 110 -20.31 -11.29 -6.06
C SER C 110 -20.51 -10.85 -4.61
N GLN C 111 -21.75 -10.65 -4.19
CA GLN C 111 -21.98 -10.14 -2.83
C GLN C 111 -22.41 -11.23 -1.89
N ARG C 112 -23.01 -12.27 -2.43
CA ARG C 112 -23.34 -13.43 -1.67
C ARG C 112 -22.20 -14.44 -1.78
N ARG C 113 -21.68 -14.85 -0.63
CA ARG C 113 -20.46 -15.65 -0.61
C ARG C 113 -20.79 -17.15 -0.75
N ASN C 114 -21.49 -17.46 -1.83
CA ASN C 114 -21.87 -18.83 -2.19
C ASN C 114 -20.72 -19.47 -2.96
N TYR C 115 -19.86 -20.09 -2.19
CA TYR C 115 -18.54 -20.42 -2.66
C TYR C 115 -18.59 -21.58 -3.63
N TYR C 116 -17.57 -21.66 -4.47
CA TYR C 116 -17.47 -22.69 -5.46
C TYR C 116 -16.03 -22.88 -5.91
N ILE C 117 -15.74 -24.07 -6.43
CA ILE C 117 -14.48 -24.34 -7.10
C ILE C 117 -14.71 -24.14 -8.60
N GLY C 118 -13.97 -23.22 -9.20
CA GLY C 118 -13.96 -23.11 -10.67
C GLY C 118 -12.96 -22.12 -11.26
N ASN C 119 -12.81 -22.19 -12.58
CA ASN C 119 -12.14 -21.09 -13.32
C ASN C 119 -13.21 -20.15 -13.77
N THR C 120 -13.26 -18.98 -13.17
CA THR C 120 -14.36 -18.09 -13.41
C THR C 120 -14.11 -17.37 -14.76
N GLY C 121 -15.14 -17.33 -15.61
CA GLY C 121 -15.05 -16.81 -17.00
C GLY C 121 -14.85 -17.89 -18.08
N VAL C 122 -14.47 -19.07 -17.63
CA VAL C 122 -14.04 -20.16 -18.48
C VAL C 122 -15.01 -21.35 -18.32
N ASP C 123 -15.01 -22.01 -17.16
CA ASP C 123 -15.95 -23.11 -16.84
C ASP C 123 -17.03 -22.83 -15.78
N SER C 124 -16.93 -21.68 -15.10
CA SER C 124 -17.97 -21.21 -14.19
C SER C 124 -18.12 -19.67 -14.21
N PHE C 125 -19.31 -19.22 -13.81
CA PHE C 125 -19.77 -17.88 -14.14
C PHE C 125 -20.45 -17.17 -12.98
N VAL C 126 -20.09 -17.52 -11.75
CA VAL C 126 -20.82 -17.07 -10.58
C VAL C 126 -20.54 -15.62 -10.23
N THR C 127 -19.26 -15.29 -10.11
CA THR C 127 -18.80 -14.00 -9.66
C THR C 127 -18.67 -13.03 -10.85
N MET C 128 -19.74 -12.94 -11.61
CA MET C 128 -19.76 -12.17 -12.83
C MET C 128 -21.13 -11.54 -12.96
N GLN C 129 -21.26 -10.48 -13.74
CA GLN C 129 -22.54 -9.95 -14.09
C GLN C 129 -22.69 -10.17 -15.57
N PHE C 130 -23.74 -10.89 -15.95
CA PHE C 130 -24.22 -10.95 -17.35
C PHE C 130 -25.54 -10.24 -17.37
N THR C 131 -25.66 -9.24 -18.23
CA THR C 131 -26.89 -8.45 -18.31
C THR C 131 -27.25 -8.02 -19.73
N SER C 132 -28.56 -7.85 -19.94
CA SER C 132 -29.09 -7.33 -21.20
C SER C 132 -29.05 -5.81 -21.25
N ASP C 133 -28.72 -5.17 -20.13
CA ASP C 133 -28.44 -3.74 -20.09
C ASP C 133 -29.49 -2.92 -20.85
N PHE C 134 -30.74 -3.15 -20.48
CA PHE C 134 -31.88 -2.51 -21.12
C PHE C 134 -31.68 -1.04 -21.28
N GLN C 135 -31.81 -0.54 -22.52
CA GLN C 135 -31.90 0.90 -22.83
C GLN C 135 -33.37 1.26 -23.04
N GLU C 136 -33.64 2.50 -23.44
CA GLU C 136 -35.02 2.92 -23.65
C GLU C 136 -35.66 2.20 -24.85
N LYS C 137 -34.90 2.04 -25.95
CA LYS C 137 -35.39 1.26 -27.12
C LYS C 137 -35.87 -0.13 -26.70
N ASP C 138 -35.15 -0.78 -25.77
CA ASP C 138 -35.55 -2.10 -25.22
C ASP C 138 -36.87 -2.06 -24.39
N ILE C 139 -37.13 -0.99 -23.65
CA ILE C 139 -38.40 -0.82 -22.95
C ILE C 139 -39.58 -0.59 -23.91
N VAL C 140 -39.30 0.11 -25.02
CA VAL C 140 -40.35 0.55 -25.94
C VAL C 140 -40.69 -0.58 -26.95
N PHE C 141 -39.69 -1.19 -27.57
CA PHE C 141 -39.87 -2.14 -28.63
C PHE C 141 -39.79 -3.59 -28.11
N GLY C 142 -39.58 -3.78 -26.81
CA GLY C 142 -39.40 -5.14 -26.23
C GLY C 142 -37.96 -5.60 -26.27
N GLY C 143 -37.64 -6.57 -25.41
CA GLY C 143 -36.30 -7.06 -25.26
C GLY C 143 -36.06 -8.49 -25.71
N ASP C 144 -37.07 -9.14 -26.27
CA ASP C 144 -36.88 -10.52 -26.71
C ASP C 144 -35.87 -10.69 -27.85
N LYS C 145 -35.88 -9.78 -28.82
CA LYS C 145 -34.89 -9.86 -29.92
C LYS C 145 -33.47 -9.68 -29.41
N LYS C 146 -33.32 -8.81 -28.41
CA LYS C 146 -32.09 -8.66 -27.66
C LYS C 146 -31.65 -9.91 -26.88
N LEU C 147 -32.58 -10.55 -26.20
CA LEU C 147 -32.29 -11.80 -25.49
C LEU C 147 -31.80 -12.84 -26.46
N GLU C 148 -32.42 -12.92 -27.63
CA GLU C 148 -32.03 -13.97 -28.62
C GLU C 148 -30.58 -13.78 -29.03
N LYS C 149 -30.24 -12.52 -29.30
CA LYS C 149 -28.89 -12.15 -29.70
C LYS C 149 -27.90 -12.44 -28.55
N ILE C 150 -28.34 -12.14 -27.32
CA ILE C 150 -27.53 -12.35 -26.13
C ILE C 150 -27.18 -13.80 -25.97
N ILE C 151 -28.17 -14.65 -26.18
CA ILE C 151 -27.95 -16.09 -25.95
C ILE C 151 -26.91 -16.60 -26.95
N ASP C 152 -26.98 -16.13 -28.20
CA ASP C 152 -26.01 -16.51 -29.22
C ASP C 152 -24.65 -16.10 -28.77
N GLU C 153 -24.55 -14.86 -28.27
CA GLU C 153 -23.29 -14.27 -27.85
C GLU C 153 -22.71 -14.99 -26.65
N ILE C 154 -23.55 -15.44 -25.73
CA ILE C 154 -23.09 -16.29 -24.64
C ILE C 154 -22.52 -17.63 -25.18
N ASP C 155 -23.30 -18.31 -26.01
CA ASP C 155 -22.87 -19.56 -26.68
C ASP C 155 -21.48 -19.46 -27.35
N GLU C 156 -21.21 -18.32 -28.00
CA GLU C 156 -19.93 -18.13 -28.67
C GLU C 156 -18.78 -17.93 -27.67
N LEU C 157 -18.98 -17.00 -26.73
CA LEU C 157 -17.92 -16.48 -25.86
C LEU C 157 -17.72 -17.25 -24.56
N PHE C 158 -18.74 -18.02 -24.16
CA PHE C 158 -18.66 -18.87 -22.97
C PHE C 158 -19.13 -20.27 -23.33
N PRO C 159 -18.37 -20.95 -24.19
CA PRO C 159 -18.82 -22.25 -24.72
C PRO C 159 -18.90 -23.39 -23.68
N LEU C 160 -18.15 -23.28 -22.60
CA LEU C 160 -18.23 -24.28 -21.55
C LEU C 160 -19.45 -24.16 -20.67
N ALA C 161 -20.23 -23.08 -20.81
CA ALA C 161 -21.48 -22.96 -20.03
C ALA C 161 -22.41 -24.08 -20.43
N LYS C 162 -22.76 -24.96 -19.49
CA LYS C 162 -23.72 -26.05 -19.76
C LYS C 162 -25.17 -25.57 -19.82
N GLY C 163 -25.43 -24.31 -19.47
CA GLY C 163 -26.77 -23.75 -19.60
C GLY C 163 -26.85 -22.29 -19.23
N ILE C 164 -28.02 -21.69 -19.42
CA ILE C 164 -28.25 -20.25 -19.22
C ILE C 164 -29.54 -20.07 -18.45
N SER C 165 -29.58 -19.12 -17.51
CA SER C 165 -30.87 -18.74 -16.91
C SER C 165 -31.15 -17.30 -17.23
N VAL C 166 -32.42 -16.98 -17.35
CA VAL C 166 -32.84 -15.64 -17.65
C VAL C 166 -33.56 -15.21 -16.39
N GLN C 167 -32.90 -14.32 -15.63
CA GLN C 167 -33.43 -13.79 -14.36
C GLN C 167 -34.10 -12.48 -14.64
N SER C 168 -35.42 -12.46 -14.59
CA SER C 168 -36.18 -11.29 -15.00
C SER C 168 -36.18 -10.21 -13.93
N GLU C 169 -35.78 -9.01 -14.33
CA GLU C 169 -35.84 -7.85 -13.48
C GLU C 169 -37.18 -7.14 -13.75
N CYS C 170 -37.49 -6.10 -12.99
CA CYS C 170 -38.86 -5.54 -12.97
C CYS C 170 -39.51 -5.28 -14.32
N PRO C 171 -38.82 -4.63 -15.28
CA PRO C 171 -39.49 -4.27 -16.53
C PRO C 171 -40.06 -5.40 -17.38
N ILE C 172 -39.48 -6.59 -17.28
CA ILE C 172 -39.72 -7.63 -18.28
C ILE C 172 -41.21 -7.97 -18.37
N GLY C 173 -41.81 -8.30 -17.23
CA GLY C 173 -43.23 -8.60 -17.15
C GLY C 173 -44.10 -7.42 -17.41
N LEU C 174 -43.64 -6.23 -17.05
CA LEU C 174 -44.42 -5.01 -17.26
C LEU C 174 -44.59 -4.63 -18.71
N ILE C 175 -43.64 -5.00 -19.55
CA ILE C 175 -43.71 -4.67 -20.98
C ILE C 175 -44.23 -5.82 -21.82
N GLY C 176 -44.61 -6.95 -21.21
CA GLY C 176 -45.14 -8.12 -21.94
C GLY C 176 -44.15 -8.86 -22.82
N ASP C 177 -42.86 -8.87 -22.47
CA ASP C 177 -41.87 -9.69 -23.16
C ASP C 177 -42.16 -11.17 -22.92
N ASP C 178 -41.93 -12.01 -23.94
CA ASP C 178 -42.14 -13.46 -23.86
C ASP C 178 -40.82 -14.26 -23.82
N ILE C 179 -40.22 -14.31 -22.62
CA ILE C 179 -38.92 -14.97 -22.46
C ILE C 179 -38.99 -16.47 -22.55
N GLU C 180 -40.18 -17.03 -22.28
CA GLU C 180 -40.39 -18.46 -22.40
C GLU C 180 -40.32 -18.93 -23.85
N ALA C 181 -40.96 -18.19 -24.77
CA ALA C 181 -40.83 -18.40 -26.25
C ALA C 181 -39.39 -18.44 -26.71
N VAL C 182 -38.62 -17.47 -26.20
CA VAL C 182 -37.21 -17.32 -26.52
C VAL C 182 -36.40 -18.50 -26.01
N SER C 183 -36.74 -18.97 -24.83
CA SER C 183 -35.99 -20.05 -24.17
C SER C 183 -36.22 -21.39 -24.88
N ARG C 184 -37.49 -21.69 -25.18
CA ARG C 184 -37.89 -22.81 -26.04
C ARG C 184 -37.18 -22.76 -27.39
N LYS C 185 -37.23 -21.60 -28.03
CA LYS C 185 -36.63 -21.44 -29.33
C LYS C 185 -35.11 -21.70 -29.27
N LYS C 186 -34.41 -21.02 -28.35
CA LYS C 186 -32.94 -21.12 -28.33
C LYS C 186 -32.40 -22.45 -27.75
N LYS C 187 -33.17 -23.16 -26.93
CA LYS C 187 -32.71 -24.46 -26.41
C LYS C 187 -32.53 -25.44 -27.57
N LYS C 188 -33.51 -25.45 -28.47
CA LYS C 188 -33.46 -26.20 -29.73
C LYS C 188 -32.24 -25.77 -30.55
N GLU C 189 -32.10 -24.46 -30.72
CA GLU C 189 -31.05 -23.90 -31.59
C GLU C 189 -29.65 -24.21 -31.11
N ILE C 190 -29.39 -24.09 -29.81
CA ILE C 190 -28.01 -24.32 -29.27
C ILE C 190 -27.78 -25.61 -28.44
N GLY C 191 -28.84 -26.37 -28.15
CA GLY C 191 -28.72 -27.62 -27.40
C GLY C 191 -28.17 -27.49 -25.99
N LYS C 192 -28.57 -26.45 -25.28
CA LYS C 192 -28.15 -26.22 -23.89
C LYS C 192 -29.39 -25.76 -23.17
N THR C 193 -29.55 -26.18 -21.91
CA THR C 193 -30.77 -25.85 -21.17
C THR C 193 -30.87 -24.34 -20.99
N ILE C 194 -32.07 -23.79 -21.18
CA ILE C 194 -32.34 -22.37 -20.92
C ILE C 194 -33.57 -22.27 -20.02
N VAL C 195 -33.36 -21.58 -18.89
CA VAL C 195 -34.32 -21.49 -17.82
C VAL C 195 -34.79 -20.03 -17.66
N PRO C 196 -36.01 -19.70 -18.15
CA PRO C 196 -36.55 -18.39 -17.94
C PRO C 196 -37.22 -18.34 -16.57
N VAL C 197 -36.89 -17.31 -15.79
CA VAL C 197 -37.44 -17.19 -14.46
C VAL C 197 -38.16 -15.83 -14.35
N ARG C 198 -39.40 -15.90 -13.89
CA ARG C 198 -40.23 -14.72 -13.75
C ARG C 198 -40.11 -14.17 -12.35
N CYS C 199 -38.90 -13.69 -12.03
CA CYS C 199 -38.57 -13.25 -10.66
C CYS C 199 -38.51 -11.74 -10.55
N GLU C 200 -39.27 -11.06 -11.41
CA GLU C 200 -39.35 -9.62 -11.41
C GLU C 200 -39.71 -9.10 -9.99
N GLY C 201 -39.09 -8.00 -9.59
CA GLY C 201 -39.20 -7.51 -8.20
C GLY C 201 -40.58 -7.10 -7.72
N PHE C 202 -41.44 -6.73 -8.68
CA PHE C 202 -42.83 -6.37 -8.38
C PHE C 202 -43.71 -7.58 -7.93
N ARG C 203 -43.27 -8.80 -8.22
CA ARG C 203 -43.98 -9.98 -7.79
C ARG C 203 -43.65 -10.21 -6.32
N GLY C 204 -44.67 -10.62 -5.58
CA GLY C 204 -44.51 -10.97 -4.19
C GLY C 204 -44.24 -9.77 -3.33
N VAL C 205 -43.67 -10.03 -2.15
CA VAL C 205 -43.49 -8.99 -1.15
C VAL C 205 -42.07 -8.97 -0.61
N SER C 206 -41.17 -9.73 -1.22
CA SER C 206 -39.91 -10.09 -0.55
C SER C 206 -39.11 -11.06 -1.41
N GLN C 207 -37.98 -11.51 -0.88
CA GLN C 207 -37.23 -12.58 -1.49
C GLN C 207 -38.05 -13.89 -1.58
N SER C 208 -38.99 -14.12 -0.66
CA SER C 208 -39.64 -15.44 -0.58
C SER C 208 -40.20 -15.93 -1.92
N LEU C 209 -41.03 -15.12 -2.57
CA LEU C 209 -41.64 -15.57 -3.83
C LEU C 209 -40.61 -15.90 -4.93
N GLY C 210 -39.51 -15.16 -4.96
CA GLY C 210 -38.37 -15.49 -5.76
C GLY C 210 -37.88 -16.91 -5.56
N HIS C 211 -37.85 -17.38 -4.31
CA HIS C 211 -37.57 -18.78 -4.04
C HIS C 211 -38.63 -19.69 -4.73
N HIS C 212 -39.94 -19.52 -4.39
CA HIS C 212 -40.99 -20.40 -4.96
C HIS C 212 -40.86 -20.39 -6.53
N ILE C 213 -40.74 -19.20 -7.11
CA ILE C 213 -40.67 -19.06 -8.56
C ILE C 213 -39.47 -19.81 -9.14
N ALA C 214 -38.33 -19.66 -8.50
CA ALA C 214 -37.09 -20.30 -8.90
C ALA C 214 -37.14 -21.83 -8.75
N ASN C 215 -37.83 -22.29 -7.70
CA ASN C 215 -37.96 -23.73 -7.45
C ASN C 215 -38.82 -24.35 -8.55
N ASP C 216 -39.90 -23.66 -8.89
CA ASP C 216 -40.81 -24.08 -9.92
C ASP C 216 -40.13 -24.00 -11.28
N ALA C 217 -39.20 -23.06 -11.47
CA ALA C 217 -38.41 -23.04 -12.70
C ALA C 217 -37.48 -24.24 -12.80
N ILE C 218 -36.95 -24.72 -11.68
CA ILE C 218 -36.13 -25.94 -11.72
C ILE C 218 -36.98 -27.11 -12.17
N ARG C 219 -38.10 -27.29 -11.52
CA ARG C 219 -39.07 -28.30 -11.89
C ARG C 219 -39.46 -28.25 -13.37
N ASP C 220 -39.85 -27.08 -13.84
CA ASP C 220 -40.41 -26.95 -15.19
C ASP C 220 -39.40 -26.98 -16.33
N TRP C 221 -38.16 -26.54 -16.11
CA TRP C 221 -37.12 -26.45 -17.20
C TRP C 221 -35.86 -27.31 -17.03
N VAL C 222 -35.72 -28.00 -15.88
CA VAL C 222 -34.61 -28.92 -15.66
C VAL C 222 -35.17 -30.33 -15.50
N PHE C 223 -36.00 -30.56 -14.49
CA PHE C 223 -36.65 -31.90 -14.30
C PHE C 223 -37.57 -32.35 -15.44
N ASP C 224 -38.24 -31.39 -16.06
CA ASP C 224 -39.14 -31.63 -17.18
C ASP C 224 -38.30 -31.80 -18.48
N GLY C 225 -37.66 -32.95 -18.64
CA GLY C 225 -36.85 -33.28 -19.83
C GLY C 225 -36.50 -34.79 -19.92
N GLU C 226 -35.57 -35.17 -20.82
CA GLU C 226 -35.19 -36.58 -21.15
C GLU C 226 -34.12 -37.27 -20.24
N ASP C 227 -34.06 -38.59 -20.33
CA ASP C 227 -32.95 -39.49 -19.85
C ASP C 227 -32.39 -39.17 -18.46
N LYS C 228 -31.49 -38.18 -18.29
CA LYS C 228 -30.34 -37.74 -19.12
C LYS C 228 -29.07 -38.31 -18.55
N HIS C 229 -29.19 -38.94 -17.38
CA HIS C 229 -28.04 -39.54 -16.70
C HIS C 229 -28.41 -40.99 -16.41
N ALA C 230 -29.05 -41.68 -17.35
CA ALA C 230 -29.43 -43.10 -17.13
C ALA C 230 -28.20 -43.96 -16.72
N ALA C 231 -26.99 -43.53 -17.12
CA ALA C 231 -25.73 -44.15 -16.69
C ALA C 231 -25.35 -44.07 -15.19
N PHE C 232 -26.05 -43.28 -14.38
CA PHE C 232 -25.64 -43.00 -13.00
C PHE C 232 -25.80 -44.22 -12.07
N GLU C 233 -24.72 -44.67 -11.43
CA GLU C 233 -24.79 -45.85 -10.53
C GLU C 233 -25.36 -45.32 -9.23
N THR C 234 -26.39 -45.93 -8.65
CA THR C 234 -26.89 -45.48 -7.35
C THR C 234 -26.43 -46.38 -6.16
N THR C 235 -26.57 -45.86 -4.94
CA THR C 235 -26.36 -46.61 -3.69
C THR C 235 -27.60 -46.46 -2.79
N PRO C 236 -27.75 -47.35 -1.78
CA PRO C 236 -28.86 -47.13 -0.82
C PRO C 236 -28.65 -45.90 0.09
N TYR C 237 -27.44 -45.34 0.06
CA TYR C 237 -27.04 -44.19 0.90
C TYR C 237 -26.95 -42.79 0.17
N ASP C 238 -27.60 -42.67 -0.99
CA ASP C 238 -27.56 -41.47 -1.79
C ASP C 238 -28.53 -40.44 -1.26
N VAL C 239 -28.02 -39.25 -0.96
CA VAL C 239 -28.89 -38.10 -0.61
C VAL C 239 -28.58 -36.86 -1.45
N ASN C 240 -29.56 -35.98 -1.55
CA ASN C 240 -29.29 -34.58 -1.92
C ASN C 240 -29.35 -33.71 -0.65
N VAL C 241 -28.39 -32.79 -0.54
CA VAL C 241 -28.46 -31.69 0.43
C VAL C 241 -29.13 -30.52 -0.27
N ILE C 242 -30.28 -30.10 0.21
CA ILE C 242 -31.13 -29.14 -0.47
C ILE C 242 -31.12 -27.89 0.39
N GLY C 243 -30.70 -26.76 -0.17
CA GLY C 243 -30.73 -25.50 0.55
C GLY C 243 -29.60 -25.22 1.55
N ASP C 244 -28.39 -25.49 1.11
CA ASP C 244 -27.22 -24.98 1.74
C ASP C 244 -26.41 -24.33 0.61
N TYR C 245 -26.27 -23.02 0.69
CA TYR C 245 -25.72 -22.25 -0.40
C TYR C 245 -24.25 -21.95 -0.22
N ASN C 246 -23.62 -22.67 0.71
CA ASN C 246 -22.18 -22.76 0.82
C ASN C 246 -21.54 -21.44 1.19
N ILE C 247 -22.17 -20.80 2.16
CA ILE C 247 -21.72 -19.48 2.53
C ILE C 247 -20.41 -19.67 3.25
N GLY C 248 -19.37 -19.08 2.67
CA GLY C 248 -18.04 -19.29 3.21
C GLY C 248 -17.64 -20.76 3.32
N GLY C 249 -18.15 -21.60 2.41
CA GLY C 249 -17.83 -22.99 2.46
C GLY C 249 -18.63 -23.81 3.44
N ASP C 250 -19.73 -23.27 3.98
CA ASP C 250 -20.68 -24.01 4.86
C ASP C 250 -21.08 -25.42 4.39
N ALA C 251 -21.28 -25.61 3.08
CA ALA C 251 -21.81 -26.86 2.56
C ALA C 251 -20.71 -27.86 2.41
N TRP C 252 -19.48 -27.38 2.31
CA TRP C 252 -18.35 -28.25 2.25
C TRP C 252 -18.09 -28.82 3.63
N SER C 253 -18.23 -27.98 4.66
CA SER C 253 -17.98 -28.46 6.01
C SER C 253 -19.17 -29.26 6.56
N SER C 254 -20.32 -29.12 5.88
CA SER C 254 -21.48 -30.00 6.12
C SER C 254 -21.30 -31.35 5.44
N ARG C 255 -20.79 -31.32 4.21
CA ARG C 255 -20.68 -32.51 3.38
C ARG C 255 -19.67 -33.50 3.95
N ILE C 256 -18.59 -33.02 4.52
CA ILE C 256 -17.56 -33.92 5.04
C ILE C 256 -18.12 -34.83 6.12
N LEU C 257 -19.04 -34.30 6.93
CA LEU C 257 -19.63 -35.03 8.02
C LEU C 257 -20.61 -36.04 7.50
N LEU C 258 -21.42 -35.64 6.51
CA LEU C 258 -22.39 -36.55 5.91
C LEU C 258 -21.67 -37.71 5.23
N GLU C 259 -20.63 -37.43 4.44
CA GLU C 259 -19.77 -38.46 3.85
C GLU C 259 -19.12 -39.39 4.92
N GLU C 260 -18.61 -38.80 5.99
CA GLU C 260 -17.95 -39.60 7.03
C GLU C 260 -18.88 -40.54 7.76
N MET C 261 -20.13 -40.14 7.87
CA MET C 261 -21.21 -40.93 8.43
C MET C 261 -21.59 -42.10 7.49
N GLY C 262 -21.19 -42.03 6.21
CA GLY C 262 -21.42 -43.07 5.21
C GLY C 262 -22.39 -42.75 4.10
N LEU C 263 -22.87 -41.51 4.00
CA LEU C 263 -23.77 -41.10 2.92
C LEU C 263 -23.01 -40.63 1.70
N ARG C 264 -23.71 -40.64 0.57
CA ARG C 264 -23.19 -40.09 -0.65
C ARG C 264 -24.05 -38.93 -1.09
N VAL C 265 -23.38 -37.82 -1.31
CA VAL C 265 -24.06 -36.59 -1.63
C VAL C 265 -24.09 -36.50 -3.16
N VAL C 266 -25.26 -36.79 -3.70
CA VAL C 266 -25.47 -36.71 -5.15
C VAL C 266 -25.33 -35.27 -5.65
N GLY C 267 -25.90 -34.36 -4.88
CA GLY C 267 -25.91 -32.94 -5.22
C GLY C 267 -26.18 -32.10 -3.97
N ASN C 268 -25.51 -30.96 -3.89
CA ASN C 268 -25.78 -29.98 -2.87
C ASN C 268 -26.40 -28.75 -3.57
N TRP C 269 -27.64 -28.42 -3.23
CA TRP C 269 -28.37 -27.33 -3.90
C TRP C 269 -28.32 -26.01 -3.07
N SER C 270 -27.83 -24.90 -3.62
CA SER C 270 -27.16 -24.83 -4.93
C SER C 270 -25.74 -24.31 -4.81
N GLY C 271 -25.20 -24.29 -3.60
CA GLY C 271 -23.80 -23.91 -3.41
C GLY C 271 -22.83 -24.92 -4.00
N ASP C 272 -21.90 -24.44 -4.80
CA ASP C 272 -20.93 -25.25 -5.53
C ASP C 272 -21.59 -26.25 -6.49
N ALA C 273 -22.87 -26.04 -6.83
CA ALA C 273 -23.64 -26.96 -7.65
C ALA C 273 -23.37 -26.76 -9.13
N THR C 274 -23.36 -27.89 -9.84
CA THR C 274 -23.44 -27.92 -11.28
C THR C 274 -24.84 -28.34 -11.71
N LEU C 275 -25.14 -28.09 -12.97
CA LEU C 275 -26.42 -28.40 -13.52
C LEU C 275 -26.62 -29.88 -13.52
N ALA C 276 -25.53 -30.60 -13.81
CA ALA C 276 -25.58 -32.08 -13.75
C ALA C 276 -26.07 -32.59 -12.36
N GLU C 277 -25.52 -32.04 -11.27
CA GLU C 277 -25.92 -32.45 -9.93
C GLU C 277 -27.41 -32.25 -9.67
N ILE C 278 -27.94 -31.12 -10.13
CA ILE C 278 -29.32 -30.75 -9.96
C ILE C 278 -30.19 -31.70 -10.78
N GLU C 279 -29.84 -31.86 -12.06
CA GLU C 279 -30.52 -32.80 -13.00
C GLU C 279 -30.74 -34.20 -12.41
N ARG C 280 -29.73 -34.71 -11.66
CA ARG C 280 -29.73 -36.02 -11.00
C ARG C 280 -30.47 -36.13 -9.69
N ALA C 281 -30.95 -35.02 -9.16
CA ALA C 281 -31.56 -35.08 -7.84
C ALA C 281 -32.67 -36.16 -7.73
N PRO C 282 -33.48 -36.35 -8.79
CA PRO C 282 -34.49 -37.42 -8.74
C PRO C 282 -34.01 -38.85 -8.50
N LYS C 283 -32.73 -39.12 -8.73
CA LYS C 283 -32.13 -40.46 -8.53
C LYS C 283 -31.77 -40.79 -7.08
N ALA C 284 -31.79 -39.79 -6.20
CA ALA C 284 -31.44 -40.01 -4.82
C ALA C 284 -32.56 -40.65 -4.01
N LYS C 285 -32.20 -41.14 -2.84
CA LYS C 285 -33.12 -41.80 -1.91
C LYS C 285 -33.79 -40.86 -0.92
N LEU C 286 -33.18 -39.70 -0.66
CA LEU C 286 -33.60 -38.81 0.42
C LEU C 286 -33.09 -37.38 0.26
N ASN C 287 -33.95 -36.42 0.57
CA ASN C 287 -33.57 -35.01 0.53
C ASN C 287 -33.35 -34.52 1.94
N LEU C 288 -32.11 -34.14 2.23
CA LEU C 288 -31.73 -33.44 3.48
C LEU C 288 -31.90 -31.93 3.27
N ILE C 289 -32.93 -31.35 3.85
CA ILE C 289 -33.21 -29.94 3.61
C ILE C 289 -32.71 -29.17 4.82
N HIS C 290 -31.79 -28.25 4.54
CA HIS C 290 -31.29 -27.33 5.55
C HIS C 290 -32.15 -26.08 5.50
N CYS C 291 -32.05 -25.29 4.43
CA CYS C 291 -32.90 -24.12 4.32
C CYS C 291 -34.26 -24.56 3.85
N TYR C 292 -35.09 -24.84 4.86
CA TYR C 292 -36.50 -25.14 4.66
C TYR C 292 -37.26 -24.10 3.76
N ARG C 293 -37.07 -22.83 4.07
CA ARG C 293 -37.80 -21.75 3.45
C ARG C 293 -37.57 -21.65 1.95
N SER C 294 -36.31 -21.64 1.54
CA SER C 294 -35.98 -21.38 0.12
C SER C 294 -36.33 -22.55 -0.80
N MET C 295 -36.36 -23.76 -0.26
CA MET C 295 -36.43 -24.97 -1.07
C MET C 295 -37.32 -26.14 -0.59
N ASN C 296 -38.25 -25.90 0.33
CA ASN C 296 -39.21 -26.95 0.65
C ASN C 296 -40.13 -27.22 -0.55
N TYR C 297 -40.33 -26.19 -1.37
CA TYR C 297 -41.22 -26.28 -2.54
C TYR C 297 -40.74 -27.41 -3.45
N ILE C 298 -39.47 -27.41 -3.85
CA ILE C 298 -38.96 -28.47 -4.73
C ILE C 298 -38.94 -29.85 -4.03
N CYS C 299 -38.79 -29.84 -2.72
CA CYS C 299 -38.76 -31.07 -1.94
C CYS C 299 -40.15 -31.67 -1.91
N ARG C 300 -41.18 -30.82 -1.86
CA ARG C 300 -42.56 -31.31 -1.90
C ARG C 300 -42.83 -31.89 -3.28
N HIS C 301 -42.38 -31.20 -4.33
CA HIS C 301 -42.51 -31.74 -5.68
C HIS C 301 -41.81 -33.10 -5.79
N MET C 302 -40.58 -33.17 -5.29
CA MET C 302 -39.84 -34.41 -5.33
C MET C 302 -40.48 -35.55 -4.52
N GLU C 303 -41.23 -35.27 -3.46
CA GLU C 303 -41.99 -36.36 -2.81
C GLU C 303 -43.20 -36.84 -3.63
N GLU C 304 -43.94 -35.92 -4.26
CA GLU C 304 -45.11 -36.31 -5.11
C GLU C 304 -44.70 -37.08 -6.38
N LYS C 305 -43.78 -36.53 -7.14
CA LYS C 305 -43.47 -37.04 -8.47
C LYS C 305 -42.57 -38.27 -8.44
N TYR C 306 -41.44 -38.17 -7.76
CA TYR C 306 -40.50 -39.29 -7.60
C TYR C 306 -40.90 -39.65 -6.19
N ASN C 307 -40.60 -40.79 -5.62
CA ASN C 307 -41.13 -40.93 -4.26
C ASN C 307 -40.01 -40.69 -3.29
N ILE C 308 -39.42 -39.50 -3.31
CA ILE C 308 -38.26 -39.16 -2.46
C ILE C 308 -38.66 -38.34 -1.20
N PRO C 309 -38.49 -38.93 0.01
CA PRO C 309 -38.91 -38.17 1.17
C PRO C 309 -37.87 -37.10 1.49
N TRP C 310 -38.32 -36.07 2.20
CA TRP C 310 -37.44 -35.05 2.76
C TRP C 310 -37.44 -35.03 4.31
N THR C 311 -36.34 -34.54 4.86
CA THR C 311 -36.20 -34.33 6.30
C THR C 311 -35.46 -33.01 6.55
N GLU C 312 -35.90 -32.27 7.57
CA GLU C 312 -35.17 -31.07 8.04
C GLU C 312 -34.02 -31.40 8.97
N TYR C 313 -32.88 -30.79 8.73
CA TYR C 313 -31.77 -30.90 9.66
C TYR C 313 -31.24 -29.50 9.96
N ASN C 314 -30.16 -29.44 10.75
CA ASN C 314 -29.54 -28.20 11.22
C ASN C 314 -28.11 -28.49 11.68
N PHE C 315 -27.16 -27.75 11.13
CA PHE C 315 -25.75 -28.03 11.34
C PHE C 315 -25.04 -26.85 12.04
N PHE C 316 -25.81 -26.05 12.76
CA PHE C 316 -25.27 -24.96 13.55
C PHE C 316 -25.09 -25.43 14.95
N GLY C 317 -23.85 -25.74 15.29
CA GLY C 317 -23.45 -26.02 16.66
C GLY C 317 -23.55 -27.49 16.96
N PRO C 318 -22.80 -27.94 17.98
CA PRO C 318 -22.69 -29.37 18.28
C PRO C 318 -23.98 -30.08 18.75
N SER C 319 -24.85 -29.43 19.50
CA SER C 319 -26.15 -30.03 19.86
C SER C 319 -26.91 -30.40 18.62
N GLN C 320 -27.14 -29.42 17.75
CA GLN C 320 -27.92 -29.63 16.54
C GLN C 320 -27.26 -30.59 15.57
N ILE C 321 -25.94 -30.53 15.43
CA ILE C 321 -25.23 -31.42 14.53
C ILE C 321 -25.36 -32.86 15.01
N ALA C 322 -25.15 -33.09 16.29
CA ALA C 322 -25.36 -34.41 16.82
C ALA C 322 -26.79 -34.90 16.59
N ALA C 323 -27.77 -34.06 16.93
CA ALA C 323 -29.18 -34.44 16.79
C ALA C 323 -29.55 -34.70 15.31
N SER C 324 -28.93 -33.92 14.43
CA SER C 324 -29.17 -34.01 13.02
C SER C 324 -28.56 -35.26 12.45
N LEU C 325 -27.27 -35.48 12.72
CA LEU C 325 -26.62 -36.74 12.28
C LEU C 325 -27.46 -38.00 12.73
N ARG C 326 -27.90 -38.03 13.98
CA ARG C 326 -28.70 -39.13 14.48
C ARG C 326 -30.08 -39.29 13.85
N LYS C 327 -30.76 -38.18 13.67
CA LYS C 327 -32.09 -38.15 13.06
C LYS C 327 -32.06 -38.70 11.63
N ILE C 328 -31.07 -38.22 10.85
CA ILE C 328 -30.84 -38.61 9.46
C ILE C 328 -30.45 -40.09 9.39
N ALA C 329 -29.56 -40.53 10.27
CA ALA C 329 -29.08 -41.91 10.27
C ALA C 329 -30.19 -42.88 10.65
N ALA C 330 -31.05 -42.49 11.58
CA ALA C 330 -32.19 -43.29 11.94
C ALA C 330 -33.07 -43.60 10.69
N LEU C 331 -33.05 -42.75 9.66
CA LEU C 331 -33.81 -43.03 8.43
C LEU C 331 -33.22 -44.15 7.55
N PHE C 332 -31.97 -44.55 7.80
CA PHE C 332 -31.32 -45.60 7.03
C PHE C 332 -31.25 -46.95 7.81
N ASP C 333 -30.04 -47.37 8.24
CA ASP C 333 -29.83 -48.61 8.95
C ASP C 333 -28.70 -48.52 10.01
N GLU C 334 -28.54 -49.60 10.81
CA GLU C 334 -27.46 -49.80 11.82
C GLU C 334 -26.12 -49.25 11.40
N LYS C 335 -25.70 -49.55 10.17
CA LYS C 335 -24.40 -49.16 9.66
C LYS C 335 -24.26 -47.61 9.64
N ILE C 336 -25.26 -46.90 9.09
CA ILE C 336 -25.25 -45.43 9.09
C ILE C 336 -25.42 -44.87 10.51
N GLN C 337 -26.18 -45.54 11.38
CA GLN C 337 -26.30 -45.06 12.78
C GLN C 337 -24.98 -45.12 13.51
N GLU C 338 -24.19 -46.16 13.23
CA GLU C 338 -22.90 -46.33 13.86
C GLU C 338 -21.97 -45.21 13.37
N GLY C 339 -22.01 -44.89 12.08
CA GLY C 339 -21.21 -43.81 11.50
C GLY C 339 -21.50 -42.48 12.17
N ALA C 340 -22.79 -42.24 12.48
CA ALA C 340 -23.21 -40.99 13.15
C ALA C 340 -22.44 -40.85 14.44
N GLU C 341 -22.54 -41.87 15.27
CA GLU C 341 -21.85 -41.93 16.55
C GLU C 341 -20.37 -41.81 16.37
N ARG C 342 -19.81 -42.43 15.34
CA ARG C 342 -18.37 -42.26 15.06
C ARG C 342 -17.98 -40.84 14.71
N VAL C 343 -18.83 -40.15 13.94
CA VAL C 343 -18.59 -38.75 13.59
C VAL C 343 -18.73 -37.87 14.85
N ILE C 344 -19.82 -38.03 15.59
CA ILE C 344 -19.99 -37.34 16.87
C ILE C 344 -18.83 -37.61 17.83
N ALA C 345 -18.35 -38.84 17.88
CA ALA C 345 -17.21 -39.17 18.78
C ALA C 345 -15.91 -38.58 18.28
N LYS C 346 -15.67 -38.66 16.98
CA LYS C 346 -14.46 -38.11 16.36
C LYS C 346 -14.28 -36.62 16.64
N TYR C 347 -15.37 -35.87 16.59
CA TYR C 347 -15.29 -34.42 16.70
C TYR C 347 -15.44 -33.90 18.14
N GLN C 348 -15.63 -34.80 19.09
CA GLN C 348 -15.85 -34.40 20.48
C GLN C 348 -14.66 -33.63 21.04
N PRO C 349 -13.42 -34.07 20.76
CA PRO C 349 -12.30 -33.30 21.33
C PRO C 349 -12.29 -31.86 20.84
N LEU C 350 -12.63 -31.65 19.58
CA LEU C 350 -12.75 -30.32 19.01
C LEU C 350 -13.86 -29.53 19.71
N VAL C 351 -15.05 -30.09 19.76
CA VAL C 351 -16.18 -29.43 20.43
C VAL C 351 -15.79 -29.04 21.85
N ASP C 352 -15.19 -29.97 22.57
CA ASP C 352 -14.75 -29.76 23.97
C ASP C 352 -13.73 -28.61 24.05
N ALA C 353 -12.75 -28.61 23.14
CA ALA C 353 -11.74 -27.57 23.09
C ALA C 353 -12.33 -26.14 22.80
N VAL C 354 -13.30 -26.07 21.90
CA VAL C 354 -13.96 -24.83 21.58
C VAL C 354 -14.72 -24.34 22.80
N ILE C 355 -15.51 -25.24 23.38
CA ILE C 355 -16.35 -24.87 24.50
C ILE C 355 -15.47 -24.40 25.65
N GLU C 356 -14.35 -25.07 25.91
CA GLU C 356 -13.51 -24.71 27.04
C GLU C 356 -12.86 -23.38 26.77
N LYS C 357 -12.47 -23.11 25.53
CA LYS C 357 -11.80 -21.84 25.21
C LYS C 357 -12.73 -20.65 25.23
N PHE C 358 -13.91 -20.83 24.63
CA PHE C 358 -14.76 -19.69 24.33
C PHE C 358 -16.01 -19.55 25.18
N ARG C 359 -16.57 -20.63 25.75
CA ARG C 359 -17.79 -20.49 26.58
C ARG C 359 -17.57 -19.62 27.81
N PRO C 360 -16.41 -19.74 28.50
CA PRO C 360 -16.16 -18.78 29.60
C PRO C 360 -16.22 -17.31 29.19
N ARG C 361 -15.84 -17.03 27.95
CA ARG C 361 -15.72 -15.68 27.45
C ARG C 361 -17.03 -15.10 26.90
N LEU C 362 -18.00 -15.99 26.66
CA LEU C 362 -19.28 -15.64 26.07
C LEU C 362 -20.53 -15.99 26.90
N ALA C 363 -20.42 -16.91 27.83
CA ALA C 363 -21.57 -17.29 28.64
C ALA C 363 -22.21 -16.09 29.34
N GLY C 364 -23.55 -16.08 29.37
CA GLY C 364 -24.31 -15.03 30.03
C GLY C 364 -24.62 -13.83 29.14
N LYS C 365 -24.13 -13.84 27.91
CA LYS C 365 -24.29 -12.70 27.00
C LYS C 365 -25.55 -12.83 26.15
N LYS C 366 -26.15 -11.68 25.86
CA LYS C 366 -27.49 -11.58 25.30
C LYS C 366 -27.31 -11.17 23.86
N VAL C 367 -28.06 -11.82 22.96
CA VAL C 367 -27.93 -11.64 21.53
C VAL C 367 -29.27 -11.26 20.92
N MET C 368 -29.26 -10.33 19.98
CA MET C 368 -30.41 -10.08 19.16
C MET C 368 -30.10 -10.51 17.75
N LEU C 369 -31.09 -11.03 17.04
CA LEU C 369 -30.87 -11.53 15.68
C LEU C 369 -31.91 -10.97 14.77
N TYR C 370 -31.53 -10.84 13.49
CA TYR C 370 -32.46 -10.53 12.41
C TYR C 370 -31.87 -10.95 11.10
N VAL C 371 -32.47 -11.94 10.48
CA VAL C 371 -31.98 -12.46 9.20
C VAL C 371 -33.18 -12.73 8.33
N GLY C 372 -33.04 -13.58 7.31
CA GLY C 372 -34.06 -13.69 6.26
C GLY C 372 -35.25 -14.62 6.51
N GLY C 373 -34.97 -15.90 6.44
CA GLY C 373 -35.99 -16.94 6.47
C GLY C 373 -35.60 -18.23 7.17
N LEU C 374 -34.35 -18.36 7.60
CA LEU C 374 -33.93 -19.56 8.28
C LEU C 374 -33.07 -19.29 9.48
N ARG C 375 -31.95 -18.61 9.28
CA ARG C 375 -31.00 -18.36 10.35
C ARG C 375 -31.55 -17.71 11.62
N PRO C 376 -32.64 -16.92 11.56
CA PRO C 376 -33.14 -16.32 12.82
C PRO C 376 -33.54 -17.31 13.90
N ARG C 377 -33.88 -18.55 13.52
CA ARG C 377 -34.03 -19.66 14.49
C ARG C 377 -32.86 -20.63 14.49
N HIS C 378 -32.25 -20.87 13.35
CA HIS C 378 -31.36 -22.02 13.14
C HIS C 378 -30.02 -21.89 13.86
N VAL C 379 -29.57 -20.66 14.05
CA VAL C 379 -28.28 -20.42 14.74
C VAL C 379 -28.43 -20.41 16.27
N VAL C 380 -29.67 -20.34 16.77
CA VAL C 380 -29.87 -20.10 18.20
C VAL C 380 -29.17 -21.16 19.07
N ASN C 381 -29.34 -22.41 18.70
CA ASN C 381 -28.78 -23.48 19.48
C ASN C 381 -27.27 -23.45 19.60
N ALA C 382 -26.58 -22.98 18.56
CA ALA C 382 -25.13 -22.81 18.58
C ALA C 382 -24.71 -21.69 19.54
N TYR C 383 -25.50 -20.62 19.60
CA TYR C 383 -25.29 -19.56 20.60
C TYR C 383 -25.48 -20.13 22.03
N ASN C 384 -26.47 -20.98 22.23
CA ASN C 384 -26.69 -21.63 23.52
C ASN C 384 -25.57 -22.58 23.85
N ASP C 385 -24.99 -23.26 22.87
CA ASP C 385 -23.85 -24.15 23.16
C ASP C 385 -22.64 -23.41 23.70
N LEU C 386 -22.58 -22.09 23.47
CA LEU C 386 -21.60 -21.18 24.08
C LEU C 386 -22.13 -20.33 25.25
N GLY C 387 -23.34 -20.65 25.76
CA GLY C 387 -23.91 -20.01 26.96
C GLY C 387 -24.60 -18.68 26.72
N MET C 388 -24.82 -18.37 25.46
CA MET C 388 -25.37 -17.09 25.07
C MET C 388 -26.86 -17.28 24.88
N GLU C 389 -27.66 -16.28 25.24
CA GLU C 389 -29.12 -16.30 25.12
C GLU C 389 -29.55 -15.35 24.04
N ILE C 390 -30.61 -15.72 23.34
CA ILE C 390 -31.22 -14.93 22.29
C ILE C 390 -32.41 -14.21 22.91
N VAL C 391 -32.32 -12.90 22.99
CA VAL C 391 -33.38 -12.09 23.60
C VAL C 391 -34.32 -11.44 22.60
N GLY C 392 -33.94 -11.46 21.33
CA GLY C 392 -34.76 -10.95 20.24
C GLY C 392 -34.38 -11.60 18.92
N THR C 393 -35.38 -12.01 18.15
CA THR C 393 -35.13 -12.56 16.83
C THR C 393 -36.29 -12.24 15.93
N GLY C 394 -36.10 -12.49 14.65
CA GLY C 394 -37.05 -12.03 13.67
C GLY C 394 -36.61 -12.36 12.27
N TYR C 395 -37.57 -12.41 11.35
CA TYR C 395 -37.30 -12.78 9.96
C TYR C 395 -37.72 -11.65 9.03
N GLU C 396 -36.87 -11.32 8.04
CA GLU C 396 -37.27 -10.49 6.89
C GLU C 396 -38.54 -11.02 6.21
N PHE C 397 -38.56 -12.32 5.85
CA PHE C 397 -39.58 -12.88 4.94
C PHE C 397 -40.00 -14.28 5.35
N GLY C 398 -39.96 -14.56 6.64
CA GLY C 398 -40.46 -15.82 7.13
C GLY C 398 -41.96 -15.93 6.88
N HIS C 399 -42.43 -17.16 6.80
CA HIS C 399 -43.86 -17.48 6.71
C HIS C 399 -44.31 -17.99 8.05
N ASN C 400 -45.62 -18.10 8.17
CA ASN C 400 -46.18 -18.64 9.37
C ASN C 400 -45.49 -19.96 9.84
N ASP C 401 -45.21 -20.86 8.91
CA ASP C 401 -44.52 -22.08 9.28
C ASP C 401 -43.06 -21.89 9.77
N ASP C 402 -42.41 -20.77 9.46
CA ASP C 402 -41.08 -20.47 10.05
C ASP C 402 -41.21 -19.97 11.51
N TYR C 403 -42.23 -19.18 11.77
CA TYR C 403 -42.50 -18.73 13.13
C TYR C 403 -42.93 -19.85 14.05
N GLN C 404 -43.78 -20.75 13.54
CA GLN C 404 -44.13 -22.01 14.21
C GLN C 404 -42.85 -22.74 14.70
N ARG C 405 -41.92 -22.95 13.79
CA ARG C 405 -40.68 -23.66 14.09
C ARG C 405 -39.71 -22.88 15.00
N THR C 406 -39.89 -21.56 15.08
CA THR C 406 -39.05 -20.73 15.90
C THR C 406 -39.23 -21.05 17.36
N GLY C 407 -40.43 -21.48 17.74
CA GLY C 407 -40.72 -21.90 19.08
C GLY C 407 -40.01 -23.17 19.51
N HIS C 408 -39.45 -23.98 18.61
CA HIS C 408 -38.56 -25.07 19.03
C HIS C 408 -37.24 -24.52 19.57
N TYR C 409 -36.92 -23.24 19.31
CA TYR C 409 -35.59 -22.67 19.63
C TYR C 409 -35.52 -21.52 20.65
N VAL C 410 -36.47 -20.58 20.62
CA VAL C 410 -36.41 -19.44 21.54
C VAL C 410 -37.29 -19.60 22.80
N ARG C 411 -36.82 -19.05 23.92
CA ARG C 411 -37.49 -19.13 25.22
C ARG C 411 -38.65 -18.13 25.22
N GLU C 412 -39.61 -18.34 26.11
CA GLU C 412 -40.69 -17.39 26.34
C GLU C 412 -40.12 -16.03 26.73
N GLY C 413 -40.71 -14.93 26.26
CA GLY C 413 -40.19 -13.59 26.58
C GLY C 413 -39.23 -12.97 25.56
N THR C 414 -38.71 -13.81 24.67
CA THR C 414 -38.00 -13.35 23.49
C THR C 414 -38.90 -12.39 22.65
N LEU C 415 -38.33 -11.23 22.34
CA LEU C 415 -38.98 -10.24 21.53
C LEU C 415 -38.91 -10.76 20.11
N ILE C 416 -40.06 -10.76 19.43
CA ILE C 416 -40.17 -11.27 18.05
C ILE C 416 -40.66 -10.16 17.15
N TYR C 417 -40.01 -9.97 15.99
CA TYR C 417 -40.34 -8.92 15.04
C TYR C 417 -40.26 -9.42 13.58
N ASP C 418 -41.40 -9.38 12.88
CA ASP C 418 -41.45 -9.78 11.46
C ASP C 418 -41.33 -8.55 10.58
N ASP C 419 -40.53 -8.69 9.53
CA ASP C 419 -40.25 -7.60 8.59
C ASP C 419 -40.11 -6.30 9.38
N VAL C 420 -39.13 -6.29 10.28
CA VAL C 420 -38.93 -5.17 11.17
C VAL C 420 -38.47 -3.92 10.39
N THR C 421 -38.78 -2.74 10.92
CA THR C 421 -38.41 -1.45 10.28
C THR C 421 -37.12 -0.92 10.90
N GLY C 422 -36.42 -0.07 10.15
CA GLY C 422 -35.21 0.56 10.69
C GLY C 422 -35.51 1.21 12.04
N TYR C 423 -36.58 2.00 12.07
CA TYR C 423 -37.03 2.66 13.29
C TYR C 423 -37.18 1.69 14.46
N GLU C 424 -38.07 0.70 14.28
CA GLU C 424 -38.31 -0.33 15.31
C GLU C 424 -37.01 -1.01 15.72
N LEU C 425 -36.19 -1.43 14.77
CA LEU C 425 -35.01 -2.22 15.14
C LEU C 425 -34.00 -1.37 15.90
N GLU C 426 -33.80 -0.11 15.49
CA GLU C 426 -32.92 0.82 16.22
C GLU C 426 -33.44 1.01 17.62
N LYS C 427 -34.73 1.24 17.80
CA LYS C 427 -35.28 1.42 19.14
C LYS C 427 -35.19 0.17 20.02
N PHE C 428 -35.31 -1.03 19.44
CA PHE C 428 -35.19 -2.26 20.20
C PHE C 428 -33.76 -2.54 20.61
N ILE C 429 -32.81 -2.27 19.71
CA ILE C 429 -31.40 -2.40 20.06
C ILE C 429 -30.96 -1.37 21.11
N GLU C 430 -31.34 -0.10 20.95
CA GLU C 430 -31.06 0.94 21.98
C GLU C 430 -31.61 0.57 23.36
N GLY C 431 -32.79 -0.03 23.38
CA GLY C 431 -33.48 -0.34 24.60
C GLY C 431 -32.88 -1.55 25.28
N ILE C 432 -32.75 -2.64 24.55
CA ILE C 432 -32.25 -3.90 25.12
C ILE C 432 -30.74 -3.89 25.43
N ARG C 433 -29.98 -3.06 24.70
CA ARG C 433 -28.50 -3.08 24.64
C ARG C 433 -27.92 -4.49 24.78
N PRO C 434 -28.17 -5.36 23.78
CA PRO C 434 -27.62 -6.69 23.90
C PRO C 434 -26.13 -6.61 23.83
N ASP C 435 -25.49 -7.72 24.15
CA ASP C 435 -24.06 -7.85 24.03
C ASP C 435 -23.61 -8.06 22.57
N LEU C 436 -24.51 -8.54 21.73
CA LEU C 436 -24.23 -8.82 20.34
C LEU C 436 -25.50 -8.61 19.54
N VAL C 437 -25.34 -8.10 18.32
CA VAL C 437 -26.40 -8.18 17.31
C VAL C 437 -25.87 -8.98 16.11
N GLY C 438 -26.70 -9.90 15.63
CA GLY C 438 -26.46 -10.69 14.42
C GLY C 438 -27.49 -10.36 13.34
N SER C 439 -27.07 -9.58 12.36
CA SER C 439 -27.94 -9.26 11.24
C SER C 439 -27.13 -8.93 9.99
N GLY C 440 -27.63 -8.06 9.12
CA GLY C 440 -27.00 -7.86 7.80
C GLY C 440 -26.23 -6.60 7.64
N ILE C 441 -25.77 -6.38 6.41
CA ILE C 441 -24.87 -5.29 6.11
C ILE C 441 -25.47 -3.91 6.39
N LYS C 442 -26.78 -3.78 6.19
CA LYS C 442 -27.44 -2.47 6.36
C LYS C 442 -27.72 -2.17 7.82
N GLU C 443 -27.59 -3.18 8.68
CA GLU C 443 -27.79 -3.02 10.11
C GLU C 443 -26.46 -2.83 10.83
N LYS C 444 -25.37 -3.37 10.27
CA LYS C 444 -24.06 -3.46 10.96
C LYS C 444 -23.55 -2.17 11.54
N TYR C 445 -23.46 -1.15 10.70
CA TYR C 445 -22.66 -0.02 11.04
C TYR C 445 -23.37 0.87 12.08
N PRO C 446 -24.69 1.09 11.94
CA PRO C 446 -25.37 1.85 12.99
C PRO C 446 -25.22 1.23 14.36
N VAL C 447 -25.35 -0.09 14.41
CA VAL C 447 -25.26 -0.84 15.67
C VAL C 447 -23.88 -0.70 16.30
N GLN C 448 -22.83 -0.86 15.52
CA GLN C 448 -21.45 -0.61 16.03
C GLN C 448 -21.27 0.82 16.56
N LYS C 449 -21.83 1.79 15.85
CA LYS C 449 -21.82 3.18 16.29
C LYS C 449 -22.46 3.42 17.66
N MET C 450 -23.45 2.60 17.99
CA MET C 450 -24.09 2.64 19.28
C MET C 450 -23.25 2.02 20.36
N GLY C 451 -22.04 1.55 20.07
CA GLY C 451 -21.20 0.90 21.04
C GLY C 451 -21.52 -0.58 21.26
N ILE C 452 -22.26 -1.20 20.32
CA ILE C 452 -22.73 -2.59 20.46
C ILE C 452 -22.05 -3.49 19.39
N PRO C 453 -21.40 -4.60 19.83
CA PRO C 453 -20.80 -5.53 18.88
C PRO C 453 -21.78 -6.13 17.92
N PHE C 454 -21.29 -6.40 16.72
CA PHE C 454 -22.17 -6.85 15.64
C PHE C 454 -21.43 -7.84 14.77
N ARG C 455 -22.08 -8.95 14.45
CA ARG C 455 -21.55 -9.88 13.50
C ARG C 455 -22.60 -10.17 12.43
N GLN C 456 -22.19 -10.08 11.19
CA GLN C 456 -23.07 -10.28 10.07
C GLN C 456 -23.50 -11.76 10.06
N MET C 457 -24.80 -11.98 10.03
CA MET C 457 -25.35 -13.32 10.02
C MET C 457 -25.80 -13.74 8.64
N HIS C 458 -25.50 -12.95 7.61
CA HIS C 458 -25.69 -13.41 6.25
C HIS C 458 -24.34 -13.79 5.69
N SER C 459 -23.44 -12.82 5.54
CA SER C 459 -22.14 -13.04 4.92
C SER C 459 -21.11 -13.64 5.86
N TRP C 460 -21.52 -13.91 7.11
CA TRP C 460 -20.59 -14.24 8.18
C TRP C 460 -19.46 -13.22 8.36
N ASP C 461 -19.69 -11.99 7.98
CA ASP C 461 -18.65 -10.95 8.07
C ASP C 461 -17.35 -11.39 7.39
N TYR C 462 -17.48 -12.07 6.23
CA TYR C 462 -16.36 -12.42 5.36
C TYR C 462 -15.51 -13.52 5.96
N SER C 463 -16.08 -14.22 6.95
CA SER C 463 -15.48 -15.36 7.63
C SER C 463 -16.31 -16.63 7.33
N GLY C 464 -16.21 -17.64 8.19
CA GLY C 464 -16.91 -18.89 7.97
C GLY C 464 -15.94 -20.02 7.63
N PRO C 465 -16.42 -21.25 7.50
CA PRO C 465 -17.86 -21.57 7.52
C PRO C 465 -18.33 -21.61 8.94
N TYR C 466 -19.64 -21.54 9.16
CA TYR C 466 -20.20 -21.81 10.48
C TYR C 466 -20.92 -23.17 10.61
N HIS C 467 -21.27 -23.83 9.50
CA HIS C 467 -21.96 -25.11 9.53
C HIS C 467 -20.97 -26.16 9.96
N GLY C 468 -21.45 -27.21 10.64
CA GLY C 468 -20.61 -28.35 10.99
C GLY C 468 -19.62 -28.05 12.10
N TYR C 469 -18.76 -29.01 12.36
CA TYR C 469 -17.90 -28.95 13.53
C TYR C 469 -16.74 -27.99 13.29
N ASP C 470 -16.12 -28.09 12.11
CA ASP C 470 -15.05 -27.15 11.70
C ASP C 470 -15.57 -25.74 11.66
N GLY C 471 -16.87 -25.59 11.37
CA GLY C 471 -17.55 -24.34 11.44
C GLY C 471 -17.73 -23.78 12.84
N PHE C 472 -18.11 -24.63 13.79
CA PHE C 472 -18.40 -24.21 15.16
C PHE C 472 -17.25 -23.46 15.81
N ALA C 473 -16.02 -23.89 15.54
CA ALA C 473 -14.82 -23.23 16.04
C ALA C 473 -14.72 -21.83 15.54
N ILE C 474 -14.99 -21.69 14.26
CA ILE C 474 -14.83 -20.41 13.60
C ILE C 474 -15.93 -19.46 14.09
N PHE C 475 -17.17 -19.97 14.18
CA PHE C 475 -18.32 -19.28 14.76
C PHE C 475 -18.01 -18.73 16.13
N ALA C 476 -17.46 -19.56 17.02
CA ALA C 476 -17.13 -19.10 18.38
C ALA C 476 -16.02 -18.06 18.39
N ARG C 477 -14.96 -18.32 17.63
CA ARG C 477 -13.88 -17.33 17.45
C ARG C 477 -14.42 -15.95 17.08
N ASP C 478 -15.36 -15.94 16.14
CA ASP C 478 -15.89 -14.73 15.58
C ASP C 478 -16.77 -13.98 16.55
N MET C 479 -17.64 -14.67 17.27
CA MET C 479 -18.47 -13.98 18.27
C MET C 479 -17.60 -13.43 19.41
N ASP C 480 -16.61 -14.22 19.85
CA ASP C 480 -15.62 -13.75 20.84
C ASP C 480 -14.85 -12.52 20.35
N LEU C 481 -14.33 -12.53 19.13
CA LEU C 481 -13.47 -11.44 18.67
C LEU C 481 -14.24 -10.11 18.48
N ALA C 482 -15.55 -10.19 18.26
CA ALA C 482 -16.40 -8.99 18.12
C ALA C 482 -16.83 -8.41 19.46
N ILE C 483 -17.17 -9.27 20.40
CA ILE C 483 -17.55 -8.87 21.74
C ILE C 483 -16.33 -8.50 22.58
N ASN C 484 -15.36 -9.41 22.66
CA ASN C 484 -14.20 -9.24 23.55
C ASN C 484 -12.98 -8.67 22.81
N ASN C 485 -13.10 -7.39 22.54
CA ASN C 485 -12.20 -6.65 21.71
C ASN C 485 -11.93 -5.34 22.46
N PRO C 486 -10.70 -4.80 22.38
CA PRO C 486 -10.46 -3.52 23.07
C PRO C 486 -11.15 -2.28 22.52
N VAL C 487 -11.70 -2.32 21.31
CA VAL C 487 -12.28 -1.10 20.74
C VAL C 487 -13.42 -0.48 21.60
N TRP C 488 -14.25 -1.31 22.24
CA TRP C 488 -15.43 -0.83 22.97
C TRP C 488 -15.07 0.11 24.14
N SER C 489 -14.01 -0.26 24.89
CA SER C 489 -13.50 0.53 26.01
C SER C 489 -12.98 1.94 25.62
N MET C 490 -12.82 2.18 24.33
CA MET C 490 -12.30 3.44 23.82
C MET C 490 -13.31 4.33 23.18
N PHE C 491 -14.58 3.95 23.26
CA PHE C 491 -15.65 4.79 22.76
C PHE C 491 -15.77 6.05 23.56
N LYS C 492 -15.72 5.95 24.89
CA LYS C 492 -15.79 7.13 25.75
C LYS C 492 -14.41 7.73 25.79
N ALA C 493 -14.28 8.95 25.27
CA ALA C 493 -13.03 9.72 25.40
C ALA C 493 -12.78 10.06 26.87
N PRO C 494 -11.52 10.00 27.36
CA PRO C 494 -11.27 10.17 28.80
C PRO C 494 -11.54 11.57 29.48
N TRP C 495 -12.21 12.52 28.83
CA TRP C 495 -12.52 13.85 29.43
C TRP C 495 -14.05 14.26 29.37
N PRO D 2 -7.20 -30.67 9.32
CA PRO D 2 -8.19 -30.60 10.41
C PRO D 2 -8.28 -29.22 11.02
N GLN D 3 -9.30 -29.02 11.84
CA GLN D 3 -9.52 -27.73 12.52
C GLN D 3 -8.75 -27.78 13.84
N ASN D 4 -8.35 -26.63 14.36
CA ASN D 4 -7.58 -26.59 15.58
C ASN D 4 -7.78 -25.32 16.38
N VAL D 5 -8.18 -25.45 17.63
CA VAL D 5 -8.58 -24.30 18.46
C VAL D 5 -7.43 -23.33 18.81
N ASP D 6 -6.18 -23.76 18.69
CA ASP D 6 -5.02 -22.87 18.96
C ASP D 6 -4.69 -22.04 17.74
N LYS D 7 -4.89 -22.58 16.54
CA LYS D 7 -4.67 -21.86 15.28
C LYS D 7 -5.87 -22.15 14.37
N ILE D 8 -6.95 -21.39 14.56
CA ILE D 8 -8.20 -21.70 13.88
C ILE D 8 -8.12 -21.37 12.40
N LEU D 9 -8.56 -22.32 11.58
CA LEU D 9 -8.55 -22.18 10.13
C LEU D 9 -9.95 -21.80 9.68
N ASP D 10 -10.13 -20.57 9.20
CA ASP D 10 -11.34 -20.17 8.51
C ASP D 10 -11.25 -20.63 7.03
N HIS D 11 -12.32 -20.41 6.28
CA HIS D 11 -12.48 -20.89 4.91
C HIS D 11 -11.24 -20.93 4.03
N ALA D 12 -10.40 -19.92 4.11
CA ALA D 12 -9.31 -19.81 3.14
C ALA D 12 -8.33 -20.95 3.37
N PRO D 13 -7.66 -21.00 4.52
CA PRO D 13 -6.77 -22.15 4.73
C PRO D 13 -7.53 -23.46 4.92
N LEU D 14 -8.76 -23.42 5.45
CA LEU D 14 -9.46 -24.64 5.86
C LEU D 14 -9.69 -25.60 4.70
N PHE D 15 -10.18 -25.12 3.58
CA PHE D 15 -10.47 -26.01 2.47
C PHE D 15 -9.27 -26.45 1.64
N ARG D 16 -8.08 -25.96 2.01
CA ARG D 16 -6.82 -26.47 1.49
C ARG D 16 -6.28 -27.68 2.25
N GLU D 17 -6.81 -27.95 3.45
CA GLU D 17 -6.44 -29.14 4.25
C GLU D 17 -6.76 -30.41 3.50
N PRO D 18 -5.96 -31.48 3.72
CA PRO D 18 -6.05 -32.72 2.89
C PRO D 18 -7.43 -33.34 2.80
N GLU D 19 -8.16 -33.35 3.91
CA GLU D 19 -9.46 -34.01 3.96
C GLU D 19 -10.48 -33.36 3.06
N TYR D 20 -10.46 -32.04 3.03
CA TYR D 20 -11.29 -31.27 2.12
C TYR D 20 -10.78 -31.34 0.66
N GLN D 21 -9.48 -31.32 0.45
CA GLN D 21 -8.93 -31.53 -0.90
C GLN D 21 -9.37 -32.88 -1.49
N GLU D 22 -9.37 -33.92 -0.66
CA GLU D 22 -9.77 -35.25 -1.06
C GLU D 22 -11.30 -35.32 -1.32
N MET D 23 -12.08 -34.69 -0.45
CA MET D 23 -13.54 -34.63 -0.61
C MET D 23 -13.99 -33.81 -1.81
N LEU D 24 -13.26 -32.73 -2.08
CA LEU D 24 -13.51 -31.89 -3.24
C LEU D 24 -13.11 -32.55 -4.58
N ALA D 25 -12.03 -33.31 -4.58
CA ALA D 25 -11.65 -34.16 -5.72
C ALA D 25 -12.76 -35.18 -5.98
N GLY D 26 -13.26 -35.79 -4.90
CA GLY D 26 -14.34 -36.76 -4.99
C GLY D 26 -15.61 -36.18 -5.56
N LYS D 27 -16.01 -35.01 -5.05
CA LYS D 27 -17.16 -34.28 -5.61
C LYS D 27 -16.98 -33.96 -7.08
N ALA D 28 -15.75 -33.59 -7.49
CA ALA D 28 -15.49 -33.17 -8.88
C ALA D 28 -15.72 -34.27 -9.87
N LYS D 29 -15.43 -35.51 -9.47
CA LYS D 29 -15.59 -36.66 -10.33
C LYS D 29 -17.04 -36.84 -10.76
N LEU D 30 -18.03 -36.43 -9.96
CA LEU D 30 -19.43 -36.48 -10.37
C LEU D 30 -20.06 -35.16 -10.85
N GLU D 31 -19.27 -34.11 -11.05
CA GLU D 31 -19.83 -32.78 -11.35
C GLU D 31 -20.14 -32.57 -12.83
N ASN D 32 -19.55 -33.41 -13.68
CA ASN D 32 -19.68 -33.27 -15.15
C ASN D 32 -19.19 -31.91 -15.63
N MET D 33 -18.10 -31.44 -15.03
CA MET D 33 -17.42 -30.21 -15.44
C MET D 33 -16.36 -30.57 -16.48
N PRO D 34 -15.92 -29.60 -17.27
CA PRO D 34 -15.02 -29.94 -18.34
C PRO D 34 -13.71 -30.47 -17.79
N PRO D 35 -13.07 -31.42 -18.49
CA PRO D 35 -11.76 -31.89 -18.03
C PRO D 35 -10.69 -30.78 -18.03
N ALA D 36 -9.63 -30.98 -17.23
CA ALA D 36 -8.64 -29.92 -17.02
C ALA D 36 -7.90 -29.46 -18.28
N ASP D 37 -7.61 -30.38 -19.21
CA ASP D 37 -7.05 -29.99 -20.53
C ASP D 37 -7.99 -29.06 -21.35
N LYS D 38 -9.31 -29.24 -21.22
CA LYS D 38 -10.30 -28.46 -21.97
C LYS D 38 -10.39 -27.02 -21.41
N VAL D 39 -10.27 -26.93 -20.09
CA VAL D 39 -10.25 -25.65 -19.37
C VAL D 39 -9.03 -24.81 -19.78
N VAL D 40 -7.87 -25.44 -19.77
CA VAL D 40 -6.62 -24.79 -20.22
C VAL D 40 -6.77 -24.29 -21.65
N GLU D 41 -7.36 -25.12 -22.50
CA GLU D 41 -7.53 -24.75 -23.88
C GLU D 41 -8.40 -23.46 -24.01
N ILE D 42 -9.57 -23.47 -23.36
CA ILE D 42 -10.52 -22.38 -23.45
C ILE D 42 -10.03 -21.16 -22.70
N ALA D 43 -9.34 -21.35 -21.57
CA ALA D 43 -8.68 -20.23 -20.89
C ALA D 43 -7.69 -19.52 -21.82
N ASP D 44 -6.80 -20.26 -22.45
CA ASP D 44 -5.79 -19.62 -23.33
C ASP D 44 -6.51 -18.91 -24.48
N TRP D 45 -7.56 -19.57 -25.00
CA TRP D 45 -8.37 -19.04 -26.09
C TRP D 45 -9.02 -17.72 -25.72
N THR D 46 -9.51 -17.60 -24.48
CA THR D 46 -10.15 -16.36 -24.02
C THR D 46 -9.15 -15.19 -23.92
N LYS D 47 -7.86 -15.50 -23.83
CA LYS D 47 -6.79 -14.50 -23.82
C LYS D 47 -6.19 -14.18 -25.19
N SER D 48 -6.79 -14.74 -26.24
CA SER D 48 -6.28 -14.63 -27.58
C SER D 48 -6.86 -13.43 -28.31
N TRP D 49 -6.23 -13.13 -29.44
CA TRP D 49 -6.67 -12.09 -30.36
C TRP D 49 -7.92 -12.53 -31.10
N GLU D 50 -7.98 -13.80 -31.46
CA GLU D 50 -9.15 -14.33 -32.15
C GLU D 50 -10.39 -14.02 -31.29
N TYR D 51 -10.28 -14.32 -29.99
CA TYR D 51 -11.35 -14.08 -28.98
C TYR D 51 -11.63 -12.62 -28.77
N ARG D 52 -10.59 -11.80 -28.72
CA ARG D 52 -10.78 -10.38 -28.59
C ARG D 52 -11.62 -9.80 -29.75
N GLU D 53 -11.40 -10.24 -31.00
CA GLU D 53 -12.18 -9.73 -32.15
C GLU D 53 -13.68 -10.07 -31.94
N LYS D 54 -13.98 -11.29 -31.50
CA LYS D 54 -15.36 -11.70 -31.25
C LYS D 54 -15.99 -11.02 -30.07
N ASN D 55 -15.20 -10.88 -29.00
CA ASN D 55 -15.64 -10.21 -27.77
C ASN D 55 -16.01 -8.77 -28.08
N PHE D 56 -15.18 -8.12 -28.90
CA PHE D 56 -15.45 -6.76 -29.31
C PHE D 56 -16.49 -6.64 -30.39
N ALA D 57 -16.82 -7.74 -31.06
CA ALA D 57 -17.99 -7.82 -31.97
C ALA D 57 -19.35 -7.93 -31.24
N ARG D 58 -19.35 -8.09 -29.93
CA ARG D 58 -20.63 -8.13 -29.18
C ARG D 58 -21.49 -6.90 -29.43
N GLU D 59 -22.80 -7.09 -29.60
CA GLU D 59 -23.75 -6.00 -29.83
C GLU D 59 -24.78 -5.91 -28.70
N SER D 60 -25.13 -7.03 -28.08
CA SER D 60 -26.23 -7.05 -27.14
C SER D 60 -25.84 -7.38 -25.66
N LEU D 61 -24.87 -8.27 -25.48
CA LEU D 61 -24.52 -8.78 -24.16
C LEU D 61 -23.57 -7.82 -23.49
N SER D 62 -23.92 -7.42 -22.26
CA SER D 62 -22.97 -6.83 -21.35
C SER D 62 -22.50 -7.86 -20.35
N VAL D 63 -21.17 -7.92 -20.15
CA VAL D 63 -20.53 -8.76 -19.12
C VAL D 63 -19.61 -7.90 -18.25
N ASN D 64 -19.87 -7.90 -16.94
CA ASN D 64 -19.08 -7.16 -15.96
C ASN D 64 -19.00 -5.66 -16.31
N PRO D 65 -20.16 -5.01 -16.51
CA PRO D 65 -20.13 -3.59 -16.73
C PRO D 65 -19.66 -2.84 -15.49
N ALA D 66 -18.90 -1.77 -15.73
CA ALA D 66 -18.51 -0.83 -14.67
C ALA D 66 -19.45 0.40 -14.62
N LYS D 67 -20.67 0.14 -14.16
CA LYS D 67 -21.66 1.17 -13.89
C LYS D 67 -22.85 0.62 -13.11
N ALA D 68 -23.54 1.51 -12.46
CA ALA D 68 -24.76 1.21 -11.77
C ALA D 68 -25.89 1.97 -12.48
N CYS D 69 -27.11 1.85 -11.96
CA CYS D 69 -28.26 2.49 -12.55
C CYS D 69 -28.53 3.77 -11.83
N GLN D 70 -29.38 4.61 -12.42
CA GLN D 70 -29.65 5.98 -11.95
C GLN D 70 -29.95 6.13 -10.47
N PRO D 71 -30.91 5.37 -9.94
CA PRO D 71 -31.28 5.66 -8.58
C PRO D 71 -30.08 5.64 -7.61
N LEU D 72 -29.02 4.88 -7.87
CA LEU D 72 -27.87 4.92 -6.95
C LEU D 72 -27.33 6.33 -6.86
N GLY D 73 -27.22 6.99 -8.01
CA GLY D 73 -26.74 8.38 -8.08
C GLY D 73 -27.69 9.29 -7.39
N ALA D 74 -29.00 9.03 -7.52
CA ALA D 74 -30.02 9.86 -6.82
C ALA D 74 -29.90 9.79 -5.30
N VAL D 75 -29.76 8.57 -4.78
CA VAL D 75 -29.63 8.35 -3.36
C VAL D 75 -28.40 9.05 -2.87
N PHE D 76 -27.28 8.85 -3.59
CA PHE D 76 -26.00 9.48 -3.25
C PHE D 76 -26.16 10.99 -3.13
N VAL D 77 -26.60 11.65 -4.19
CA VAL D 77 -26.65 13.11 -4.18
C VAL D 77 -27.61 13.66 -3.14
N ALA D 78 -28.77 13.02 -3.00
CA ALA D 78 -29.74 13.39 -1.99
C ALA D 78 -29.19 13.25 -0.58
N SER D 79 -28.29 12.29 -0.36
CA SER D 79 -27.65 12.09 0.96
C SER D 79 -26.69 13.21 1.39
N GLY D 80 -26.32 14.07 0.47
CA GLY D 80 -25.50 15.24 0.78
C GLY D 80 -26.28 16.50 1.09
N PHE D 81 -27.59 16.39 1.34
CA PHE D 81 -28.36 17.53 1.85
C PHE D 81 -28.75 17.30 3.32
N GLU D 82 -28.64 18.37 4.11
CA GLU D 82 -29.10 18.44 5.51
C GLU D 82 -30.33 17.60 5.75
N ARG D 83 -30.23 16.68 6.71
CA ARG D 83 -31.33 15.80 7.16
C ARG D 83 -32.31 15.40 6.04
N THR D 84 -31.76 14.95 4.92
CA THR D 84 -32.55 14.58 3.76
C THR D 84 -32.61 13.06 3.67
N MET D 85 -33.80 12.51 3.44
CA MET D 85 -33.98 11.07 3.25
C MET D 85 -34.30 10.82 1.79
N SER D 86 -33.53 9.96 1.13
CA SER D 86 -33.91 9.50 -0.19
C SER D 86 -35.13 8.57 -0.05
N PHE D 87 -36.14 8.85 -0.88
CA PHE D 87 -37.38 8.11 -0.99
C PHE D 87 -37.47 7.59 -2.42
N VAL D 88 -37.20 6.32 -2.64
CA VAL D 88 -37.26 5.82 -4.02
C VAL D 88 -38.62 5.18 -4.27
N HIS D 89 -39.43 5.89 -5.02
CA HIS D 89 -40.75 5.48 -5.43
C HIS D 89 -40.60 4.33 -6.43
N GLY D 90 -41.10 3.16 -6.08
CA GLY D 90 -40.87 1.96 -6.85
C GLY D 90 -40.78 0.73 -5.96
N SER D 91 -40.22 -0.34 -6.50
CA SER D 91 -40.03 -1.57 -5.73
C SER D 91 -38.92 -1.47 -4.70
N GLN D 92 -39.07 -2.24 -3.64
CA GLN D 92 -38.20 -2.11 -2.46
C GLN D 92 -36.90 -2.85 -2.56
N GLY D 93 -36.80 -3.87 -3.39
CA GLY D 93 -35.54 -4.59 -3.54
C GLY D 93 -34.41 -3.69 -4.01
N CYS D 94 -34.77 -2.72 -4.82
CA CYS D 94 -33.88 -1.66 -5.24
C CYS D 94 -33.16 -0.97 -4.12
N VAL D 95 -33.96 -0.56 -3.13
CA VAL D 95 -33.46 0.20 -2.01
C VAL D 95 -32.54 -0.65 -1.16
N ALA D 96 -32.87 -1.92 -0.96
CA ALA D 96 -31.93 -2.83 -0.28
C ALA D 96 -30.57 -2.82 -0.96
N TYR D 97 -30.60 -2.84 -2.30
CA TYR D 97 -29.40 -2.91 -3.02
C TYR D 97 -28.73 -1.57 -2.95
N TYR D 98 -29.40 -0.44 -3.22
CA TYR D 98 -28.70 0.87 -3.26
C TYR D 98 -27.93 1.05 -1.95
N ARG D 99 -28.58 0.74 -0.84
CA ARG D 99 -28.01 0.92 0.50
C ARG D 99 -26.85 -0.01 0.76
N SER D 100 -27.01 -1.28 0.44
CA SER D 100 -25.94 -2.25 0.65
C SER D 100 -24.66 -1.82 -0.09
N HIS D 101 -24.85 -1.25 -1.26
CA HIS D 101 -23.76 -0.97 -2.18
C HIS D 101 -22.92 0.13 -1.59
N LEU D 102 -23.61 1.20 -1.18
CA LEU D 102 -22.98 2.33 -0.51
C LEU D 102 -22.34 1.93 0.83
N SER D 103 -23.06 1.20 1.66
CA SER D 103 -22.51 0.74 2.92
C SER D 103 -21.22 -0.10 2.77
N ARG D 104 -21.19 -0.99 1.78
CA ARG D 104 -20.01 -1.87 1.60
C ARG D 104 -18.79 -1.07 1.18
N HIS D 105 -19.03 0.08 0.54
CA HIS D 105 -17.98 0.96 0.11
C HIS D 105 -17.42 1.89 1.21
N PHE D 106 -18.33 2.56 1.91
CA PHE D 106 -17.93 3.53 2.95
C PHE D 106 -17.70 2.87 4.30
N LYS D 107 -18.15 1.62 4.44
CA LYS D 107 -18.25 0.94 5.75
C LYS D 107 -19.03 1.87 6.68
N GLU D 108 -20.25 2.20 6.27
CA GLU D 108 -21.10 3.14 6.98
C GLU D 108 -22.56 2.80 6.74
N PRO D 109 -23.43 3.35 7.60
CA PRO D 109 -24.85 3.24 7.29
C PRO D 109 -25.21 3.99 6.03
N SER D 110 -26.22 3.49 5.34
CA SER D 110 -26.81 4.23 4.23
C SER D 110 -28.30 4.15 4.40
N SER D 111 -28.94 5.29 4.57
CA SER D 111 -30.35 5.30 4.84
C SER D 111 -31.08 5.70 3.59
N ALA D 112 -32.13 4.96 3.29
CA ALA D 112 -33.01 5.25 2.17
C ALA D 112 -34.30 4.46 2.36
N VAL D 113 -35.41 4.92 1.78
CA VAL D 113 -36.70 4.21 1.94
C VAL D 113 -37.33 3.97 0.62
N SER D 114 -38.27 3.01 0.58
CA SER D 114 -38.99 2.65 -0.63
C SER D 114 -40.45 2.99 -0.49
N SER D 115 -41.12 3.36 -1.58
CA SER D 115 -42.60 3.41 -1.57
C SER D 115 -43.18 2.01 -1.59
N SER D 116 -42.37 0.98 -1.82
CA SER D 116 -42.78 -0.42 -1.72
C SER D 116 -43.90 -0.78 -2.66
N MET D 117 -43.78 -0.37 -3.92
CA MET D 117 -44.72 -0.76 -4.97
C MET D 117 -44.59 -2.26 -5.27
N THR D 118 -45.75 -2.89 -5.27
CA THR D 118 -45.94 -4.30 -5.55
C THR D 118 -46.70 -4.44 -6.87
N GLU D 119 -47.03 -5.69 -7.23
CA GLU D 119 -47.71 -6.00 -8.50
C GLU D 119 -48.98 -5.17 -8.76
N ASP D 120 -49.80 -4.97 -7.75
CA ASP D 120 -51.05 -4.16 -7.89
C ASP D 120 -50.83 -2.80 -8.48
N ALA D 121 -49.75 -2.13 -8.07
CA ALA D 121 -49.42 -0.82 -8.63
C ALA D 121 -49.31 -0.83 -10.16
N ALA D 122 -48.97 -1.98 -10.77
CA ALA D 122 -49.05 -2.13 -12.24
C ALA D 122 -50.47 -1.92 -12.83
N VAL D 123 -51.52 -2.32 -12.09
CA VAL D 123 -52.91 -2.14 -12.51
C VAL D 123 -53.46 -0.79 -11.97
N PHE D 124 -53.39 -0.56 -10.67
CA PHE D 124 -53.97 0.64 -10.04
C PHE D 124 -53.03 1.91 -10.05
N GLY D 125 -51.76 1.81 -10.46
CA GLY D 125 -50.80 2.92 -10.24
C GLY D 125 -50.40 3.05 -8.77
N GLY D 126 -49.34 3.80 -8.51
CA GLY D 126 -48.71 3.81 -7.17
C GLY D 126 -49.06 4.94 -6.23
N LEU D 127 -50.24 5.54 -6.39
CA LEU D 127 -50.59 6.72 -5.57
C LEU D 127 -50.58 6.40 -4.09
N ASN D 128 -51.25 5.34 -3.68
CA ASN D 128 -51.33 5.08 -2.24
C ASN D 128 -49.98 4.87 -1.60
N ASN D 129 -49.11 4.16 -2.30
CA ASN D 129 -47.73 4.00 -1.88
C ASN D 129 -47.02 5.34 -1.63
N MET D 130 -47.23 6.33 -2.50
CA MET D 130 -46.60 7.62 -2.28
C MET D 130 -47.19 8.28 -1.05
N VAL D 131 -48.50 8.26 -0.95
CA VAL D 131 -49.21 9.03 0.08
C VAL D 131 -48.89 8.46 1.42
N ASP D 132 -49.08 7.14 1.54
CA ASP D 132 -48.77 6.42 2.78
C ASP D 132 -47.24 6.46 3.07
N GLY D 133 -46.42 6.18 2.07
CA GLY D 133 -44.97 6.22 2.23
C GLY D 133 -44.42 7.54 2.75
N LEU D 134 -44.83 8.63 2.12
CA LEU D 134 -44.38 9.95 2.54
C LEU D 134 -44.80 10.22 3.97
N ALA D 135 -46.03 9.87 4.31
CA ALA D 135 -46.52 9.98 5.68
C ALA D 135 -45.63 9.26 6.70
N ASN D 136 -45.27 8.03 6.40
CA ASN D 136 -44.58 7.19 7.36
C ASN D 136 -43.10 7.61 7.46
N THR D 137 -42.48 7.93 6.32
CA THR D 137 -41.08 8.38 6.30
C THR D 137 -40.89 9.67 7.10
N TYR D 138 -41.83 10.58 6.91
CA TYR D 138 -41.80 11.87 7.61
C TYR D 138 -41.97 11.70 9.11
N LYS D 139 -42.93 10.86 9.55
CA LYS D 139 -43.22 10.71 11.01
C LYS D 139 -42.08 9.96 11.72
N LEU D 140 -41.58 8.90 11.09
CA LEU D 140 -40.58 8.01 11.72
C LEU D 140 -39.17 8.57 11.75
N TYR D 141 -38.74 9.12 10.62
CA TYR D 141 -37.34 9.52 10.46
C TYR D 141 -37.08 11.05 10.52
N ASP D 142 -38.07 11.86 10.88
CA ASP D 142 -37.97 13.35 11.02
C ASP D 142 -36.98 14.04 10.05
N PRO D 143 -37.11 13.77 8.74
CA PRO D 143 -36.29 14.49 7.79
C PRO D 143 -36.76 15.94 7.65
N LYS D 144 -35.84 16.81 7.23
CA LYS D 144 -36.12 18.17 6.78
C LYS D 144 -36.49 18.20 5.31
N MET D 145 -36.04 17.22 4.54
CA MET D 145 -36.41 17.14 3.14
C MET D 145 -36.50 15.70 2.70
N ILE D 146 -37.50 15.41 1.87
CA ILE D 146 -37.61 14.09 1.26
C ILE D 146 -37.39 14.21 -0.25
N ALA D 147 -36.47 13.42 -0.77
CA ALA D 147 -36.02 13.55 -2.12
C ALA D 147 -36.50 12.31 -2.85
N VAL D 148 -37.46 12.48 -3.76
CA VAL D 148 -38.09 11.32 -4.40
C VAL D 148 -37.38 11.01 -5.70
N SER D 149 -37.07 9.74 -5.90
CA SER D 149 -36.54 9.27 -7.18
C SER D 149 -37.41 8.08 -7.56
N THR D 150 -37.08 7.41 -8.65
CA THR D 150 -37.93 6.34 -9.18
C THR D 150 -37.15 5.11 -9.58
N THR D 151 -37.73 3.94 -9.31
CA THR D 151 -37.19 2.69 -9.81
C THR D 151 -37.79 2.47 -11.16
N CYS D 152 -37.21 1.53 -11.91
CA CYS D 152 -37.60 1.32 -13.29
C CYS D 152 -39.05 0.83 -13.41
N MET D 153 -39.56 0.09 -12.43
CA MET D 153 -40.97 -0.28 -12.49
C MET D 153 -41.93 0.94 -12.45
N ALA D 154 -41.63 1.91 -11.58
CA ALA D 154 -42.43 3.10 -11.45
C ALA D 154 -42.35 3.95 -12.70
N GLU D 155 -41.20 3.93 -13.38
CA GLU D 155 -41.06 4.63 -14.67
C GLU D 155 -41.92 3.98 -15.76
N VAL D 156 -41.79 2.66 -15.95
CA VAL D 156 -42.61 1.93 -16.93
C VAL D 156 -44.12 2.12 -16.71
N ILE D 157 -44.57 2.14 -15.45
CA ILE D 157 -45.97 2.32 -15.10
C ILE D 157 -46.41 3.76 -15.38
N GLY D 158 -45.48 4.70 -15.30
CA GLY D 158 -45.68 6.09 -15.70
C GLY D 158 -46.27 7.01 -14.65
N ASP D 159 -46.14 6.68 -13.36
CA ASP D 159 -46.78 7.50 -12.29
C ASP D 159 -46.40 8.97 -12.36
N ASP D 160 -47.38 9.86 -12.19
CA ASP D 160 -47.19 11.32 -12.21
C ASP D 160 -46.79 11.77 -10.81
N LEU D 161 -45.49 11.96 -10.61
CA LEU D 161 -44.92 12.20 -9.29
C LEU D 161 -45.40 13.50 -8.67
N HIS D 162 -45.44 14.56 -9.48
CA HIS D 162 -45.89 15.87 -9.01
C HIS D 162 -47.31 15.83 -8.48
N ALA D 163 -48.20 15.22 -9.25
CA ALA D 163 -49.58 15.06 -8.84
C ALA D 163 -49.70 14.28 -7.53
N PHE D 164 -49.02 13.13 -7.49
CA PHE D 164 -49.00 12.23 -6.32
C PHE D 164 -48.51 12.94 -5.06
N ILE D 165 -47.49 13.80 -5.20
CA ILE D 165 -46.89 14.49 -4.07
C ILE D 165 -47.84 15.54 -3.57
N GLN D 166 -48.47 16.28 -4.49
CA GLN D 166 -49.52 17.22 -4.11
C GLN D 166 -50.71 16.52 -3.45
N THR D 167 -51.14 15.39 -3.99
CA THR D 167 -52.20 14.63 -3.34
C THR D 167 -51.81 14.27 -1.92
N ALA D 168 -50.55 13.87 -1.75
CA ALA D 168 -50.02 13.49 -0.43
C ALA D 168 -50.10 14.62 0.57
N LYS D 169 -49.74 15.82 0.12
CA LYS D 169 -49.85 17.02 0.94
C LYS D 169 -51.33 17.37 1.24
N GLY D 170 -52.19 17.21 0.23
CA GLY D 170 -53.63 17.34 0.40
C GLY D 170 -54.21 16.44 1.46
N LYS D 171 -53.67 15.24 1.61
CA LYS D 171 -54.14 14.33 2.64
C LYS D 171 -53.37 14.42 3.97
N GLY D 172 -52.48 15.41 4.13
CA GLY D 172 -51.73 15.60 5.39
C GLY D 172 -50.56 14.66 5.71
N SER D 173 -50.04 13.92 4.71
CA SER D 173 -48.88 13.06 4.86
C SER D 173 -47.66 13.83 5.35
N VAL D 174 -47.47 15.04 4.81
CA VAL D 174 -46.43 15.95 5.26
C VAL D 174 -47.01 17.34 5.26
N PRO D 175 -46.38 18.29 5.99
CA PRO D 175 -46.87 19.70 6.04
C PRO D 175 -46.93 20.30 4.64
N GLU D 176 -47.79 21.28 4.42
CA GLU D 176 -47.97 21.79 3.07
C GLU D 176 -46.69 22.44 2.53
N GLU D 177 -46.02 23.21 3.37
CA GLU D 177 -44.76 23.87 3.01
C GLU D 177 -43.50 22.94 3.04
N PHE D 178 -43.65 21.64 3.33
CA PHE D 178 -42.53 20.72 3.49
C PHE D 178 -41.94 20.35 2.14
N ASP D 179 -40.62 20.17 2.11
CA ASP D 179 -39.87 20.07 0.86
C ASP D 179 -39.78 18.63 0.32
N VAL D 180 -40.45 18.37 -0.81
CA VAL D 180 -40.43 17.04 -1.43
C VAL D 180 -40.04 17.16 -2.88
N PRO D 181 -38.75 17.46 -3.16
CA PRO D 181 -38.28 17.51 -4.55
C PRO D 181 -38.30 16.12 -5.14
N PHE D 182 -38.46 16.02 -6.46
CA PHE D 182 -38.60 14.72 -7.12
C PHE D 182 -37.91 14.76 -8.45
N ALA D 183 -37.62 13.58 -8.96
CA ALA D 183 -36.97 13.42 -10.24
C ALA D 183 -37.25 12.07 -10.81
N HIS D 184 -37.39 12.01 -12.12
CA HIS D 184 -37.45 10.73 -12.81
C HIS D 184 -36.01 10.25 -12.97
N THR D 185 -35.75 9.02 -12.52
CA THR D 185 -34.43 8.43 -12.52
C THR D 185 -34.49 7.01 -13.12
N PRO D 186 -34.83 6.93 -14.41
CA PRO D 186 -35.01 5.67 -15.08
C PRO D 186 -33.71 4.87 -15.28
N ALA D 187 -33.67 3.67 -14.71
CA ALA D 187 -32.46 2.81 -14.77
C ALA D 187 -32.00 2.49 -16.20
N PHE D 188 -32.97 2.42 -17.09
CA PHE D 188 -32.71 2.16 -18.52
C PHE D 188 -32.22 3.37 -19.35
N VAL D 189 -31.94 4.52 -18.73
CA VAL D 189 -31.22 5.60 -19.42
C VAL D 189 -29.92 5.82 -18.67
N GLY D 190 -28.83 5.83 -19.40
CA GLY D 190 -27.55 6.20 -18.85
C GLY D 190 -27.13 5.30 -17.72
N SER D 191 -26.79 5.91 -16.59
CA SER D 191 -26.23 5.23 -15.43
C SER D 191 -26.46 6.06 -14.18
N HIS D 192 -25.88 5.61 -13.08
CA HIS D 192 -25.82 6.35 -11.82
C HIS D 192 -25.37 7.82 -11.91
N VAL D 193 -24.45 8.16 -12.80
CA VAL D 193 -24.12 9.57 -12.94
C VAL D 193 -25.33 10.40 -13.43
N THR D 194 -26.15 9.81 -14.28
CA THR D 194 -27.35 10.46 -14.81
C THR D 194 -28.37 10.71 -13.69
N GLY D 195 -28.47 9.77 -12.75
CA GLY D 195 -29.39 9.93 -11.62
C GLY D 195 -28.92 10.96 -10.62
N TYR D 196 -27.62 11.10 -10.50
CA TYR D 196 -27.02 12.17 -9.73
C TYR D 196 -27.51 13.49 -10.29
N ASP D 197 -27.38 13.64 -11.60
CA ASP D 197 -27.78 14.84 -12.32
C ASP D 197 -29.31 15.06 -12.20
N ASN D 198 -30.08 14.04 -12.54
CA ASN D 198 -31.51 14.17 -12.53
C ASN D 198 -32.01 14.54 -11.14
N MET D 199 -31.49 13.92 -10.10
CA MET D 199 -31.99 14.18 -8.76
C MET D 199 -31.56 15.57 -8.31
N LEU D 200 -30.35 15.96 -8.67
CA LEU D 200 -29.83 17.24 -8.24
C LEU D 200 -30.61 18.38 -8.88
N LYS D 201 -30.83 18.29 -10.19
CA LYS D 201 -31.70 19.22 -10.87
C LYS D 201 -33.07 19.25 -10.20
N GLY D 202 -33.60 18.08 -9.91
CA GLY D 202 -34.91 18.00 -9.26
C GLY D 202 -34.96 18.79 -7.97
N ILE D 203 -33.87 18.77 -7.22
CA ILE D 203 -33.81 19.43 -5.93
C ILE D 203 -33.69 20.92 -6.16
N LEU D 204 -32.86 21.31 -7.11
CA LEU D 204 -32.62 22.70 -7.34
C LEU D 204 -33.88 23.36 -7.90
N GLU D 205 -34.46 22.76 -8.94
CA GLU D 205 -35.77 23.17 -9.50
C GLU D 205 -36.84 23.34 -8.41
N HIS D 206 -36.86 22.45 -7.44
CA HIS D 206 -37.81 22.55 -6.36
C HIS D 206 -37.66 23.89 -5.65
N PHE D 207 -36.44 24.28 -5.30
CA PHE D 207 -36.19 25.51 -4.55
C PHE D 207 -36.06 26.77 -5.40
N TRP D 208 -35.78 26.63 -6.69
CA TRP D 208 -35.50 27.76 -7.58
C TRP D 208 -36.69 28.14 -8.51
N LYS D 209 -37.56 27.20 -8.87
CA LYS D 209 -38.62 27.43 -9.85
C LYS D 209 -39.26 28.78 -9.67
N GLY D 210 -39.23 29.58 -10.73
CA GLY D 210 -39.94 30.87 -10.76
C GLY D 210 -39.47 31.94 -9.80
N ARG D 211 -38.21 31.90 -9.40
CA ARG D 211 -37.70 32.93 -8.51
C ARG D 211 -36.78 33.78 -9.32
N THR D 212 -36.51 34.99 -8.81
CA THR D 212 -35.61 35.91 -9.49
C THR D 212 -34.39 36.01 -8.61
N PRO D 213 -33.20 35.75 -9.16
CA PRO D 213 -32.01 35.90 -8.35
C PRO D 213 -31.82 37.31 -7.82
N VAL D 214 -31.18 37.38 -6.67
CA VAL D 214 -30.57 38.58 -6.11
C VAL D 214 -29.09 38.26 -6.20
N PRO D 215 -28.45 38.58 -7.34
CA PRO D 215 -27.06 38.13 -7.60
C PRO D 215 -26.05 38.43 -6.49
N ASN D 216 -25.19 37.47 -6.21
CA ASN D 216 -23.97 37.67 -5.43
C ASN D 216 -22.77 37.05 -6.18
N ARG D 217 -21.54 37.36 -5.72
CA ARG D 217 -20.32 36.88 -6.40
C ARG D 217 -19.86 35.46 -5.95
N SER D 218 -20.69 34.72 -5.23
CA SER D 218 -20.33 33.40 -4.74
C SER D 218 -20.44 32.33 -5.83
N VAL D 219 -19.86 31.15 -5.55
CA VAL D 219 -19.85 30.08 -6.52
C VAL D 219 -20.42 28.81 -5.90
N ASN D 220 -21.28 28.13 -6.64
CA ASN D 220 -21.80 26.87 -6.21
C ASN D 220 -20.88 25.87 -6.81
N ILE D 221 -20.51 24.88 -6.04
CA ILE D 221 -19.63 23.85 -6.48
C ILE D 221 -20.37 22.54 -6.31
N ILE D 222 -20.47 21.77 -7.38
CA ILE D 222 -21.07 20.43 -7.33
C ILE D 222 -19.97 19.35 -7.50
N PRO D 223 -19.70 18.50 -6.48
CA PRO D 223 -18.58 17.54 -6.60
C PRO D 223 -18.86 16.33 -7.41
N GLY D 224 -20.14 16.01 -7.58
CA GLY D 224 -20.51 14.85 -8.37
C GLY D 224 -20.42 13.54 -7.62
N PHE D 225 -20.60 12.44 -8.38
CA PHE D 225 -20.58 11.06 -7.82
C PHE D 225 -19.12 10.66 -7.58
N ASP D 226 -18.80 10.46 -6.29
CA ASP D 226 -17.41 10.33 -5.86
C ASP D 226 -17.21 9.29 -4.76
N GLY D 227 -16.43 8.25 -5.10
CA GLY D 227 -16.07 7.22 -4.13
C GLY D 227 -15.22 7.78 -3.01
N PHE D 228 -14.54 8.90 -3.26
CA PHE D 228 -13.68 9.54 -2.28
C PHE D 228 -14.29 10.84 -1.73
N ALA D 229 -15.62 10.91 -1.70
CA ALA D 229 -16.30 12.11 -1.29
C ALA D 229 -15.84 12.63 0.10
N VAL D 230 -15.48 11.72 1.01
CA VAL D 230 -15.21 12.12 2.38
C VAL D 230 -13.92 12.92 2.49
N GLY D 231 -12.84 12.41 1.94
CA GLY D 231 -11.60 13.18 1.96
C GLY D 231 -11.62 14.33 0.95
N ASN D 232 -12.14 14.08 -0.24
CA ASN D 232 -12.13 15.07 -1.30
C ASN D 232 -12.86 16.34 -0.89
N ASN D 233 -14.08 16.21 -0.39
CA ASN D 233 -14.81 17.39 0.04
C ASN D 233 -14.11 18.16 1.16
N ARG D 234 -13.44 17.46 2.08
CA ARG D 234 -12.63 18.15 3.10
C ARG D 234 -11.41 18.84 2.52
N GLU D 235 -10.77 18.23 1.54
CA GLU D 235 -9.66 18.86 0.88
C GLU D 235 -10.14 20.09 0.16
N LEU D 236 -11.25 19.95 -0.55
CA LEU D 236 -11.88 21.06 -1.28
C LEU D 236 -12.16 22.23 -0.37
N LYS D 237 -12.73 21.95 0.79
CA LYS D 237 -13.06 22.99 1.74
C LYS D 237 -11.83 23.66 2.32
N ARG D 238 -10.80 22.88 2.59
CA ARG D 238 -9.56 23.41 3.12
C ARG D 238 -8.97 24.39 2.09
N ILE D 239 -8.99 24.00 0.81
CA ILE D 239 -8.45 24.79 -0.28
C ILE D 239 -9.21 26.08 -0.41
N LEU D 240 -10.52 25.96 -0.47
CA LEU D 240 -11.40 27.12 -0.60
C LEU D 240 -11.21 28.08 0.57
N GLY D 241 -11.12 27.54 1.78
CA GLY D 241 -10.81 28.32 2.96
C GLY D 241 -9.49 29.05 2.87
N MET D 242 -8.44 28.42 2.36
CA MET D 242 -7.17 29.10 2.30
C MET D 242 -7.26 30.27 1.30
N MET D 243 -7.98 30.05 0.20
CA MET D 243 -8.19 31.06 -0.82
C MET D 243 -9.16 32.13 -0.44
N GLY D 244 -10.04 31.86 0.53
CA GLY D 244 -11.08 32.80 0.96
C GLY D 244 -12.17 33.00 -0.09
N VAL D 245 -12.58 31.93 -0.76
CA VAL D 245 -13.62 32.00 -1.75
C VAL D 245 -14.97 31.84 -1.06
N GLN D 246 -15.93 32.60 -1.56
CA GLN D 246 -17.32 32.60 -1.15
C GLN D 246 -17.96 31.49 -1.94
N TYR D 247 -18.46 30.44 -1.26
CA TYR D 247 -18.98 29.29 -1.96
C TYR D 247 -20.14 28.58 -1.26
N THR D 248 -20.75 27.68 -2.04
CA THR D 248 -21.69 26.73 -1.50
C THR D 248 -21.44 25.42 -2.18
N ILE D 249 -21.20 24.37 -1.40
CA ILE D 249 -21.17 23.04 -1.98
C ILE D 249 -22.59 22.52 -2.04
N LEU D 250 -23.00 22.11 -3.24
CA LEU D 250 -24.31 21.51 -3.45
C LEU D 250 -24.18 19.99 -3.49
N SER D 251 -24.69 19.36 -2.45
CA SER D 251 -24.49 17.94 -2.15
C SER D 251 -23.12 17.66 -1.60
N ASP D 252 -23.04 17.61 -0.28
CA ASP D 252 -21.84 17.24 0.44
C ASP D 252 -22.13 16.07 1.40
N VAL D 253 -21.81 14.86 0.97
CA VAL D 253 -21.96 13.65 1.77
C VAL D 253 -20.75 13.38 2.69
N SER D 254 -19.79 14.31 2.77
CA SER D 254 -18.58 14.05 3.55
C SER D 254 -18.80 13.77 5.05
N ASP D 255 -19.80 14.37 5.67
CA ASP D 255 -20.09 14.02 7.06
C ASP D 255 -21.03 12.80 7.19
N GLN D 256 -21.97 12.68 6.25
CA GLN D 256 -22.96 11.62 6.23
C GLN D 256 -22.37 10.22 6.13
N PHE D 257 -21.31 10.08 5.35
CA PHE D 257 -20.63 8.82 5.23
C PHE D 257 -19.28 8.74 5.98
N ASP D 258 -19.15 9.50 7.07
CA ASP D 258 -18.00 9.41 7.96
C ASP D 258 -18.41 9.95 9.33
N THR D 259 -19.45 9.35 9.92
CA THR D 259 -19.87 9.72 11.25
C THR D 259 -19.08 8.93 12.24
N PRO D 260 -18.83 9.50 13.42
CA PRO D 260 -18.10 8.78 14.49
C PRO D 260 -18.83 7.62 15.13
N SER D 261 -18.02 6.74 15.73
CA SER D 261 -18.46 5.63 16.57
C SER D 261 -18.19 6.09 18.02
N ASP D 262 -19.20 6.70 18.63
CA ASP D 262 -19.03 7.28 19.94
C ASP D 262 -20.23 7.05 20.85
N GLY D 263 -20.99 6.00 20.57
CA GLY D 263 -22.19 5.68 21.35
C GLY D 263 -23.49 6.14 20.74
N GLU D 264 -23.47 7.13 19.88
CA GLU D 264 -24.67 7.54 19.17
C GLU D 264 -24.59 7.16 17.68
N TYR D 265 -25.70 6.64 17.17
CA TYR D 265 -25.88 6.49 15.73
C TYR D 265 -26.56 7.73 15.16
N ARG D 266 -25.89 8.40 14.23
CA ARG D 266 -26.45 9.58 13.56
C ARG D 266 -26.99 9.17 12.19
N MET D 267 -28.31 9.16 12.07
CA MET D 267 -28.96 8.83 10.81
C MET D 267 -28.55 9.86 9.77
N TYR D 268 -28.57 11.13 10.15
CA TYR D 268 -28.16 12.23 9.27
C TYR D 268 -27.00 12.99 9.93
N ASP D 269 -26.09 13.50 9.12
CA ASP D 269 -25.09 14.41 9.62
C ASP D 269 -24.52 15.24 8.45
N GLY D 270 -24.35 16.54 8.71
CA GLY D 270 -23.83 17.46 7.76
C GLY D 270 -24.84 17.64 6.64
N GLY D 271 -24.30 17.96 5.47
CA GLY D 271 -25.08 18.28 4.29
C GLY D 271 -25.14 19.77 3.96
N THR D 272 -25.40 20.04 2.69
CA THR D 272 -25.79 21.33 2.23
C THR D 272 -27.03 21.71 3.01
N LYS D 273 -27.03 22.89 3.62
CA LYS D 273 -28.19 23.38 4.36
C LYS D 273 -29.35 23.62 3.40
N ILE D 274 -30.56 23.39 3.85
CA ILE D 274 -31.71 23.66 3.00
C ILE D 274 -31.72 25.15 2.58
N GLU D 275 -31.43 26.06 3.50
CA GLU D 275 -31.39 27.49 3.17
C GLU D 275 -30.30 27.87 2.18
N ALA D 276 -29.14 27.20 2.26
CA ALA D 276 -28.08 27.43 1.31
C ALA D 276 -28.40 26.92 -0.11
N ALA D 277 -29.19 25.86 -0.18
CA ALA D 277 -29.65 25.32 -1.44
C ALA D 277 -30.64 26.29 -2.06
N ARG D 278 -31.49 26.86 -1.22
CA ARG D 278 -32.44 27.88 -1.66
C ARG D 278 -31.67 29.15 -2.12
N ASP D 279 -30.68 29.65 -1.35
CA ASP D 279 -29.90 30.85 -1.76
C ASP D 279 -28.90 30.61 -2.86
N ALA D 280 -28.69 29.36 -3.22
CA ALA D 280 -27.77 29.03 -4.27
C ALA D 280 -28.19 29.55 -5.66
N VAL D 281 -29.47 29.73 -5.88
CA VAL D 281 -29.92 30.38 -7.08
C VAL D 281 -29.30 31.76 -7.28
N ASN D 282 -28.95 32.45 -6.20
CA ASN D 282 -28.32 33.77 -6.34
C ASN D 282 -26.89 33.79 -6.87
N ALA D 283 -26.12 32.73 -6.67
CA ALA D 283 -24.76 32.70 -7.14
C ALA D 283 -24.67 33.06 -8.63
N ASP D 284 -23.63 33.81 -9.00
CA ASP D 284 -23.31 34.05 -10.42
C ASP D 284 -22.67 32.88 -11.13
N TYR D 285 -22.02 32.00 -10.36
CA TYR D 285 -21.37 30.81 -10.91
C TYR D 285 -21.80 29.50 -10.25
N THR D 286 -21.80 28.47 -11.07
CA THR D 286 -21.86 27.12 -10.60
C THR D 286 -20.82 26.31 -11.36
N ILE D 287 -19.88 25.67 -10.65
CA ILE D 287 -18.93 24.78 -11.29
C ILE D 287 -19.20 23.36 -10.88
N SER D 288 -19.09 22.44 -11.84
CA SER D 288 -19.20 21.02 -11.57
C SER D 288 -17.80 20.46 -11.63
N LEU D 289 -17.42 19.64 -10.67
CA LEU D 289 -16.14 18.96 -10.72
C LEU D 289 -16.11 17.71 -11.59
N GLN D 290 -17.28 17.30 -12.07
CA GLN D 290 -17.42 16.15 -12.95
C GLN D 290 -18.52 16.45 -13.98
N GLU D 291 -18.10 16.78 -15.20
CA GLU D 291 -19.01 17.09 -16.28
C GLU D 291 -20.18 16.13 -16.40
N TYR D 292 -19.89 14.83 -16.38
CA TYR D 292 -20.86 13.86 -16.78
C TYR D 292 -21.91 13.57 -15.73
N CYS D 293 -21.72 14.17 -14.55
CA CYS D 293 -22.68 14.13 -13.43
C CYS D 293 -23.68 15.27 -13.37
N THR D 294 -23.54 16.25 -14.25
CA THR D 294 -24.24 17.49 -14.11
C THR D 294 -24.77 18.18 -15.40
N PRO D 295 -24.76 17.51 -16.60
CA PRO D 295 -25.10 18.37 -17.74
C PRO D 295 -26.49 18.99 -17.63
N LYS D 296 -27.49 18.19 -17.25
CA LYS D 296 -28.84 18.72 -17.04
C LYS D 296 -28.87 19.80 -15.96
N THR D 297 -28.13 19.60 -14.86
CA THR D 297 -28.11 20.52 -13.73
C THR D 297 -27.47 21.85 -14.13
N LEU D 298 -26.35 21.79 -14.87
CA LEU D 298 -25.67 23.01 -15.35
C LEU D 298 -26.51 23.77 -16.33
N GLU D 299 -27.27 23.05 -17.15
CA GLU D 299 -28.20 23.70 -18.08
C GLU D 299 -29.30 24.43 -17.30
N TYR D 300 -29.74 23.81 -16.22
CA TYR D 300 -30.75 24.42 -15.42
C TYR D 300 -30.18 25.67 -14.77
N CYS D 301 -28.99 25.57 -14.18
CA CYS D 301 -28.31 26.74 -13.60
C CYS D 301 -28.10 27.86 -14.61
N GLN D 302 -27.82 27.47 -15.85
CA GLN D 302 -27.67 28.41 -16.95
C GLN D 302 -28.99 29.16 -17.22
N SER D 303 -30.12 28.46 -17.01
CA SER D 303 -31.46 29.04 -17.17
C SER D 303 -31.76 30.15 -16.18
N PHE D 304 -30.98 30.26 -15.11
CA PHE D 304 -31.03 31.42 -14.17
C PHE D 304 -29.83 32.35 -14.38
N GLY D 305 -29.22 32.30 -15.55
CA GLY D 305 -28.11 33.22 -15.87
C GLY D 305 -26.79 32.97 -15.16
N GLN D 306 -26.63 31.80 -14.54
CA GLN D 306 -25.35 31.48 -13.97
C GLN D 306 -24.39 31.13 -15.10
N LYS D 307 -23.15 31.54 -14.90
CA LYS D 307 -22.05 31.07 -15.72
C LYS D 307 -21.58 29.76 -15.13
N THR D 308 -21.22 28.87 -16.02
CA THR D 308 -20.98 27.50 -15.71
C THR D 308 -19.63 27.02 -16.27
N ALA D 309 -18.97 26.15 -15.53
CA ALA D 309 -17.67 25.54 -15.91
C ALA D 309 -17.75 24.10 -15.44
N SER D 310 -17.15 23.19 -16.19
CA SER D 310 -17.10 21.82 -15.72
C SER D 310 -15.72 21.22 -15.88
N PHE D 311 -15.27 20.49 -14.87
CA PHE D 311 -13.95 19.87 -14.86
C PHE D 311 -14.12 18.38 -14.97
N HIS D 312 -13.02 17.65 -15.00
CA HIS D 312 -13.06 16.21 -15.13
C HIS D 312 -12.32 15.55 -13.96
N TYR D 313 -12.90 15.57 -12.76
CA TYR D 313 -12.32 14.87 -11.58
C TYR D 313 -10.87 15.26 -11.36
N PRO D 314 -10.64 16.53 -11.02
CA PRO D 314 -9.28 17.08 -11.16
C PRO D 314 -8.25 16.38 -10.30
N LEU D 315 -7.31 15.73 -10.95
CA LEU D 315 -6.23 14.99 -10.28
C LEU D 315 -4.92 15.49 -10.78
N GLY D 316 -4.00 15.81 -9.87
CA GLY D 316 -2.63 16.12 -10.26
C GLY D 316 -2.34 17.58 -10.30
N ILE D 317 -1.21 17.95 -10.90
CA ILE D 317 -0.77 19.34 -10.86
C ILE D 317 -1.64 20.24 -11.75
N GLY D 318 -1.69 19.94 -13.04
CA GLY D 318 -2.37 20.79 -14.03
C GLY D 318 -3.86 20.97 -13.78
N ALA D 319 -4.55 19.87 -13.53
CA ALA D 319 -5.97 19.93 -13.24
C ALA D 319 -6.25 20.75 -11.99
N THR D 320 -5.47 20.56 -10.93
CA THR D 320 -5.63 21.39 -9.73
C THR D 320 -5.33 22.85 -10.07
N ASP D 321 -4.21 23.11 -10.76
CA ASP D 321 -3.86 24.45 -11.15
C ASP D 321 -5.06 25.08 -11.85
N ASP D 322 -5.65 24.34 -12.78
CA ASP D 322 -6.77 24.90 -13.57
C ASP D 322 -7.95 25.25 -12.68
N LEU D 323 -8.27 24.38 -11.72
CA LEU D 323 -9.34 24.65 -10.78
C LEU D 323 -9.00 25.87 -9.96
N LEU D 324 -7.78 25.98 -9.47
CA LEU D 324 -7.43 27.12 -8.63
C LEU D 324 -7.51 28.41 -9.41
N GLN D 325 -7.02 28.39 -10.65
CA GLN D 325 -7.11 29.59 -11.49
C GLN D 325 -8.53 30.06 -11.73
N LYS D 326 -9.44 29.12 -11.92
CA LYS D 326 -10.84 29.43 -12.16
C LYS D 326 -11.43 30.01 -10.91
N LEU D 327 -11.08 29.43 -9.78
CA LEU D 327 -11.57 29.93 -8.49
C LEU D 327 -11.06 31.34 -8.21
N SER D 328 -9.86 31.62 -8.69
CA SER D 328 -9.21 32.89 -8.46
C SER D 328 -9.86 33.98 -9.35
N GLU D 329 -10.14 33.60 -10.58
CA GLU D 329 -10.89 34.41 -11.54
C GLU D 329 -12.29 34.76 -11.02
N ILE D 330 -13.00 33.77 -10.48
CA ILE D 330 -14.30 34.00 -9.87
C ILE D 330 -14.26 34.86 -8.61
N SER D 331 -13.45 34.49 -7.64
CA SER D 331 -13.37 35.18 -6.36
C SER D 331 -12.60 36.52 -6.36
N GLY D 332 -11.80 36.76 -7.37
CA GLY D 332 -10.86 37.89 -7.36
C GLY D 332 -9.62 37.72 -6.46
N LYS D 333 -9.51 36.60 -5.76
CA LYS D 333 -8.50 36.43 -4.71
C LYS D 333 -7.29 35.68 -5.29
N PRO D 334 -6.07 36.09 -4.91
CA PRO D 334 -4.95 35.35 -5.47
C PRO D 334 -4.83 33.95 -4.82
N VAL D 335 -4.06 33.07 -5.44
CA VAL D 335 -3.71 31.81 -4.79
C VAL D 335 -2.71 32.12 -3.66
N PRO D 336 -2.98 31.64 -2.44
CA PRO D 336 -2.12 32.01 -1.34
C PRO D 336 -0.88 31.17 -1.33
N GLN D 337 0.12 31.70 -0.65
CA GLN D 337 1.46 31.14 -0.69
C GLN D 337 1.51 29.74 -0.10
N GLU D 338 0.64 29.39 0.85
CA GLU D 338 0.66 28.04 1.44
C GLU D 338 0.25 27.02 0.39
N LEU D 339 -0.59 27.41 -0.55
CA LEU D 339 -0.95 26.51 -1.63
C LEU D 339 0.14 26.42 -2.69
N GLU D 340 0.91 27.48 -2.94
CA GLU D 340 2.07 27.34 -3.86
C GLU D 340 3.10 26.40 -3.30
N MET D 341 3.25 26.40 -1.97
CA MET D 341 4.17 25.51 -1.30
C MET D 341 3.74 24.06 -1.45
N GLU D 342 2.46 23.78 -1.21
CA GLU D 342 1.94 22.45 -1.39
C GLU D 342 2.17 22.00 -2.80
N ARG D 343 2.00 22.92 -3.74
CA ARG D 343 2.17 22.62 -5.12
C ARG D 343 3.60 22.30 -5.44
N GLY D 344 4.50 23.14 -4.91
CA GLY D 344 5.92 23.00 -5.17
C GLY D 344 6.46 21.75 -4.55
N ARG D 345 5.87 21.35 -3.43
CA ARG D 345 6.22 20.08 -2.79
C ARG D 345 5.71 18.89 -3.52
N LEU D 346 4.59 18.99 -4.19
CA LEU D 346 4.11 17.88 -5.01
C LEU D 346 5.01 17.69 -6.25
N VAL D 347 5.37 18.81 -6.86
CA VAL D 347 6.32 18.80 -7.96
C VAL D 347 7.64 18.14 -7.52
N ASP D 348 8.06 18.46 -6.32
CA ASP D 348 9.26 17.86 -5.77
C ASP D 348 9.17 16.35 -5.62
N ALA D 349 8.03 15.87 -5.13
CA ALA D 349 7.81 14.43 -5.03
C ALA D 349 7.91 13.77 -6.40
N LEU D 350 7.27 14.40 -7.39
CA LEU D 350 7.20 13.83 -8.73
C LEU D 350 8.56 13.78 -9.33
N ALA D 351 9.36 14.82 -9.11
CA ALA D 351 10.68 14.88 -9.67
C ALA D 351 11.61 13.88 -9.01
N ASP D 352 11.48 13.72 -7.70
CA ASP D 352 12.24 12.71 -6.97
C ASP D 352 11.98 11.25 -7.43
N SER D 353 10.75 11.00 -7.83
CA SER D 353 10.28 9.67 -8.07
C SER D 353 10.02 9.33 -9.54
N GLN D 354 10.26 10.26 -10.45
CA GLN D 354 9.80 10.08 -11.85
C GLN D 354 10.48 8.96 -12.60
N ALA D 355 11.69 8.56 -12.19
CA ALA D 355 12.33 7.40 -12.80
C ALA D 355 11.47 6.15 -12.77
N TYR D 356 10.64 6.01 -11.76
CA TYR D 356 9.79 4.85 -11.65
C TYR D 356 8.46 5.01 -12.36
N LEU D 357 8.10 6.21 -12.77
CA LEU D 357 6.82 6.42 -13.42
C LEU D 357 6.94 6.51 -14.96
N HIS D 358 8.04 7.10 -15.44
CA HIS D 358 8.24 7.35 -16.87
C HIS D 358 8.15 6.07 -17.57
N GLY D 359 7.38 6.03 -18.65
CA GLY D 359 7.24 4.79 -19.44
C GLY D 359 6.24 3.74 -18.97
N LYS D 360 5.71 3.88 -17.76
CA LYS D 360 4.74 2.90 -17.23
C LYS D 360 3.46 2.93 -18.06
N THR D 361 2.83 1.79 -18.25
CA THR D 361 1.64 1.74 -19.06
C THR D 361 0.49 1.29 -18.21
N TYR D 362 -0.68 1.88 -18.46
CA TYR D 362 -1.82 1.74 -17.61
C TYR D 362 -3.05 1.43 -18.39
N ALA D 363 -3.94 0.71 -17.76
CA ALA D 363 -5.31 0.63 -18.16
C ALA D 363 -6.04 1.34 -17.04
N ILE D 364 -7.11 2.04 -17.43
CA ILE D 364 -7.88 2.89 -16.53
C ILE D 364 -9.36 2.78 -16.90
N TYR D 365 -10.20 2.61 -15.89
CA TYR D 365 -11.61 2.55 -16.12
C TYR D 365 -12.39 3.06 -14.94
N GLY D 366 -13.63 3.39 -15.21
CA GLY D 366 -14.55 3.96 -14.25
C GLY D 366 -15.54 4.88 -14.89
N ASP D 367 -16.02 5.84 -14.11
CA ASP D 367 -16.86 6.89 -14.62
C ASP D 367 -16.01 7.74 -15.54
N PRO D 368 -16.65 8.34 -16.55
CA PRO D 368 -15.93 9.11 -17.59
C PRO D 368 -15.00 10.18 -17.04
N ASP D 369 -15.43 10.92 -16.03
CA ASP D 369 -14.61 11.98 -15.46
C ASP D 369 -13.42 11.46 -14.67
N PHE D 370 -13.65 10.45 -13.83
CA PHE D 370 -12.51 9.81 -13.16
C PHE D 370 -11.45 9.41 -14.19
N VAL D 371 -11.89 8.78 -15.28
CA VAL D 371 -10.97 8.22 -16.27
C VAL D 371 -10.19 9.33 -16.98
N TYR D 372 -10.87 10.42 -17.30
CA TYR D 372 -10.20 11.55 -17.90
C TYR D 372 -9.12 12.05 -16.92
N GLY D 373 -9.55 12.33 -15.70
CA GLY D 373 -8.69 12.96 -14.72
C GLY D 373 -7.53 12.06 -14.35
N MET D 374 -7.80 10.77 -14.21
CA MET D 374 -6.72 9.81 -13.96
C MET D 374 -5.74 9.73 -15.12
N ALA D 375 -6.26 9.66 -16.35
CA ALA D 375 -5.40 9.56 -17.53
C ALA D 375 -4.54 10.80 -17.63
N ARG D 376 -5.09 11.94 -17.30
CA ARG D 376 -4.37 13.18 -17.40
C ARG D 376 -3.23 13.17 -16.41
N PHE D 377 -3.51 12.70 -15.19
CA PHE D 377 -2.47 12.65 -14.15
C PHE D 377 -1.33 11.73 -14.59
N ILE D 378 -1.71 10.59 -15.15
CA ILE D 378 -0.77 9.65 -15.66
C ILE D 378 0.19 10.28 -16.68
N LEU D 379 -0.34 11.11 -17.58
CA LEU D 379 0.48 11.77 -18.59
C LEU D 379 1.48 12.77 -18.00
N GLU D 380 1.09 13.48 -16.94
CA GLU D 380 2.02 14.32 -16.18
C GLU D 380 3.23 13.55 -15.66
N THR D 381 3.04 12.27 -15.33
CA THR D 381 4.10 11.41 -14.77
C THR D 381 4.97 10.72 -15.84
N GLY D 382 4.63 10.92 -17.10
CA GLY D 382 5.30 10.26 -18.21
C GLY D 382 4.76 8.88 -18.49
N GLY D 383 3.58 8.59 -17.94
CA GLY D 383 2.94 7.31 -18.12
C GLY D 383 2.08 7.36 -19.32
N GLU D 384 1.62 6.19 -19.76
CA GLU D 384 0.80 6.03 -20.95
C GLU D 384 -0.52 5.39 -20.55
N PRO D 385 -1.61 6.16 -20.60
CA PRO D 385 -2.93 5.59 -20.36
C PRO D 385 -3.46 4.84 -21.59
N LYS D 386 -2.88 3.68 -21.84
CA LYS D 386 -3.08 2.90 -23.06
C LYS D 386 -4.55 2.50 -23.23
N HIS D 387 -5.13 1.85 -22.25
CA HIS D 387 -6.50 1.39 -22.33
C HIS D 387 -7.37 2.18 -21.38
N CYS D 388 -7.99 3.24 -21.87
CA CYS D 388 -8.98 3.96 -21.06
C CYS D 388 -10.37 3.41 -21.40
N LEU D 389 -11.21 3.19 -20.41
CA LEU D 389 -12.50 2.54 -20.65
C LEU D 389 -13.55 3.08 -19.68
N ALA D 390 -14.74 3.39 -20.19
CA ALA D 390 -15.84 3.84 -19.34
C ALA D 390 -17.11 3.27 -19.91
N THR D 391 -17.72 2.37 -19.16
CA THR D 391 -18.93 1.72 -19.60
C THR D 391 -20.02 2.75 -19.85
N ASN D 392 -20.02 3.80 -19.04
CA ASN D 392 -20.97 4.87 -19.14
C ASN D 392 -20.38 6.07 -19.86
N GLY D 393 -19.37 5.82 -20.68
CA GLY D 393 -18.72 6.89 -21.44
C GLY D 393 -19.29 7.05 -22.84
N SER D 394 -19.69 8.27 -23.19
CA SER D 394 -20.26 8.59 -24.52
C SER D 394 -19.20 8.77 -25.61
N LYS D 395 -19.65 8.91 -26.85
CA LYS D 395 -18.74 9.30 -27.94
C LYS D 395 -18.11 10.70 -27.72
N ALA D 396 -18.90 11.64 -27.21
CA ALA D 396 -18.39 12.99 -26.91
C ALA D 396 -17.21 12.90 -25.94
N TRP D 397 -17.32 11.96 -25.00
CA TRP D 397 -16.24 11.61 -24.04
C TRP D 397 -15.02 11.05 -24.75
N GLU D 398 -15.25 10.09 -25.64
CA GLU D 398 -14.12 9.53 -26.43
C GLU D 398 -13.36 10.65 -27.15
N ALA D 399 -14.07 11.63 -27.69
CA ALA D 399 -13.44 12.81 -28.35
C ALA D 399 -12.64 13.63 -27.38
N GLN D 400 -13.21 13.91 -26.22
CA GLN D 400 -12.48 14.62 -25.18
C GLN D 400 -11.23 13.86 -24.72
N MET D 401 -11.34 12.55 -24.59
CA MET D 401 -10.18 11.76 -24.21
C MET D 401 -9.08 11.84 -25.25
N GLN D 402 -9.50 11.78 -26.51
CA GLN D 402 -8.57 11.82 -27.63
C GLN D 402 -7.85 13.17 -27.66
N GLU D 403 -8.55 14.25 -27.32
CA GLU D 403 -7.92 15.57 -27.27
C GLU D 403 -6.85 15.58 -26.16
N LEU D 404 -7.17 14.93 -25.04
CA LEU D 404 -6.23 14.80 -23.93
C LEU D 404 -4.98 14.03 -24.35
N PHE D 405 -5.17 12.87 -24.98
CA PHE D 405 -4.05 12.11 -25.54
C PHE D 405 -3.17 12.94 -26.46
N ASP D 406 -3.80 13.68 -27.35
CA ASP D 406 -3.07 14.44 -28.34
C ASP D 406 -2.30 15.54 -27.68
N SER D 407 -2.70 16.01 -26.51
CA SER D 407 -1.96 17.11 -25.86
C SER D 407 -0.56 16.72 -25.37
N SER D 408 -0.21 15.43 -25.34
CA SER D 408 1.06 14.98 -24.80
C SER D 408 1.67 13.88 -25.65
N PRO D 409 3.02 13.90 -25.82
CA PRO D 409 3.70 12.83 -26.57
C PRO D 409 3.55 11.43 -25.97
N PHE D 410 3.20 11.33 -24.69
CA PHE D 410 2.96 10.03 -24.05
C PHE D 410 1.55 9.52 -24.32
N GLY D 411 0.77 10.26 -25.12
CA GLY D 411 -0.54 9.82 -25.54
C GLY D 411 -0.62 8.99 -26.80
N VAL D 412 0.48 8.88 -27.52
CA VAL D 412 0.46 8.22 -28.82
C VAL D 412 0.07 6.80 -28.51
N GLY D 413 -0.92 6.28 -29.24
CA GLY D 413 -1.38 4.90 -29.12
C GLY D 413 -2.51 4.67 -28.13
N CYS D 414 -2.77 5.65 -27.26
CA CYS D 414 -3.82 5.52 -26.26
C CYS D 414 -5.21 5.62 -26.90
N LYS D 415 -6.13 4.80 -26.41
CA LYS D 415 -7.52 4.73 -26.85
C LYS D 415 -8.47 4.88 -25.67
N ALA D 416 -9.64 5.40 -25.96
CA ALA D 416 -10.71 5.53 -25.02
C ALA D 416 -11.87 4.69 -25.58
N TRP D 417 -12.32 3.73 -24.77
CA TRP D 417 -13.32 2.76 -25.14
C TRP D 417 -14.59 3.10 -24.39
N GLY D 418 -15.51 3.83 -25.02
CA GLY D 418 -16.80 4.23 -24.38
C GLY D 418 -17.86 3.15 -24.52
N GLY D 419 -18.62 2.88 -23.49
CA GLY D 419 -19.66 1.87 -23.61
C GLY D 419 -19.17 0.43 -23.70
N LYS D 420 -17.91 0.17 -23.40
CA LYS D 420 -17.39 -1.18 -23.25
C LYS D 420 -17.32 -1.56 -21.75
N ASP D 421 -17.15 -2.84 -21.42
CA ASP D 421 -17.28 -3.38 -20.05
C ASP D 421 -16.02 -4.11 -19.68
N LEU D 422 -15.99 -4.69 -18.49
CA LEU D 422 -14.73 -5.24 -18.02
C LEU D 422 -14.40 -6.56 -18.64
N TRP D 423 -15.38 -7.25 -19.21
CA TRP D 423 -15.01 -8.38 -20.08
C TRP D 423 -14.23 -7.91 -21.33
N HIS D 424 -14.62 -6.77 -21.89
CA HIS D 424 -13.87 -6.14 -22.98
C HIS D 424 -12.48 -5.80 -22.48
N MET D 425 -12.40 -5.19 -21.29
CA MET D 425 -11.12 -4.77 -20.73
C MET D 425 -10.22 -5.95 -20.53
N ARG D 426 -10.79 -7.09 -20.18
CA ARG D 426 -10.01 -8.32 -20.01
C ARG D 426 -9.26 -8.71 -21.28
N SER D 427 -9.92 -8.55 -22.42
CA SER D 427 -9.30 -8.90 -23.68
C SER D 427 -8.22 -7.88 -24.01
N LEU D 428 -8.41 -6.62 -23.62
CA LEU D 428 -7.34 -5.63 -23.83
C LEU D 428 -6.10 -5.95 -23.02
N LEU D 429 -6.31 -6.36 -21.78
CA LEU D 429 -5.21 -6.60 -20.85
C LEU D 429 -4.46 -7.88 -21.20
N ALA D 430 -5.20 -8.84 -21.75
CA ALA D 430 -4.61 -10.07 -22.26
C ALA D 430 -3.70 -9.92 -23.50
N THR D 431 -4.10 -9.08 -24.43
CA THR D 431 -3.51 -9.00 -25.77
C THR D 431 -2.47 -7.91 -25.90
N GLU D 432 -2.70 -6.81 -25.17
CA GLU D 432 -1.78 -5.68 -25.13
C GLU D 432 -1.49 -5.47 -23.63
N LYS D 433 -0.56 -6.26 -23.06
CA LYS D 433 -0.16 -6.15 -21.63
C LYS D 433 0.13 -4.70 -21.26
N VAL D 434 -0.26 -4.33 -20.05
CA VAL D 434 0.14 -3.06 -19.45
C VAL D 434 0.72 -3.34 -18.07
N ASP D 435 1.41 -2.36 -17.50
CA ASP D 435 2.04 -2.51 -16.20
C ASP D 435 1.00 -2.51 -15.09
N LEU D 436 -0.06 -1.68 -15.18
CA LEU D 436 -0.95 -1.40 -14.05
C LEU D 436 -2.37 -1.12 -14.46
N LEU D 437 -3.31 -1.46 -13.58
CA LEU D 437 -4.73 -1.30 -13.83
C LEU D 437 -5.27 -0.37 -12.75
N ILE D 438 -5.93 0.68 -13.16
CA ILE D 438 -6.49 1.60 -12.20
C ILE D 438 -7.98 1.47 -12.39
N GLY D 439 -8.65 1.10 -11.30
CA GLY D 439 -10.08 0.90 -11.34
C GLY D 439 -10.71 0.79 -9.98
N ASN D 440 -11.60 -0.20 -9.87
CA ASN D 440 -12.41 -0.37 -8.70
C ASN D 440 -12.27 -1.83 -8.29
N SER D 441 -13.03 -2.26 -7.30
CA SER D 441 -12.80 -3.58 -6.72
C SER D 441 -13.11 -4.68 -7.71
N TYR D 442 -14.03 -4.45 -8.65
CA TYR D 442 -14.34 -5.48 -9.69
C TYR D 442 -13.11 -5.81 -10.52
N GLY D 443 -12.17 -4.87 -10.54
CA GLY D 443 -10.93 -5.05 -11.25
C GLY D 443 -10.04 -6.11 -10.67
N LYS D 444 -10.34 -6.61 -9.47
CA LYS D 444 -9.51 -7.68 -8.89
C LYS D 444 -9.61 -8.90 -9.75
N TYR D 445 -10.79 -9.12 -10.34
CA TYR D 445 -11.00 -10.21 -11.26
C TYR D 445 -10.11 -10.12 -12.50
N LEU D 446 -9.88 -8.90 -13.00
CA LEU D 446 -8.89 -8.66 -14.06
C LEU D 446 -7.45 -8.91 -13.62
N GLU D 447 -7.11 -8.56 -12.37
CA GLU D 447 -5.79 -8.91 -11.75
C GLU D 447 -5.62 -10.44 -11.76
N ARG D 448 -6.63 -11.16 -11.29
CA ARG D 448 -6.62 -12.60 -11.33
C ARG D 448 -6.51 -13.13 -12.75
N ASP D 449 -7.38 -12.70 -13.65
CA ASP D 449 -7.41 -13.29 -14.96
C ASP D 449 -6.17 -12.95 -15.83
N THR D 450 -5.48 -11.82 -15.59
CA THR D 450 -4.44 -11.34 -16.53
C THR D 450 -3.14 -10.91 -15.92
N ASP D 451 -2.96 -11.20 -14.64
CA ASP D 451 -1.74 -10.78 -13.94
C ASP D 451 -1.42 -9.27 -14.11
N THR D 452 -2.44 -8.44 -14.10
CA THR D 452 -2.23 -6.99 -14.13
C THR D 452 -2.62 -6.46 -12.75
N PRO D 453 -1.64 -6.04 -11.94
CA PRO D 453 -1.92 -5.50 -10.61
C PRO D 453 -2.91 -4.33 -10.61
N LEU D 454 -3.82 -4.32 -9.64
CA LEU D 454 -4.85 -3.30 -9.51
C LEU D 454 -4.50 -2.22 -8.49
N ILE D 455 -4.85 -0.99 -8.80
CA ILE D 455 -4.78 0.12 -7.90
C ILE D 455 -6.21 0.62 -7.83
N ARG D 456 -6.76 0.76 -6.62
CA ARG D 456 -8.16 1.11 -6.46
C ARG D 456 -8.29 2.60 -6.22
N LEU D 457 -8.80 3.32 -7.22
CA LEU D 457 -9.10 4.75 -7.08
C LEU D 457 -10.48 5.16 -7.60
N MET D 458 -11.39 4.20 -7.66
CA MET D 458 -12.68 4.40 -8.28
C MET D 458 -13.73 3.60 -7.53
N PHE D 459 -14.92 4.17 -7.40
CA PHE D 459 -16.05 3.53 -6.76
C PHE D 459 -16.50 2.30 -7.54
N PRO D 460 -16.81 1.19 -6.89
CA PRO D 460 -16.67 0.98 -5.45
C PRO D 460 -15.36 0.29 -5.06
N ILE D 461 -14.85 0.65 -3.90
CA ILE D 461 -13.79 -0.03 -3.17
C ILE D 461 -14.39 -0.81 -1.98
N PHE D 462 -14.56 -2.12 -2.19
CA PHE D 462 -15.20 -3.03 -1.29
C PHE D 462 -14.23 -3.89 -0.48
N ASP D 463 -13.09 -4.18 -1.08
CA ASP D 463 -12.10 -5.06 -0.49
C ASP D 463 -10.92 -4.31 0.13
N ARG D 464 -11.05 -2.99 0.28
CA ARG D 464 -10.16 -2.23 1.13
C ARG D 464 -10.99 -1.29 1.96
N HIS D 465 -10.45 -0.92 3.12
CA HIS D 465 -11.17 -0.16 4.11
C HIS D 465 -10.60 1.22 4.22
N HIS D 466 -11.51 2.20 4.25
CA HIS D 466 -11.26 3.58 4.61
C HIS D 466 -10.46 4.41 3.66
N HIS D 467 -10.26 3.96 2.42
CA HIS D 467 -9.50 4.75 1.45
C HIS D 467 -10.28 5.99 1.13
N HIS D 468 -11.61 5.88 1.19
CA HIS D 468 -12.45 7.01 0.94
C HIS D 468 -12.23 8.16 1.89
N ARG D 469 -11.64 7.93 3.05
CA ARG D 469 -11.41 9.00 4.06
C ARG D 469 -10.31 10.01 3.69
N PHE D 470 -9.56 9.72 2.63
CA PHE D 470 -8.41 10.50 2.25
C PHE D 470 -8.62 11.06 0.89
N PRO D 471 -8.15 12.30 0.66
CA PRO D 471 -8.39 12.98 -0.60
C PRO D 471 -7.56 12.41 -1.73
N VAL D 472 -8.07 12.60 -2.95
CA VAL D 472 -7.30 12.44 -4.17
C VAL D 472 -7.26 13.73 -4.98
N TRP D 473 -8.18 14.64 -4.72
CA TRP D 473 -8.17 15.96 -5.32
C TRP D 473 -7.16 16.84 -4.63
N GLY D 474 -6.86 17.99 -5.22
CA GLY D 474 -5.94 18.93 -4.62
C GLY D 474 -4.49 18.50 -4.84
N TYR D 475 -3.59 19.37 -4.40
CA TYR D 475 -2.19 19.02 -4.41
C TYR D 475 -1.90 17.91 -3.38
N GLN D 476 -2.47 18.02 -2.17
CA GLN D 476 -2.34 16.99 -1.15
C GLN D 476 -2.82 15.68 -1.70
N GLY D 477 -4.02 15.67 -2.28
CA GLY D 477 -4.54 14.44 -2.86
C GLY D 477 -3.71 13.89 -4.03
N ALA D 478 -3.11 14.76 -4.79
CA ALA D 478 -2.29 14.30 -5.87
C ALA D 478 -1.09 13.58 -5.34
N LEU D 479 -0.55 14.05 -4.23
CA LEU D 479 0.58 13.42 -3.57
C LEU D 479 0.20 12.05 -3.03
N ARG D 480 -1.03 11.90 -2.52
CA ARG D 480 -1.48 10.58 -2.08
C ARG D 480 -1.56 9.63 -3.21
N VAL D 481 -2.12 10.11 -4.32
CA VAL D 481 -2.25 9.24 -5.51
C VAL D 481 -0.87 8.79 -5.92
N LEU D 482 0.06 9.75 -5.93
CA LEU D 482 1.41 9.56 -6.38
C LEU D 482 2.05 8.47 -5.53
N VAL D 483 1.89 8.59 -4.22
CA VAL D 483 2.48 7.65 -3.33
C VAL D 483 1.80 6.29 -3.45
N THR D 484 0.52 6.28 -3.77
CA THR D 484 -0.24 5.04 -3.96
C THR D 484 0.27 4.30 -5.17
N LEU D 485 0.58 5.02 -6.27
CA LEU D 485 1.21 4.41 -7.47
C LEU D 485 2.59 3.87 -7.19
N LEU D 486 3.40 4.69 -6.56
CA LEU D 486 4.78 4.33 -6.30
C LEU D 486 4.82 3.11 -5.41
N ASP D 487 3.98 3.09 -4.39
CA ASP D 487 3.90 1.93 -3.49
C ASP D 487 3.54 0.68 -4.21
N LYS D 488 2.60 0.74 -5.13
CA LYS D 488 2.28 -0.45 -5.89
C LYS D 488 3.49 -0.88 -6.77
N ILE D 489 4.21 0.10 -7.32
CA ILE D 489 5.31 -0.13 -8.24
C ILE D 489 6.51 -0.70 -7.54
N PHE D 490 6.87 -0.08 -6.43
CA PHE D 490 7.96 -0.55 -5.52
C PHE D 490 7.15 -1.58 -4.91
N ASP D 491 7.58 -2.78 -4.70
CA ASP D 491 6.60 -3.68 -4.05
C ASP D 491 6.38 -4.72 -5.08
N LYS D 492 5.97 -4.31 -6.25
CA LYS D 492 6.05 -5.18 -7.40
C LYS D 492 7.54 -5.39 -7.67
N LEU D 493 8.35 -4.34 -7.57
CA LEU D 493 9.81 -4.49 -7.76
C LEU D 493 10.46 -5.41 -6.72
N ASP D 494 10.02 -5.31 -5.46
CA ASP D 494 10.58 -6.17 -4.41
C ASP D 494 10.12 -7.62 -4.66
N ASP D 495 8.84 -7.84 -4.97
CA ASP D 495 8.35 -9.17 -5.36
C ASP D 495 9.10 -9.74 -6.57
N ASP D 496 9.42 -8.94 -7.59
CA ASP D 496 10.23 -9.43 -8.75
C ASP D 496 11.64 -9.85 -8.37
N THR D 497 12.14 -9.41 -7.22
CA THR D 497 13.55 -9.55 -6.87
C THR D 497 13.79 -10.19 -5.48
N ILE D 498 12.85 -10.94 -4.93
CA ILE D 498 12.95 -11.43 -3.54
C ILE D 498 13.43 -12.89 -3.44
N GLN D 499 13.61 -13.55 -4.57
CA GLN D 499 13.95 -14.96 -4.59
C GLN D 499 15.48 -15.15 -4.50
N ALA D 500 15.92 -15.67 -3.37
CA ALA D 500 17.35 -15.67 -3.02
C ALA D 500 18.20 -16.48 -4.01
N GLY D 501 19.32 -15.90 -4.46
CA GLY D 501 20.22 -16.53 -5.41
C GLY D 501 19.76 -16.63 -6.86
N VAL D 502 18.49 -16.31 -7.13
CA VAL D 502 17.94 -16.37 -8.46
C VAL D 502 17.66 -14.95 -8.93
N THR D 503 16.86 -14.18 -8.19
CA THR D 503 16.48 -12.78 -8.61
C THR D 503 16.92 -11.62 -7.67
N ASP D 504 17.47 -11.97 -6.51
CA ASP D 504 17.70 -10.98 -5.48
C ASP D 504 18.98 -10.19 -5.67
N TYR D 505 19.67 -10.42 -6.78
CA TYR D 505 20.72 -9.48 -7.16
C TYR D 505 20.24 -8.03 -7.24
N SER D 506 18.98 -7.85 -7.65
CA SER D 506 18.33 -6.55 -7.78
C SER D 506 17.46 -6.15 -6.57
N PHE D 507 17.61 -6.81 -5.42
CA PHE D 507 16.82 -6.48 -4.20
C PHE D 507 17.47 -5.30 -3.44
N ASP D 508 17.34 -4.11 -4.01
CA ASP D 508 18.03 -2.99 -3.49
C ASP D 508 17.39 -2.50 -2.21
N LEU D 509 18.24 -2.15 -1.26
CA LEU D 509 17.84 -1.55 -0.05
C LEU D 509 17.33 -0.15 -0.33
N THR D 510 18.01 0.61 -1.20
CA THR D 510 17.60 1.99 -1.55
C THR D 510 17.08 2.02 -2.96
N ARG D 511 15.93 2.67 -3.20
CA ARG D 511 15.32 2.74 -4.54
C ARG D 511 15.07 4.18 -5.05
#